data_1RWJ
# 
_entry.id   1RWJ 
# 
_audit_conform.dict_name       mmcif_pdbx.dic 
_audit_conform.dict_version    5.398 
_audit_conform.dict_location   http://mmcif.pdb.org/dictionaries/ascii/mmcif_pdbx.dic 
# 
loop_
_database_2.database_id 
_database_2.database_code 
_database_2.pdbx_database_accession 
_database_2.pdbx_DOI 
PDB   1RWJ         pdb_00001rwj 10.2210/pdb1rwj/pdb 
RCSB  RCSB021096   ?            ?                   
WWPDB D_1000021096 ?            ?                   
# 
loop_
_pdbx_audit_revision_history.ordinal 
_pdbx_audit_revision_history.data_content_type 
_pdbx_audit_revision_history.major_revision 
_pdbx_audit_revision_history.minor_revision 
_pdbx_audit_revision_history.revision_date 
1 'Structure model' 1 0 2004-08-03 
2 'Structure model' 1 1 2008-04-29 
3 'Structure model' 1 2 2011-07-13 
4 'Structure model' 2 0 2021-03-03 
5 'Structure model' 2 1 2024-10-30 
# 
_pdbx_audit_revision_details.ordinal             1 
_pdbx_audit_revision_details.revision_ordinal    1 
_pdbx_audit_revision_details.data_content_type   'Structure model' 
_pdbx_audit_revision_details.provider            repository 
_pdbx_audit_revision_details.type                'Initial release' 
_pdbx_audit_revision_details.description         ? 
_pdbx_audit_revision_details.details             ? 
# 
loop_
_pdbx_audit_revision_group.ordinal 
_pdbx_audit_revision_group.revision_ordinal 
_pdbx_audit_revision_group.data_content_type 
_pdbx_audit_revision_group.group 
1  2 'Structure model' 'Version format compliance' 
2  3 'Structure model' 'Version format compliance' 
3  4 'Structure model' Advisory                    
4  4 'Structure model' 'Atomic model'              
5  4 'Structure model' 'Data collection'           
6  4 'Structure model' 'Derived calculations'      
7  4 'Structure model' 'Non-polymer description'   
8  4 'Structure model' 'Structure summary'         
9  5 'Structure model' Advisory                    
10 5 'Structure model' 'Data collection'           
11 5 'Structure model' 'Database references'       
12 5 'Structure model' 'Structure summary'         
# 
loop_
_pdbx_audit_revision_category.ordinal 
_pdbx_audit_revision_category.revision_ordinal 
_pdbx_audit_revision_category.data_content_type 
_pdbx_audit_revision_category.category 
1  4 'Structure model' atom_site                    
2  4 'Structure model' chem_comp                    
3  4 'Structure model' entity                       
4  4 'Structure model' pdbx_entity_nonpoly          
5  4 'Structure model' pdbx_nonpoly_scheme          
6  4 'Structure model' pdbx_struct_conn_angle       
7  4 'Structure model' pdbx_unobs_or_zero_occ_atoms 
8  4 'Structure model' struct_conn                  
9  4 'Structure model' struct_conn_type             
10 4 'Structure model' struct_site                  
11 4 'Structure model' struct_site_gen              
12 5 'Structure model' chem_comp_atom               
13 5 'Structure model' chem_comp_bond               
14 5 'Structure model' database_2                   
15 5 'Structure model' pdbx_entry_details           
16 5 'Structure model' pdbx_modification_feature    
17 5 'Structure model' pdbx_unobs_or_zero_occ_atoms 
# 
loop_
_pdbx_audit_revision_item.ordinal 
_pdbx_audit_revision_item.revision_ordinal 
_pdbx_audit_revision_item.data_content_type 
_pdbx_audit_revision_item.item 
1  4 'Structure model' '_atom_site.B_iso_or_equiv'                   
2  4 'Structure model' '_atom_site.Cartn_x'                          
3  4 'Structure model' '_atom_site.Cartn_y'                          
4  4 'Structure model' '_atom_site.Cartn_z'                          
5  4 'Structure model' '_atom_site.auth_atom_id'                     
6  4 'Structure model' '_atom_site.auth_comp_id'                     
7  4 'Structure model' '_atom_site.label_atom_id'                    
8  4 'Structure model' '_atom_site.label_comp_id'                    
9  4 'Structure model' '_atom_site.type_symbol'                      
10 4 'Structure model' '_chem_comp.formula'                          
11 4 'Structure model' '_chem_comp.formula_weight'                   
12 4 'Structure model' '_chem_comp.id'                               
13 4 'Structure model' '_chem_comp.name'                             
14 4 'Structure model' '_chem_comp.pdbx_synonyms'                    
15 4 'Structure model' '_entity.formula_weight'                      
16 4 'Structure model' '_entity.pdbx_description'                    
17 4 'Structure model' '_pdbx_entity_nonpoly.comp_id'                
18 4 'Structure model' '_pdbx_entity_nonpoly.name'                   
19 4 'Structure model' '_pdbx_nonpoly_scheme.mon_id'                 
20 4 'Structure model' '_pdbx_nonpoly_scheme.pdb_mon_id'             
21 4 'Structure model' '_pdbx_struct_conn_angle.ptnr1_auth_comp_id'  
22 4 'Structure model' '_pdbx_struct_conn_angle.ptnr1_auth_seq_id'   
23 4 'Structure model' '_pdbx_struct_conn_angle.ptnr1_label_atom_id' 
24 4 'Structure model' '_pdbx_struct_conn_angle.ptnr1_label_comp_id' 
25 4 'Structure model' '_pdbx_struct_conn_angle.ptnr1_label_seq_id'  
26 4 'Structure model' '_pdbx_struct_conn_angle.ptnr2_auth_comp_id'  
27 4 'Structure model' '_pdbx_struct_conn_angle.ptnr2_label_comp_id' 
28 4 'Structure model' '_pdbx_struct_conn_angle.ptnr3_auth_comp_id'  
29 4 'Structure model' '_pdbx_struct_conn_angle.ptnr3_auth_seq_id'   
30 4 'Structure model' '_pdbx_struct_conn_angle.ptnr3_label_atom_id' 
31 4 'Structure model' '_pdbx_struct_conn_angle.ptnr3_label_comp_id' 
32 4 'Structure model' '_pdbx_struct_conn_angle.ptnr3_label_seq_id'  
33 4 'Structure model' '_pdbx_struct_conn_angle.value'               
34 4 'Structure model' '_struct_conn.conn_type_id'                   
35 4 'Structure model' '_struct_conn.id'                             
36 4 'Structure model' '_struct_conn.pdbx_dist_value'                
37 4 'Structure model' '_struct_conn.pdbx_leaving_atom_flag'         
38 4 'Structure model' '_struct_conn.ptnr1_auth_comp_id'             
39 4 'Structure model' '_struct_conn.ptnr1_auth_seq_id'              
40 4 'Structure model' '_struct_conn.ptnr1_label_atom_id'            
41 4 'Structure model' '_struct_conn.ptnr1_label_comp_id'            
42 4 'Structure model' '_struct_conn.ptnr1_label_seq_id'             
43 4 'Structure model' '_struct_conn.ptnr2_auth_comp_id'             
44 4 'Structure model' '_struct_conn.ptnr2_auth_seq_id'              
45 4 'Structure model' '_struct_conn.ptnr2_label_asym_id'            
46 4 'Structure model' '_struct_conn.ptnr2_label_atom_id'            
47 4 'Structure model' '_struct_conn.ptnr2_label_comp_id'            
48 4 'Structure model' '_struct_conn_type.id'                        
49 4 'Structure model' '_struct_site.details'                        
50 4 'Structure model' '_struct_site.pdbx_auth_asym_id'              
51 4 'Structure model' '_struct_site.pdbx_auth_comp_id'              
52 4 'Structure model' '_struct_site.pdbx_auth_seq_id'               
53 4 'Structure model' '_struct_site_gen.auth_comp_id'               
54 4 'Structure model' '_struct_site_gen.label_comp_id'              
55 5 'Structure model' '_database_2.pdbx_DOI'                        
56 5 'Structure model' '_database_2.pdbx_database_accession'         
# 
_pdbx_database_status.status_code                     REL 
_pdbx_database_status.entry_id                        1RWJ 
_pdbx_database_status.recvd_initial_deposition_date   2003-12-16 
_pdbx_database_status.deposit_site                    RCSB 
_pdbx_database_status.process_site                    RCSB 
_pdbx_database_status.status_code_sf                  REL 
_pdbx_database_status.SG_entry                        . 
_pdbx_database_status.pdb_format_compatible           Y 
_pdbx_database_status.status_code_mr                  ? 
_pdbx_database_status.status_code_cs                  ? 
_pdbx_database_status.status_code_nmr_data            ? 
_pdbx_database_status.methods_development_category    ? 
# 
loop_
_pdbx_database_related.db_name 
_pdbx_database_related.db_id 
_pdbx_database_related.details 
_pdbx_database_related.content_type 
PDB 1os6 'CYTOCHROME C7 (PPCA) FROM GEOBACTER SULFURREDUCENS' unspecified 
PDB 1hh5 'CYTOCHROME C7 FROM DESULFUROMONAS ACETOXIDANS'      unspecified 
# 
loop_
_audit_author.name 
_audit_author.pdbx_ordinal 
'Pokkuluri, P.R.' 1 
'Londer, Y.Y.'    2 
'Duke, N.E.C.'    3 
'Erickson, J.'    4 
'Pessanha, M.'    5 
'Salgueiro, C.A.' 6 
'Schiffer, M.'    7 
# 
loop_
_citation.id 
_citation.title 
_citation.journal_abbrev 
_citation.journal_volume 
_citation.page_first 
_citation.page_last 
_citation.year 
_citation.journal_id_ASTM 
_citation.country 
_citation.journal_id_ISSN 
_citation.journal_id_CSD 
_citation.book_publisher 
_citation.pdbx_database_id_PubMed 
_citation.pdbx_database_id_DOI 
primary 'Structure of a novel c7-type three-heme cytochrome domain from a multidomain cytochrome c polymer.'                       
'Protein Sci.' 13 1684 1692 2004 PRCIEI US 0961-8368 0795 ? 15133162 10.1110/ps.04626204 
1       'Family of cytochrome c7-type proteins from Geobacter sulfurreducens: structure of one cytochrome c7 at 1.45 A resolution' 
Biochemistry   43 849  859  2004 BICHAW US 0006-2960 0033 ? 14744127 ?                   
# 
loop_
_citation_author.citation_id 
_citation_author.name 
_citation_author.ordinal 
_citation_author.identifier_ORCID 
primary 'Pokkuluri, P.R.' 1  ? 
primary 'Londer, Y.Y.'    2  ? 
primary 'Duke, N.E.C.'    3  ? 
primary 'Erickson, J.'    4  ? 
primary 'Pessanha, M.'    5  ? 
primary 'Salgueiro, C.A.' 6  ? 
primary 'Schiffer, M.'    7  ? 
1       'Pokkuluri, P.R.' 8  ? 
1       'Londer, Y.Y.'    9  ? 
1       'Duke, N.E.C.'    10 ? 
1       'Long, W.C.'      11 ? 
1       'Schiffer, M.'    12 ? 
# 
loop_
_entity.id 
_entity.type 
_entity.src_method 
_entity.pdbx_description 
_entity.formula_weight 
_entity.pdbx_number_of_molecules 
_entity.pdbx_ec 
_entity.pdbx_mutation 
_entity.pdbx_fragment 
_entity.details 
1 polymer     man 'Cytochrome c family protein' 8856.271 1   ? ? 'Domain C' ? 
2 non-polymer syn 'HEME C'                      618.503  3   ? ? ?          ? 
3 water       nat water                         18.015   106 ? ? ?          ? 
# 
_entity_poly.entity_id                      1 
_entity_poly.type                           'polypeptide(L)' 
_entity_poly.nstd_linkage                   no 
_entity_poly.nstd_monomer                   no 
_entity_poly.pdbx_seq_one_letter_code       
;KGMTPPKTVNFKMKGVADAAFSHEFHLGMYKCNECHTKLFAYKAGAKRFTMADMDKGKSCGACHNGKDAFSSASDCGKCH
PG
;
_entity_poly.pdbx_seq_one_letter_code_can   
;KGMTPPKTVNFKMKGVADAAFSHEFHLGMYKCNECHTKLFAYKAGAKRFTMADMDKGKSCGACHNGKDAFSSASDCGKCH
PG
;
_entity_poly.pdbx_strand_id                 A 
_entity_poly.pdbx_target_identifier         ? 
# 
loop_
_pdbx_entity_nonpoly.entity_id 
_pdbx_entity_nonpoly.name 
_pdbx_entity_nonpoly.comp_id 
2 'HEME C' HEC 
3 water    HOH 
# 
loop_
_entity_poly_seq.entity_id 
_entity_poly_seq.num 
_entity_poly_seq.mon_id 
_entity_poly_seq.hetero 
1 1  LYS n 
1 2  GLY n 
1 3  MET n 
1 4  THR n 
1 5  PRO n 
1 6  PRO n 
1 7  LYS n 
1 8  THR n 
1 9  VAL n 
1 10 ASN n 
1 11 PHE n 
1 12 LYS n 
1 13 MET n 
1 14 LYS n 
1 15 GLY n 
1 16 VAL n 
1 17 ALA n 
1 18 ASP n 
1 19 ALA n 
1 20 ALA n 
1 21 PHE n 
1 22 SER n 
1 23 HIS n 
1 24 GLU n 
1 25 PHE n 
1 26 HIS n 
1 27 LEU n 
1 28 GLY n 
1 29 MET n 
1 30 TYR n 
1 31 LYS n 
1 32 CYS n 
1 33 ASN n 
1 34 GLU n 
1 35 CYS n 
1 36 HIS n 
1 37 THR n 
1 38 LYS n 
1 39 LEU n 
1 40 PHE n 
1 41 ALA n 
1 42 TYR n 
1 43 LYS n 
1 44 ALA n 
1 45 GLY n 
1 46 ALA n 
1 47 LYS n 
1 48 ARG n 
1 49 PHE n 
1 50 THR n 
1 51 MET n 
1 52 ALA n 
1 53 ASP n 
1 54 MET n 
1 55 ASP n 
1 56 LYS n 
1 57 GLY n 
1 58 LYS n 
1 59 SER n 
1 60 CYS n 
1 61 GLY n 
1 62 ALA n 
1 63 CYS n 
1 64 HIS n 
1 65 ASN n 
1 66 GLY n 
1 67 LYS n 
1 68 ASP n 
1 69 ALA n 
1 70 PHE n 
1 71 SER n 
1 72 SER n 
1 73 ALA n 
1 74 SER n 
1 75 ASP n 
1 76 CYS n 
1 77 GLY n 
1 78 LYS n 
1 79 CYS n 
1 80 HIS n 
1 81 PRO n 
1 82 GLY n 
# 
_entity_src_gen.entity_id                          1 
_entity_src_gen.pdbx_src_id                        1 
_entity_src_gen.pdbx_alt_source_flag               sample 
_entity_src_gen.pdbx_seq_type                      ? 
_entity_src_gen.pdbx_beg_seq_num                   ? 
_entity_src_gen.pdbx_end_seq_num                   ? 
_entity_src_gen.gene_src_common_name               ? 
_entity_src_gen.gene_src_genus                     Geobacter 
_entity_src_gen.pdbx_gene_src_gene                 ORF03300 
_entity_src_gen.gene_src_species                   ? 
_entity_src_gen.gene_src_strain                    ? 
_entity_src_gen.gene_src_tissue                    ? 
_entity_src_gen.gene_src_tissue_fraction           ? 
_entity_src_gen.gene_src_details                   ? 
_entity_src_gen.pdbx_gene_src_fragment             ? 
_entity_src_gen.pdbx_gene_src_scientific_name      'Geobacter sulfurreducens' 
_entity_src_gen.pdbx_gene_src_ncbi_taxonomy_id     35554 
_entity_src_gen.pdbx_gene_src_variant              ? 
_entity_src_gen.pdbx_gene_src_cell_line            ? 
_entity_src_gen.pdbx_gene_src_atcc                 ? 
_entity_src_gen.pdbx_gene_src_organ                ? 
_entity_src_gen.pdbx_gene_src_organelle            ? 
_entity_src_gen.pdbx_gene_src_cell                 ? 
_entity_src_gen.pdbx_gene_src_cellular_location    ? 
_entity_src_gen.host_org_common_name               ? 
_entity_src_gen.pdbx_host_org_scientific_name      'Escherichia coli' 
_entity_src_gen.pdbx_host_org_ncbi_taxonomy_id     562 
_entity_src_gen.host_org_genus                     Escherichia 
_entity_src_gen.pdbx_host_org_gene                 ? 
_entity_src_gen.pdbx_host_org_organ                ? 
_entity_src_gen.host_org_species                   ? 
_entity_src_gen.pdbx_host_org_tissue               ? 
_entity_src_gen.pdbx_host_org_tissue_fraction      ? 
_entity_src_gen.pdbx_host_org_strain               ? 
_entity_src_gen.pdbx_host_org_variant              ? 
_entity_src_gen.pdbx_host_org_cell_line            ? 
_entity_src_gen.pdbx_host_org_atcc                 ? 
_entity_src_gen.pdbx_host_org_culture_collection   ? 
_entity_src_gen.pdbx_host_org_cell                 ? 
_entity_src_gen.pdbx_host_org_organelle            ? 
_entity_src_gen.pdbx_host_org_cellular_location    ? 
_entity_src_gen.pdbx_host_org_vector_type          ? 
_entity_src_gen.pdbx_host_org_vector               ? 
_entity_src_gen.host_org_details                   ? 
_entity_src_gen.expression_system_id               ? 
_entity_src_gen.plasmid_name                       ? 
_entity_src_gen.plasmid_details                    ? 
_entity_src_gen.pdbx_description                   ? 
# 
loop_
_chem_comp.id 
_chem_comp.type 
_chem_comp.mon_nstd_flag 
_chem_comp.name 
_chem_comp.pdbx_synonyms 
_chem_comp.formula 
_chem_comp.formula_weight 
ALA 'L-peptide linking' y ALANINE         ? 'C3 H7 N O2'       89.093  
ARG 'L-peptide linking' y ARGININE        ? 'C6 H15 N4 O2 1'   175.209 
ASN 'L-peptide linking' y ASPARAGINE      ? 'C4 H8 N2 O3'      132.118 
ASP 'L-peptide linking' y 'ASPARTIC ACID' ? 'C4 H7 N O4'       133.103 
CYS 'L-peptide linking' y CYSTEINE        ? 'C3 H7 N O2 S'     121.158 
GLU 'L-peptide linking' y 'GLUTAMIC ACID' ? 'C5 H9 N O4'       147.129 
GLY 'peptide linking'   y GLYCINE         ? 'C2 H5 N O2'       75.067  
HEC non-polymer         . 'HEME C'        ? 'C34 H34 Fe N4 O4' 618.503 
HIS 'L-peptide linking' y HISTIDINE       ? 'C6 H10 N3 O2 1'   156.162 
HOH non-polymer         . WATER           ? 'H2 O'             18.015  
LEU 'L-peptide linking' y LEUCINE         ? 'C6 H13 N O2'      131.173 
LYS 'L-peptide linking' y LYSINE          ? 'C6 H15 N2 O2 1'   147.195 
MET 'L-peptide linking' y METHIONINE      ? 'C5 H11 N O2 S'    149.211 
PHE 'L-peptide linking' y PHENYLALANINE   ? 'C9 H11 N O2'      165.189 
PRO 'L-peptide linking' y PROLINE         ? 'C5 H9 N O2'       115.130 
SER 'L-peptide linking' y SERINE          ? 'C3 H7 N O3'       105.093 
THR 'L-peptide linking' y THREONINE       ? 'C4 H9 N O3'       119.119 
TYR 'L-peptide linking' y TYROSINE        ? 'C9 H11 N O3'      181.189 
VAL 'L-peptide linking' y VALINE          ? 'C5 H11 N O2'      117.146 
# 
loop_
_pdbx_poly_seq_scheme.asym_id 
_pdbx_poly_seq_scheme.entity_id 
_pdbx_poly_seq_scheme.seq_id 
_pdbx_poly_seq_scheme.mon_id 
_pdbx_poly_seq_scheme.ndb_seq_num 
_pdbx_poly_seq_scheme.pdb_seq_num 
_pdbx_poly_seq_scheme.auth_seq_num 
_pdbx_poly_seq_scheme.pdb_mon_id 
_pdbx_poly_seq_scheme.auth_mon_id 
_pdbx_poly_seq_scheme.pdb_strand_id 
_pdbx_poly_seq_scheme.pdb_ins_code 
_pdbx_poly_seq_scheme.hetero 
A 1 1  LYS 1  1  1  LYS ALA A . n 
A 1 2  GLY 2  2  2  GLY GLY A . n 
A 1 3  MET 3  3  3  MET MET A . n 
A 1 4  THR 4  4  4  THR THR A . n 
A 1 5  PRO 5  5  5  PRO PRO A . n 
A 1 6  PRO 6  6  6  PRO PRO A . n 
A 1 7  LYS 7  7  7  LYS LYS A . n 
A 1 8  THR 8  8  8  THR THR A . n 
A 1 9  VAL 9  9  9  VAL VAL A . n 
A 1 10 ASN 10 10 10 ASN ASN A . n 
A 1 11 PHE 11 11 11 PHE PHE A . n 
A 1 12 LYS 12 12 12 LYS LYS A . n 
A 1 13 MET 13 13 13 MET MET A . n 
A 1 14 LYS 14 14 14 LYS LYS A . n 
A 1 15 GLY 15 15 15 GLY GLY A . n 
A 1 16 VAL 16 16 16 VAL VAL A . n 
A 1 17 ALA 17 17 17 ALA ALA A . n 
A 1 18 ASP 18 18 18 ASP ASP A . n 
A 1 19 ALA 19 19 19 ALA ALA A . n 
A 1 20 ALA 20 20 20 ALA ALA A . n 
A 1 21 PHE 21 21 21 PHE PHE A . n 
A 1 22 SER 22 22 22 SER SER A . n 
A 1 23 HIS 23 23 23 HIS HIS A . n 
A 1 24 GLU 24 24 24 GLU GLU A . n 
A 1 25 PHE 25 25 25 PHE PHE A . n 
A 1 26 HIS 26 26 26 HIS HIS A . n 
A 1 27 LEU 27 27 27 LEU LEU A . n 
A 1 28 GLY 28 28 28 GLY GLY A . n 
A 1 29 MET 29 29 29 MET MET A . n 
A 1 30 TYR 30 30 30 TYR TYR A . n 
A 1 31 LYS 31 31 31 LYS LYS A . n 
A 1 32 CYS 32 32 32 CYS CYS A . n 
A 1 33 ASN 33 33 33 ASN ASN A . n 
A 1 34 GLU 34 34 34 GLU GLU A . n 
A 1 35 CYS 35 35 35 CYS CYS A . n 
A 1 36 HIS 36 36 36 HIS HIS A . n 
A 1 37 THR 37 37 37 THR THR A . n 
A 1 38 LYS 38 38 38 LYS LYS A . n 
A 1 39 LEU 39 39 39 LEU LEU A . n 
A 1 40 PHE 40 40 40 PHE PHE A . n 
A 1 41 ALA 41 41 41 ALA ALA A . n 
A 1 42 TYR 42 42 42 TYR TYR A . n 
A 1 43 LYS 43 43 43 LYS LYS A . n 
A 1 44 ALA 44 44 44 ALA ALA A . n 
A 1 45 GLY 45 45 45 GLY GLY A . n 
A 1 46 ALA 46 46 46 ALA ALA A . n 
A 1 47 LYS 47 47 47 LYS LYS A . n 
A 1 48 ARG 48 48 48 ARG ARG A . n 
A 1 49 PHE 49 49 49 PHE PHE A . n 
A 1 50 THR 50 50 50 THR THR A . n 
A 1 51 MET 51 51 51 MET MET A . n 
A 1 52 ALA 52 52 52 ALA ALA A . n 
A 1 53 ASP 53 53 53 ASP ASP A . n 
A 1 54 MET 54 54 54 MET MET A . n 
A 1 55 ASP 55 55 55 ASP ASP A . n 
A 1 56 LYS 56 56 56 LYS LYS A . n 
A 1 57 GLY 57 57 57 GLY GLY A . n 
A 1 58 LYS 58 58 58 LYS LYS A . n 
A 1 59 SER 59 59 59 SER SER A . n 
A 1 60 CYS 60 60 60 CYS CYS A . n 
A 1 61 GLY 61 61 61 GLY GLY A . n 
A 1 62 ALA 62 62 62 ALA ALA A . n 
A 1 63 CYS 63 63 63 CYS CYS A . n 
A 1 64 HIS 64 64 64 HIS HIS A . n 
A 1 65 ASN 65 65 65 ASN ASN A . n 
A 1 66 GLY 66 66 66 GLY GLY A . n 
A 1 67 LYS 67 67 67 LYS LYS A . n 
A 1 68 ASP 68 68 68 ASP ASP A . n 
A 1 69 ALA 69 69 69 ALA ALA A . n 
A 1 70 PHE 70 70 70 PHE PHE A . n 
A 1 71 SER 71 71 71 SER SER A . n 
A 1 72 SER 72 72 72 SER SER A . n 
A 1 73 ALA 73 73 73 ALA ALA A . n 
A 1 74 SER 74 74 74 SER SER A . n 
A 1 75 ASP 75 75 75 ASP ASP A . n 
A 1 76 CYS 76 76 76 CYS CYS A . n 
A 1 77 GLY 77 77 77 GLY GLY A . n 
A 1 78 LYS 78 78 78 LYS LYS A . n 
A 1 79 CYS 79 79 79 CYS CYS A . n 
A 1 80 HIS 80 80 80 HIS HIS A . n 
A 1 81 PRO 81 81 81 PRO PRO A . n 
A 1 82 GLY 82 82 ?  ?   ?   A . n 
# 
loop_
_pdbx_nonpoly_scheme.asym_id 
_pdbx_nonpoly_scheme.entity_id 
_pdbx_nonpoly_scheme.mon_id 
_pdbx_nonpoly_scheme.ndb_seq_num 
_pdbx_nonpoly_scheme.pdb_seq_num 
_pdbx_nonpoly_scheme.auth_seq_num 
_pdbx_nonpoly_scheme.pdb_mon_id 
_pdbx_nonpoly_scheme.auth_mon_id 
_pdbx_nonpoly_scheme.pdb_strand_id 
_pdbx_nonpoly_scheme.pdb_ins_code 
B 2 HEC 1   90  90  HEC HEM A . 
C 2 HEC 1   91  91  HEC HEM A . 
D 2 HEC 1   92  92  HEC HEM A . 
E 3 HOH 1   101 101 HOH WAT A . 
E 3 HOH 2   102 102 HOH WAT A . 
E 3 HOH 3   103 103 HOH WAT A . 
E 3 HOH 4   104 104 HOH WAT A . 
E 3 HOH 5   105 105 HOH WAT A . 
E 3 HOH 6   106 106 HOH WAT A . 
E 3 HOH 7   107 107 HOH WAT A . 
E 3 HOH 8   108 108 HOH WAT A . 
E 3 HOH 9   109 109 HOH WAT A . 
E 3 HOH 10  110 110 HOH WAT A . 
E 3 HOH 11  111 111 HOH WAT A . 
E 3 HOH 12  112 112 HOH WAT A . 
E 3 HOH 13  113 113 HOH WAT A . 
E 3 HOH 14  114 114 HOH WAT A . 
E 3 HOH 15  115 115 HOH WAT A . 
E 3 HOH 16  116 116 HOH WAT A . 
E 3 HOH 17  117 117 HOH WAT A . 
E 3 HOH 18  118 118 HOH WAT A . 
E 3 HOH 19  119 119 HOH WAT A . 
E 3 HOH 20  120 120 HOH WAT A . 
E 3 HOH 21  121 121 HOH WAT A . 
E 3 HOH 22  122 122 HOH WAT A . 
E 3 HOH 23  123 123 HOH WAT A . 
E 3 HOH 24  124 124 HOH WAT A . 
E 3 HOH 25  125 125 HOH WAT A . 
E 3 HOH 26  126 126 HOH WAT A . 
E 3 HOH 27  127 127 HOH WAT A . 
E 3 HOH 28  128 128 HOH WAT A . 
E 3 HOH 29  129 129 HOH WAT A . 
E 3 HOH 30  130 130 HOH WAT A . 
E 3 HOH 31  131 131 HOH WAT A . 
E 3 HOH 32  132 132 HOH WAT A . 
E 3 HOH 33  133 133 HOH WAT A . 
E 3 HOH 34  134 134 HOH WAT A . 
E 3 HOH 35  135 135 HOH WAT A . 
E 3 HOH 36  136 136 HOH WAT A . 
E 3 HOH 37  137 137 HOH WAT A . 
E 3 HOH 38  138 138 HOH WAT A . 
E 3 HOH 39  139 139 HOH WAT A . 
E 3 HOH 40  140 140 HOH WAT A . 
E 3 HOH 41  141 141 HOH WAT A . 
E 3 HOH 42  142 142 HOH WAT A . 
E 3 HOH 43  143 143 HOH WAT A . 
E 3 HOH 44  144 144 HOH WAT A . 
E 3 HOH 45  145 145 HOH WAT A . 
E 3 HOH 46  146 146 HOH WAT A . 
E 3 HOH 47  147 147 HOH WAT A . 
E 3 HOH 48  148 148 HOH WAT A . 
E 3 HOH 49  149 149 HOH WAT A . 
E 3 HOH 50  150 150 HOH WAT A . 
E 3 HOH 51  151 151 HOH WAT A . 
E 3 HOH 52  152 152 HOH WAT A . 
E 3 HOH 53  153 153 HOH WAT A . 
E 3 HOH 54  154 154 HOH WAT A . 
E 3 HOH 55  155 155 HOH WAT A . 
E 3 HOH 56  156 156 HOH WAT A . 
E 3 HOH 57  157 157 HOH WAT A . 
E 3 HOH 58  158 158 HOH WAT A . 
E 3 HOH 59  159 159 HOH WAT A . 
E 3 HOH 60  160 160 HOH WAT A . 
E 3 HOH 61  161 161 HOH WAT A . 
E 3 HOH 62  162 162 HOH WAT A . 
E 3 HOH 63  163 163 HOH WAT A . 
E 3 HOH 64  164 164 HOH WAT A . 
E 3 HOH 65  165 165 HOH WAT A . 
E 3 HOH 66  166 166 HOH WAT A . 
E 3 HOH 67  167 167 HOH WAT A . 
E 3 HOH 68  168 168 HOH WAT A . 
E 3 HOH 69  169 169 HOH WAT A . 
E 3 HOH 70  170 170 HOH WAT A . 
E 3 HOH 71  171 171 HOH WAT A . 
E 3 HOH 72  172 172 HOH WAT A . 
E 3 HOH 73  173 173 HOH WAT A . 
E 3 HOH 74  174 174 HOH WAT A . 
E 3 HOH 75  175 175 HOH WAT A . 
E 3 HOH 76  176 176 HOH WAT A . 
E 3 HOH 77  177 177 HOH WAT A . 
E 3 HOH 78  178 178 HOH WAT A . 
E 3 HOH 79  179 179 HOH WAT A . 
E 3 HOH 80  180 180 HOH WAT A . 
E 3 HOH 81  181 181 HOH WAT A . 
E 3 HOH 82  182 182 HOH WAT A . 
E 3 HOH 83  183 183 HOH WAT A . 
E 3 HOH 84  184 184 HOH WAT A . 
E 3 HOH 85  185 185 HOH WAT A . 
E 3 HOH 86  186 186 HOH WAT A . 
E 3 HOH 87  187 187 HOH WAT A . 
E 3 HOH 88  188 188 HOH WAT A . 
E 3 HOH 89  189 189 HOH WAT A . 
E 3 HOH 90  190 190 HOH WAT A . 
E 3 HOH 91  191 191 HOH WAT A . 
E 3 HOH 92  192 192 HOH WAT A . 
E 3 HOH 93  193 193 HOH WAT A . 
E 3 HOH 94  194 194 HOH WAT A . 
E 3 HOH 95  195 195 HOH WAT A . 
E 3 HOH 96  196 196 HOH WAT A . 
E 3 HOH 97  197 197 HOH WAT A . 
E 3 HOH 98  198 198 HOH WAT A . 
E 3 HOH 99  199 199 HOH WAT A . 
E 3 HOH 100 200 200 HOH WAT A . 
E 3 HOH 101 201 201 HOH WAT A . 
E 3 HOH 102 202 202 HOH WAT A . 
E 3 HOH 103 203 203 HOH WAT A . 
E 3 HOH 104 204 204 HOH WAT A . 
E 3 HOH 105 205 205 HOH WAT A . 
E 3 HOH 106 206 206 HOH WAT A . 
# 
loop_
_pdbx_unobs_or_zero_occ_atoms.id 
_pdbx_unobs_or_zero_occ_atoms.PDB_model_num 
_pdbx_unobs_or_zero_occ_atoms.polymer_flag 
_pdbx_unobs_or_zero_occ_atoms.occupancy_flag 
_pdbx_unobs_or_zero_occ_atoms.auth_asym_id 
_pdbx_unobs_or_zero_occ_atoms.auth_comp_id 
_pdbx_unobs_or_zero_occ_atoms.auth_seq_id 
_pdbx_unobs_or_zero_occ_atoms.PDB_ins_code 
_pdbx_unobs_or_zero_occ_atoms.auth_atom_id 
_pdbx_unobs_or_zero_occ_atoms.label_alt_id 
_pdbx_unobs_or_zero_occ_atoms.label_asym_id 
_pdbx_unobs_or_zero_occ_atoms.label_comp_id 
_pdbx_unobs_or_zero_occ_atoms.label_seq_id 
_pdbx_unobs_or_zero_occ_atoms.label_atom_id 
1  1 Y 1 A LYS 1  ? CG ? A LYS 1  CG 
2  1 Y 1 A LYS 1  ? CD ? A LYS 1  CD 
3  1 Y 1 A LYS 1  ? CE ? A LYS 1  CE 
4  1 Y 1 A LYS 1  ? NZ ? A LYS 1  NZ 
5  1 Y 0 A LYS 7  ? NZ ? A LYS 7  NZ 
6  1 Y 0 A LYS 12 ? CD ? A LYS 12 CD 
7  1 Y 0 A LYS 12 ? CE ? A LYS 12 CE 
8  1 Y 0 A LYS 12 ? NZ ? A LYS 12 NZ 
9  1 Y 0 A LYS 31 ? CE ? A LYS 31 CE 
10 1 Y 0 A LYS 31 ? NZ ? A LYS 31 NZ 
11 1 Y 0 A LYS 38 ? CG ? A LYS 38 CG 
12 1 Y 0 A LYS 38 ? CD ? A LYS 38 CD 
13 1 Y 0 A LYS 38 ? CE ? A LYS 38 CE 
14 1 Y 0 A LYS 38 ? NZ ? A LYS 38 NZ 
15 1 Y 0 A LYS 43 ? CD ? A LYS 43 CD 
16 1 Y 0 A LYS 43 ? CE ? A LYS 43 CE 
17 1 Y 0 A LYS 43 ? NZ ? A LYS 43 NZ 
18 1 Y 0 A LYS 56 ? CE ? A LYS 56 CE 
19 1 Y 0 A LYS 56 ? NZ ? A LYS 56 NZ 
# 
loop_
_software.name 
_software.classification 
_software.version 
_software.citation_id 
_software.pdbx_ordinal 
CNS       refinement       1.1 ? 1 
HKL-2000  'data reduction' .   ? 2 
SCALEPACK 'data scaling'   .   ? 3 
CNS       phasing          1.1 ? 4 
# 
_cell.entry_id           1RWJ 
_cell.length_a           43.800 
_cell.length_b           43.800 
_cell.length_c           123.800 
_cell.angle_alpha        90.00 
_cell.angle_beta         90.00 
_cell.angle_gamma        90.00 
_cell.Z_PDB              8 
_cell.pdbx_unique_axis   ? 
# 
_symmetry.entry_id                         1RWJ 
_symmetry.space_group_name_H-M             'P 41 21 2' 
_symmetry.pdbx_full_space_group_name_H-M   ? 
_symmetry.cell_setting                     ? 
_symmetry.Int_Tables_number                92 
_symmetry.space_group_name_Hall            ? 
# 
_exptl.entry_id          1RWJ 
_exptl.method            'X-RAY DIFFRACTION' 
_exptl.crystals_number   1 
# 
_exptl_crystal.id                    1 
_exptl_crystal.density_meas          ? 
_exptl_crystal.density_percent_sol   63.29 
_exptl_crystal.description           ? 
_exptl_crystal.density_Matthews      3.35 
_exptl_crystal.F_000                 ? 
_exptl_crystal.preparation           ? 
# 
_exptl_crystal_grow.crystal_id      1 
_exptl_crystal_grow.method          'VAPOR DIFFUSION, HANGING DROP' 
_exptl_crystal_grow.temp            298 
_exptl_crystal_grow.temp_details    ? 
_exptl_crystal_grow.pH              7 
_exptl_crystal_grow.pdbx_details    '2.4 M sodium malonate, pH 7, VAPOR DIFFUSION, HANGING DROP, temperature 298K' 
_exptl_crystal_grow.pdbx_pH_range   . 
# 
_diffrn.id                     1 
_diffrn.ambient_temp           100 
_diffrn.ambient_temp_details   ? 
_diffrn.crystal_id             1 
# 
_diffrn_detector.diffrn_id              1 
_diffrn_detector.detector               CCD 
_diffrn_detector.type                   CUSTOM-MADE 
_diffrn_detector.pdbx_collection_date   2002-12-19 
_diffrn_detector.details                ? 
# 
_diffrn_radiation.diffrn_id                        1 
_diffrn_radiation.wavelength_id                    1 
_diffrn_radiation.pdbx_monochromatic_or_laue_m_l   M 
_diffrn_radiation.monochromator                    ? 
_diffrn_radiation.pdbx_diffrn_protocol             MAD 
_diffrn_radiation.pdbx_scattering_type             x-ray 
# 
loop_
_diffrn_radiation_wavelength.id 
_diffrn_radiation_wavelength.wavelength 
_diffrn_radiation_wavelength.wt 
1 1.03320 1.0 
2 1.73769 1.0 
3 1.74044 1.0 
4 1.69031 1.0 
5 1.78780 1.0 
# 
_diffrn_source.diffrn_id                   1 
_diffrn_source.source                      SYNCHROTRON 
_diffrn_source.type                        'APS BEAMLINE 19-ID' 
_diffrn_source.pdbx_synchrotron_site       APS 
_diffrn_source.pdbx_synchrotron_beamline   19-ID 
_diffrn_source.pdbx_wavelength             ? 
_diffrn_source.pdbx_wavelength_list        '1.03320, 1.73769, 1.74044, 1.69031, 1.78780' 
# 
_reflns.entry_id                     1RWJ 
_reflns.observed_criterion_sigma_I   -3 
_reflns.observed_criterion_sigma_F   1 
_reflns.d_resolution_low             99 
_reflns.d_resolution_high            1.7 
_reflns.number_obs                   25221 
_reflns.number_all                   25160 
_reflns.percent_possible_obs         99 
_reflns.pdbx_Rmerge_I_obs            0.05 
_reflns.pdbx_Rsym_value              ? 
_reflns.pdbx_netI_over_sigmaI        61 
_reflns.B_iso_Wilson_estimate        14.6 
_reflns.pdbx_redundancy              10 
_reflns.R_free_details               ? 
_reflns.limit_h_max                  ? 
_reflns.limit_h_min                  ? 
_reflns.limit_k_max                  ? 
_reflns.limit_k_min                  ? 
_reflns.limit_l_max                  ? 
_reflns.limit_l_min                  ? 
_reflns.observed_criterion_F_max     ? 
_reflns.observed_criterion_F_min     ? 
_reflns.pdbx_chi_squared             ? 
_reflns.pdbx_scaling_rejects         ? 
_reflns.pdbx_diffrn_id               1 
_reflns.pdbx_ordinal                 1 
# 
_reflns_shell.d_res_high             1.70 
_reflns_shell.d_res_low              1.76 
_reflns_shell.percent_possible_all   100 
_reflns_shell.Rmerge_I_obs           0.274 
_reflns_shell.pdbx_Rsym_value        ? 
_reflns_shell.meanI_over_sigI_obs    13 
_reflns_shell.pdbx_redundancy        11 
_reflns_shell.percent_possible_obs   ? 
_reflns_shell.number_unique_all      1362 
_reflns_shell.number_measured_all    ? 
_reflns_shell.number_measured_obs    ? 
_reflns_shell.number_unique_obs      ? 
_reflns_shell.pdbx_chi_squared       ? 
_reflns_shell.pdbx_diffrn_id         ? 
_reflns_shell.pdbx_ordinal           1 
# 
_refine.entry_id                                 1RWJ 
_refine.ls_number_reflns_obs                     24246 
_refine.ls_number_reflns_all                     ? 
_refine.pdbx_ls_sigma_I                          ? 
_refine.pdbx_ls_sigma_F                          0.0 
_refine.pdbx_data_cutoff_high_absF               906569.48 
_refine.pdbx_data_cutoff_low_absF                0.000000 
_refine.pdbx_data_cutoff_high_rms_absF           906569.48 
_refine.ls_d_res_low                             25.28 
_refine.ls_d_res_high                            1.70 
_refine.ls_percent_reflns_obs                    95.7 
_refine.ls_R_factor_obs                          0.195 
_refine.ls_R_factor_all                          ? 
_refine.ls_R_factor_R_work                       0.195 
_refine.ls_R_factor_R_free                       0.218 
_refine.ls_R_factor_R_free_error                 0.005 
_refine.ls_R_factor_R_free_error_details         ? 
_refine.ls_percent_reflns_R_free                 9.3 
_refine.ls_number_reflns_R_free                  2266 
_refine.ls_number_parameters                     ? 
_refine.ls_number_restraints                     ? 
_refine.occupancy_min                            ? 
_refine.occupancy_max                            ? 
_refine.correlation_coeff_Fo_to_Fc               ? 
_refine.correlation_coeff_Fo_to_Fc_free          ? 
_refine.B_iso_mean                               25.4 
_refine.aniso_B[1][1]                            5.45 
_refine.aniso_B[2][2]                            5.45 
_refine.aniso_B[3][3]                            -10.91 
_refine.aniso_B[1][2]                            0.00 
_refine.aniso_B[1][3]                            0.00 
_refine.aniso_B[2][3]                            0.00 
_refine.solvent_model_details                    'FLAT MODEL' 
_refine.solvent_model_param_ksol                 0.40002 
_refine.solvent_model_param_bsol                 64.5578 
_refine.pdbx_solvent_vdw_probe_radii             ? 
_refine.pdbx_solvent_ion_probe_radii             ? 
_refine.pdbx_solvent_shrinkage_radii             ? 
_refine.pdbx_ls_cross_valid_method               THROUGHOUT 
_refine.details                                  ? 
_refine.pdbx_starting_model                      ? 
_refine.pdbx_method_to_determine_struct          MAD 
_refine.pdbx_isotropic_thermal_model             RESTRAINED 
_refine.pdbx_stereochemistry_target_values       'Engh & Huber' 
_refine.pdbx_stereochem_target_val_spec_case     ? 
_refine.pdbx_R_Free_selection_details            RANDOM 
_refine.pdbx_overall_ESU_R                       ? 
_refine.pdbx_overall_ESU_R_Free                  ? 
_refine.overall_SU_ML                            ? 
_refine.overall_SU_B                             ? 
_refine.ls_redundancy_reflns_obs                 ? 
_refine.B_iso_min                                ? 
_refine.B_iso_max                                ? 
_refine.overall_SU_R_Cruickshank_DPI             ? 
_refine.overall_SU_R_free                        ? 
_refine.ls_wR_factor_R_free                      ? 
_refine.ls_wR_factor_R_work                      ? 
_refine.overall_FOM_free_R_set                   ? 
_refine.overall_FOM_work_R_set                   ? 
_refine.pdbx_refine_id                           'X-RAY DIFFRACTION' 
_refine.pdbx_diffrn_id                           1 
_refine.pdbx_TLS_residual_ADP_flag               ? 
_refine.pdbx_overall_phase_error                 ? 
_refine.pdbx_overall_SU_R_free_Cruickshank_DPI   ? 
_refine.pdbx_overall_SU_R_Blow_DPI               ? 
_refine.pdbx_overall_SU_R_free_Blow_DPI          ? 
# 
_refine_analyze.entry_id                        1RWJ 
_refine_analyze.Luzzati_coordinate_error_obs    0.19 
_refine_analyze.Luzzati_sigma_a_obs             0.14 
_refine_analyze.Luzzati_d_res_low_obs           5.00 
_refine_analyze.Luzzati_coordinate_error_free   0.22 
_refine_analyze.Luzzati_sigma_a_free            0.13 
_refine_analyze.Luzzati_d_res_low_free          ? 
_refine_analyze.number_disordered_residues      ? 
_refine_analyze.occupancy_sum_hydrogen          ? 
_refine_analyze.occupancy_sum_non_hydrogen      ? 
_refine_analyze.pdbx_Luzzati_d_res_high_obs     ? 
_refine_analyze.pdbx_refine_id                  'X-RAY DIFFRACTION' 
# 
_refine_hist.pdbx_refine_id                   'X-RAY DIFFRACTION' 
_refine_hist.cycle_id                         LAST 
_refine_hist.pdbx_number_atoms_protein        604 
_refine_hist.pdbx_number_atoms_nucleic_acid   0 
_refine_hist.pdbx_number_atoms_ligand         129 
_refine_hist.number_atoms_solvent             106 
_refine_hist.number_atoms_total               839 
_refine_hist.d_res_high                       1.70 
_refine_hist.d_res_low                        25.28 
# 
loop_
_refine_ls_restr.type 
_refine_ls_restr.dev_ideal 
_refine_ls_restr.dev_ideal_target 
_refine_ls_restr.weight 
_refine_ls_restr.number 
_refine_ls_restr.pdbx_refine_id 
_refine_ls_restr.pdbx_restraint_function 
c_bond_d           0.008 ?    ? ? 'X-RAY DIFFRACTION' ? 
c_angle_deg        3.6   ?    ? ? 'X-RAY DIFFRACTION' ? 
c_dihedral_angle_d 25.0  ?    ? ? 'X-RAY DIFFRACTION' ? 
c_improper_angle_d 1.53  ?    ? ? 'X-RAY DIFFRACTION' ? 
c_mcbond_it        1.26  1.50 ? ? 'X-RAY DIFFRACTION' ? 
c_mcangle_it       1.86  2.00 ? ? 'X-RAY DIFFRACTION' ? 
c_scbond_it        1.83  2.00 ? ? 'X-RAY DIFFRACTION' ? 
c_scangle_it       2.59  2.50 ? ? 'X-RAY DIFFRACTION' ? 
# 
_refine_ls_shell.pdbx_total_number_of_bins_used   6 
_refine_ls_shell.d_res_high                       1.70 
_refine_ls_shell.d_res_low                        1.81 
_refine_ls_shell.number_reflns_R_work             3466 
_refine_ls_shell.R_factor_R_work                  0.241 
_refine_ls_shell.percent_reflns_obs               89.9 
_refine_ls_shell.R_factor_R_free                  0.256 
_refine_ls_shell.R_factor_R_free_error            0.014 
_refine_ls_shell.percent_reflns_R_free            8.5 
_refine_ls_shell.number_reflns_R_free             321 
_refine_ls_shell.number_reflns_obs                3466 
_refine_ls_shell.redundancy_reflns_obs            ? 
_refine_ls_shell.number_reflns_all                ? 
_refine_ls_shell.pdbx_refine_id                   'X-RAY DIFFRACTION' 
_refine_ls_shell.R_factor_all                     ? 
# 
loop_
_pdbx_xplor_file.serial_no 
_pdbx_xplor_file.param_file 
_pdbx_xplor_file.topol_file 
_pdbx_xplor_file.pdbx_refine_id 
1 PROTEIN_REP.PARAM PROTEIN.TOP   'X-RAY DIFFRACTION' 
2 WATER_REP.PARAM   WATER_REP.TOP 'X-RAY DIFFRACTION' 
3 HEM.PARAM         HEM.TOP       'X-RAY DIFFRACTION' 
4 CIS_PEPTIDE.PARAM ?             'X-RAY DIFFRACTION' 
# 
_struct.entry_id                  1RWJ 
_struct.title                     'c7-type three-heme cytochrome domain' 
_struct.pdbx_model_details        ? 
_struct.pdbx_CASP_flag            ? 
_struct.pdbx_model_type_details   ? 
# 
_struct_keywords.entry_id        1RWJ 
_struct_keywords.pdbx_keywords   'ELECTRON TRANSPORT' 
_struct_keywords.text            
;multiheme cytochrome c, cytochrome c7, Geobacter sulfurreducens, Geobacter metallireducens, heme coordination in c-type cytochromes, ELECTRON TRANSPORT
;
# 
loop_
_struct_asym.id 
_struct_asym.pdbx_blank_PDB_chainid_flag 
_struct_asym.pdbx_modified 
_struct_asym.entity_id 
_struct_asym.details 
A N N 1 ? 
B N N 2 ? 
C N N 2 ? 
D N N 2 ? 
E N N 3 ? 
# 
_struct_ref.id                         1 
_struct_ref.db_name                    UNP 
_struct_ref.db_code                    Q74BP5_GEOSL 
_struct_ref.entity_id                  1 
_struct_ref.pdbx_seq_one_letter_code   
;KGMTPPKTVNFKMKGVADAAFSHEFHLGMYKCNECHTKLFAYKAGAKRFTMADMDKGKSCGACHNGKDAFSSASDCGKCH
PG
;
_struct_ref.pdbx_align_begin           184 
_struct_ref.pdbx_db_accession          Q74BP5 
_struct_ref.pdbx_db_isoform            ? 
# 
_struct_ref_seq.align_id                      1 
_struct_ref_seq.ref_id                        1 
_struct_ref_seq.pdbx_PDB_id_code              1RWJ 
_struct_ref_seq.pdbx_strand_id                A 
_struct_ref_seq.seq_align_beg                 1 
_struct_ref_seq.pdbx_seq_align_beg_ins_code   ? 
_struct_ref_seq.seq_align_end                 82 
_struct_ref_seq.pdbx_seq_align_end_ins_code   ? 
_struct_ref_seq.pdbx_db_accession             Q74BP5 
_struct_ref_seq.db_align_beg                  184 
_struct_ref_seq.pdbx_db_align_beg_ins_code    ? 
_struct_ref_seq.db_align_end                  265 
_struct_ref_seq.pdbx_db_align_end_ins_code    ? 
_struct_ref_seq.pdbx_auth_seq_align_beg       1 
_struct_ref_seq.pdbx_auth_seq_align_end       82 
# 
_pdbx_struct_assembly.id                   1 
_pdbx_struct_assembly.details              author_defined_assembly 
_pdbx_struct_assembly.method_details       ? 
_pdbx_struct_assembly.oligomeric_details   monomeric 
_pdbx_struct_assembly.oligomeric_count     1 
# 
_pdbx_struct_assembly_gen.assembly_id       1 
_pdbx_struct_assembly_gen.oper_expression   1 
_pdbx_struct_assembly_gen.asym_id_list      A,B,C,D,E 
# 
_pdbx_struct_oper_list.id                   1 
_pdbx_struct_oper_list.type                 'identity operation' 
_pdbx_struct_oper_list.name                 1_555 
_pdbx_struct_oper_list.symmetry_operation   x,y,z 
_pdbx_struct_oper_list.matrix[1][1]         1.0000000000 
_pdbx_struct_oper_list.matrix[1][2]         0.0000000000 
_pdbx_struct_oper_list.matrix[1][3]         0.0000000000 
_pdbx_struct_oper_list.vector[1]            0.0000000000 
_pdbx_struct_oper_list.matrix[2][1]         0.0000000000 
_pdbx_struct_oper_list.matrix[2][2]         1.0000000000 
_pdbx_struct_oper_list.matrix[2][3]         0.0000000000 
_pdbx_struct_oper_list.vector[2]            0.0000000000 
_pdbx_struct_oper_list.matrix[3][1]         0.0000000000 
_pdbx_struct_oper_list.matrix[3][2]         0.0000000000 
_pdbx_struct_oper_list.matrix[3][3]         1.0000000000 
_pdbx_struct_oper_list.vector[3]            0.0000000000 
# 
loop_
_struct_conf.conf_type_id 
_struct_conf.id 
_struct_conf.pdbx_PDB_helix_id 
_struct_conf.beg_label_comp_id 
_struct_conf.beg_label_asym_id 
_struct_conf.beg_label_seq_id 
_struct_conf.pdbx_beg_PDB_ins_code 
_struct_conf.end_label_comp_id 
_struct_conf.end_label_asym_id 
_struct_conf.end_label_seq_id 
_struct_conf.pdbx_end_PDB_ins_code 
_struct_conf.beg_auth_comp_id 
_struct_conf.beg_auth_asym_id 
_struct_conf.beg_auth_seq_id 
_struct_conf.end_auth_comp_id 
_struct_conf.end_auth_asym_id 
_struct_conf.end_auth_seq_id 
_struct_conf.pdbx_PDB_helix_class 
_struct_conf.details 
_struct_conf.pdbx_PDB_helix_length 
HELX_P HELX_P1 1 HIS A 23 ? LEU A 27 ? HIS A 23 LEU A 27 1 ? 5 
HELX_P HELX_P2 2 LYS A 31 ? CYS A 35 ? LYS A 31 CYS A 35 5 ? 5 
HELX_P HELX_P3 3 THR A 50 ? LYS A 56 ? THR A 50 LYS A 56 1 ? 7 
HELX_P HELX_P4 4 GLY A 57 ? GLY A 57 ? GLY A 57 GLY A 57 5 ? 1 
HELX_P HELX_P5 5 LYS A 58 ? CYS A 63 ? LYS A 58 CYS A 63 5 ? 6 
HELX_P HELX_P6 6 ASP A 75 ? HIS A 80 ? ASP A 75 HIS A 80 1 ? 6 
# 
_struct_conf_type.id          HELX_P 
_struct_conf_type.criteria    ? 
_struct_conf_type.reference   ? 
# 
loop_
_struct_conn.id 
_struct_conn.conn_type_id 
_struct_conn.pdbx_leaving_atom_flag 
_struct_conn.pdbx_PDB_id 
_struct_conn.ptnr1_label_asym_id 
_struct_conn.ptnr1_label_comp_id 
_struct_conn.ptnr1_label_seq_id 
_struct_conn.ptnr1_label_atom_id 
_struct_conn.pdbx_ptnr1_label_alt_id 
_struct_conn.pdbx_ptnr1_PDB_ins_code 
_struct_conn.pdbx_ptnr1_standard_comp_id 
_struct_conn.ptnr1_symmetry 
_struct_conn.ptnr2_label_asym_id 
_struct_conn.ptnr2_label_comp_id 
_struct_conn.ptnr2_label_seq_id 
_struct_conn.ptnr2_label_atom_id 
_struct_conn.pdbx_ptnr2_label_alt_id 
_struct_conn.pdbx_ptnr2_PDB_ins_code 
_struct_conn.ptnr1_auth_asym_id 
_struct_conn.ptnr1_auth_comp_id 
_struct_conn.ptnr1_auth_seq_id 
_struct_conn.ptnr2_auth_asym_id 
_struct_conn.ptnr2_auth_comp_id 
_struct_conn.ptnr2_auth_seq_id 
_struct_conn.ptnr2_symmetry 
_struct_conn.pdbx_ptnr3_label_atom_id 
_struct_conn.pdbx_ptnr3_label_seq_id 
_struct_conn.pdbx_ptnr3_label_comp_id 
_struct_conn.pdbx_ptnr3_label_asym_id 
_struct_conn.pdbx_ptnr3_label_alt_id 
_struct_conn.pdbx_ptnr3_PDB_ins_code 
_struct_conn.details 
_struct_conn.pdbx_dist_value 
_struct_conn.pdbx_value_order 
_struct_conn.pdbx_role 
covale1 covale none ? A CYS 32 SG  ? ? ? 1_555 B HEC . CAB ? ? A CYS 32 A HEC 90 1_555 ? ? ? ? ? ? ? 1.814 ? ? 
covale2 covale none ? A CYS 35 SG  ? ? ? 1_555 B HEC . CAC ? ? A CYS 35 A HEC 90 1_555 ? ? ? ? ? ? ? 1.817 ? ? 
covale3 covale none ? A CYS 60 SG  ? ? ? 1_555 C HEC . CAB ? ? A CYS 60 A HEC 91 1_555 ? ? ? ? ? ? ? 1.811 ? ? 
covale4 covale none ? A CYS 63 SG  ? ? ? 1_555 C HEC . CAC ? ? A CYS 63 A HEC 91 1_555 ? ? ? ? ? ? ? 1.809 ? ? 
covale5 covale none ? A CYS 76 SG  ? ? ? 1_555 D HEC . CAB ? ? A CYS 76 A HEC 92 1_555 ? ? ? ? ? ? ? 1.807 ? ? 
covale6 covale none ? A CYS 79 SG  ? ? ? 1_555 D HEC . CAC ? ? A CYS 79 A HEC 92 1_555 ? ? ? ? ? ? ? 1.817 ? ? 
metalc1 metalc ?    ? A HIS 23 NE2 ? ? ? 1_555 B HEC . FE  ? ? A HIS 23 A HEC 90 1_555 ? ? ? ? ? ? ? 2.018 ? ? 
metalc2 metalc ?    ? A HIS 26 NE2 ? ? ? 1_555 C HEC . FE  ? ? A HIS 26 A HEC 91 1_555 ? ? ? ? ? ? ? 2.013 ? ? 
metalc3 metalc ?    ? A HIS 36 NE2 ? ? ? 1_555 B HEC . FE  ? ? A HIS 36 A HEC 90 1_555 ? ? ? ? ? ? ? 1.985 ? ? 
metalc4 metalc ?    ? A MET 51 SD  ? ? ? 1_555 D HEC . FE  ? ? A MET 51 A HEC 92 1_555 ? ? ? ? ? ? ? 2.329 ? ? 
metalc5 metalc ?    ? A HIS 64 NE2 ? ? ? 1_555 C HEC . FE  ? ? A HIS 64 A HEC 91 1_555 ? ? ? ? ? ? ? 2.007 ? ? 
metalc6 metalc ?    ? A HIS 80 NE2 ? ? ? 1_555 D HEC . FE  ? ? A HIS 80 A HEC 92 1_555 ? ? ? ? ? ? ? 2.007 ? ? 
# 
loop_
_struct_conn_type.id 
_struct_conn_type.criteria 
_struct_conn_type.reference 
covale ? ? 
metalc ? ? 
# 
loop_
_pdbx_struct_conn_angle.id 
_pdbx_struct_conn_angle.ptnr1_label_atom_id 
_pdbx_struct_conn_angle.ptnr1_label_alt_id 
_pdbx_struct_conn_angle.ptnr1_label_asym_id 
_pdbx_struct_conn_angle.ptnr1_label_comp_id 
_pdbx_struct_conn_angle.ptnr1_label_seq_id 
_pdbx_struct_conn_angle.ptnr1_auth_atom_id 
_pdbx_struct_conn_angle.ptnr1_auth_asym_id 
_pdbx_struct_conn_angle.ptnr1_auth_comp_id 
_pdbx_struct_conn_angle.ptnr1_auth_seq_id 
_pdbx_struct_conn_angle.ptnr1_PDB_ins_code 
_pdbx_struct_conn_angle.ptnr1_symmetry 
_pdbx_struct_conn_angle.ptnr2_label_atom_id 
_pdbx_struct_conn_angle.ptnr2_label_alt_id 
_pdbx_struct_conn_angle.ptnr2_label_asym_id 
_pdbx_struct_conn_angle.ptnr2_label_comp_id 
_pdbx_struct_conn_angle.ptnr2_label_seq_id 
_pdbx_struct_conn_angle.ptnr2_auth_atom_id 
_pdbx_struct_conn_angle.ptnr2_auth_asym_id 
_pdbx_struct_conn_angle.ptnr2_auth_comp_id 
_pdbx_struct_conn_angle.ptnr2_auth_seq_id 
_pdbx_struct_conn_angle.ptnr2_PDB_ins_code 
_pdbx_struct_conn_angle.ptnr2_symmetry 
_pdbx_struct_conn_angle.ptnr3_label_atom_id 
_pdbx_struct_conn_angle.ptnr3_label_alt_id 
_pdbx_struct_conn_angle.ptnr3_label_asym_id 
_pdbx_struct_conn_angle.ptnr3_label_comp_id 
_pdbx_struct_conn_angle.ptnr3_label_seq_id 
_pdbx_struct_conn_angle.ptnr3_auth_atom_id 
_pdbx_struct_conn_angle.ptnr3_auth_asym_id 
_pdbx_struct_conn_angle.ptnr3_auth_comp_id 
_pdbx_struct_conn_angle.ptnr3_auth_seq_id 
_pdbx_struct_conn_angle.ptnr3_PDB_ins_code 
_pdbx_struct_conn_angle.ptnr3_symmetry 
_pdbx_struct_conn_angle.value 
_pdbx_struct_conn_angle.value_esd 
1  NE2 ? A HIS 23 ? A HIS 23 ? 1_555 FE ? B HEC . ? A HEC 90 ? 1_555 NA  ? B HEC .  ? A HEC 90 ? 1_555 91.7  ? 
2  NE2 ? A HIS 23 ? A HIS 23 ? 1_555 FE ? B HEC . ? A HEC 90 ? 1_555 NB  ? B HEC .  ? A HEC 90 ? 1_555 93.6  ? 
3  NA  ? B HEC .  ? A HEC 90 ? 1_555 FE ? B HEC . ? A HEC 90 ? 1_555 NB  ? B HEC .  ? A HEC 90 ? 1_555 89.8  ? 
4  NE2 ? A HIS 23 ? A HIS 23 ? 1_555 FE ? B HEC . ? A HEC 90 ? 1_555 NC  ? B HEC .  ? A HEC 90 ? 1_555 91.7  ? 
5  NA  ? B HEC .  ? A HEC 90 ? 1_555 FE ? B HEC . ? A HEC 90 ? 1_555 NC  ? B HEC .  ? A HEC 90 ? 1_555 176.5 ? 
6  NB  ? B HEC .  ? A HEC 90 ? 1_555 FE ? B HEC . ? A HEC 90 ? 1_555 NC  ? B HEC .  ? A HEC 90 ? 1_555 89.6  ? 
7  NE2 ? A HIS 23 ? A HIS 23 ? 1_555 FE ? B HEC . ? A HEC 90 ? 1_555 ND  ? B HEC .  ? A HEC 90 ? 1_555 87.9  ? 
8  NA  ? B HEC .  ? A HEC 90 ? 1_555 FE ? B HEC . ? A HEC 90 ? 1_555 ND  ? B HEC .  ? A HEC 90 ? 1_555 89.2  ? 
9  NB  ? B HEC .  ? A HEC 90 ? 1_555 FE ? B HEC . ? A HEC 90 ? 1_555 ND  ? B HEC .  ? A HEC 90 ? 1_555 178.2 ? 
10 NC  ? B HEC .  ? A HEC 90 ? 1_555 FE ? B HEC . ? A HEC 90 ? 1_555 ND  ? B HEC .  ? A HEC 90 ? 1_555 91.3  ? 
11 NE2 ? A HIS 23 ? A HIS 23 ? 1_555 FE ? B HEC . ? A HEC 90 ? 1_555 NE2 ? A HIS 36 ? A HIS 36 ? 1_555 176.7 ? 
12 NA  ? B HEC .  ? A HEC 90 ? 1_555 FE ? B HEC . ? A HEC 90 ? 1_555 NE2 ? A HIS 36 ? A HIS 36 ? 1_555 89.7  ? 
13 NB  ? B HEC .  ? A HEC 90 ? 1_555 FE ? B HEC . ? A HEC 90 ? 1_555 NE2 ? A HIS 36 ? A HIS 36 ? 1_555 89.4  ? 
14 NC  ? B HEC .  ? A HEC 90 ? 1_555 FE ? B HEC . ? A HEC 90 ? 1_555 NE2 ? A HIS 36 ? A HIS 36 ? 1_555 86.9  ? 
15 ND  ? B HEC .  ? A HEC 90 ? 1_555 FE ? B HEC . ? A HEC 90 ? 1_555 NE2 ? A HIS 36 ? A HIS 36 ? 1_555 89.0  ? 
16 NE2 ? A HIS 26 ? A HIS 26 ? 1_555 FE ? C HEC . ? A HEC 91 ? 1_555 NA  ? C HEC .  ? A HEC 91 ? 1_555 92.4  ? 
17 NE2 ? A HIS 26 ? A HIS 26 ? 1_555 FE ? C HEC . ? A HEC 91 ? 1_555 NB  ? C HEC .  ? A HEC 91 ? 1_555 92.9  ? 
18 NA  ? C HEC .  ? A HEC 91 ? 1_555 FE ? C HEC . ? A HEC 91 ? 1_555 NB  ? C HEC .  ? A HEC 91 ? 1_555 89.5  ? 
19 NE2 ? A HIS 26 ? A HIS 26 ? 1_555 FE ? C HEC . ? A HEC 91 ? 1_555 NC  ? C HEC .  ? A HEC 91 ? 1_555 88.2  ? 
20 NA  ? C HEC .  ? A HEC 91 ? 1_555 FE ? C HEC . ? A HEC 91 ? 1_555 NC  ? C HEC .  ? A HEC 91 ? 1_555 179.0 ? 
21 NB  ? C HEC .  ? A HEC 91 ? 1_555 FE ? C HEC . ? A HEC 91 ? 1_555 NC  ? C HEC .  ? A HEC 91 ? 1_555 91.3  ? 
22 NE2 ? A HIS 26 ? A HIS 26 ? 1_555 FE ? C HEC . ? A HEC 91 ? 1_555 ND  ? C HEC .  ? A HEC 91 ? 1_555 89.8  ? 
23 NA  ? C HEC .  ? A HEC 91 ? 1_555 FE ? C HEC . ? A HEC 91 ? 1_555 ND  ? C HEC .  ? A HEC 91 ? 1_555 90.1  ? 
24 NB  ? C HEC .  ? A HEC 91 ? 1_555 FE ? C HEC . ? A HEC 91 ? 1_555 ND  ? C HEC .  ? A HEC 91 ? 1_555 177.3 ? 
25 NC  ? C HEC .  ? A HEC 91 ? 1_555 FE ? C HEC . ? A HEC 91 ? 1_555 ND  ? C HEC .  ? A HEC 91 ? 1_555 89.0  ? 
26 NE2 ? A HIS 26 ? A HIS 26 ? 1_555 FE ? C HEC . ? A HEC 91 ? 1_555 NE2 ? A HIS 64 ? A HIS 64 ? 1_555 177.2 ? 
27 NA  ? C HEC .  ? A HEC 91 ? 1_555 FE ? C HEC . ? A HEC 91 ? 1_555 NE2 ? A HIS 64 ? A HIS 64 ? 1_555 88.0  ? 
28 NB  ? C HEC .  ? A HEC 91 ? 1_555 FE ? C HEC . ? A HEC 91 ? 1_555 NE2 ? A HIS 64 ? A HIS 64 ? 1_555 84.4  ? 
29 NC  ? C HEC .  ? A HEC 91 ? 1_555 FE ? C HEC . ? A HEC 91 ? 1_555 NE2 ? A HIS 64 ? A HIS 64 ? 1_555 91.4  ? 
30 ND  ? C HEC .  ? A HEC 91 ? 1_555 FE ? C HEC . ? A HEC 91 ? 1_555 NE2 ? A HIS 64 ? A HIS 64 ? 1_555 92.9  ? 
31 SD  ? A MET 51 ? A MET 51 ? 1_555 FE ? D HEC . ? A HEC 92 ? 1_555 NA  ? D HEC .  ? A HEC 92 ? 1_555 88.0  ? 
32 SD  ? A MET 51 ? A MET 51 ? 1_555 FE ? D HEC . ? A HEC 92 ? 1_555 NB  ? D HEC .  ? A HEC 92 ? 1_555 94.8  ? 
33 NA  ? D HEC .  ? A HEC 92 ? 1_555 FE ? D HEC . ? A HEC 92 ? 1_555 NB  ? D HEC .  ? A HEC 92 ? 1_555 90.0  ? 
34 SD  ? A MET 51 ? A MET 51 ? 1_555 FE ? D HEC . ? A HEC 92 ? 1_555 NC  ? D HEC .  ? A HEC 92 ? 1_555 90.8  ? 
35 NA  ? D HEC .  ? A HEC 92 ? 1_555 FE ? D HEC . ? A HEC 92 ? 1_555 NC  ? D HEC .  ? A HEC 92 ? 1_555 178.8 ? 
36 NB  ? D HEC .  ? A HEC 92 ? 1_555 FE ? D HEC . ? A HEC 92 ? 1_555 NC  ? D HEC .  ? A HEC 92 ? 1_555 89.9  ? 
37 SD  ? A MET 51 ? A MET 51 ? 1_555 FE ? D HEC . ? A HEC 92 ? 1_555 ND  ? D HEC .  ? A HEC 92 ? 1_555 88.1  ? 
38 NA  ? D HEC .  ? A HEC 92 ? 1_555 FE ? D HEC . ? A HEC 92 ? 1_555 ND  ? D HEC .  ? A HEC 92 ? 1_555 89.7  ? 
39 NB  ? D HEC .  ? A HEC 92 ? 1_555 FE ? D HEC . ? A HEC 92 ? 1_555 ND  ? D HEC .  ? A HEC 92 ? 1_555 177.2 ? 
40 NC  ? D HEC .  ? A HEC 92 ? 1_555 FE ? D HEC . ? A HEC 92 ? 1_555 ND  ? D HEC .  ? A HEC 92 ? 1_555 90.4  ? 
41 SD  ? A MET 51 ? A MET 51 ? 1_555 FE ? D HEC . ? A HEC 92 ? 1_555 NE2 ? A HIS 80 ? A HIS 80 ? 1_555 177.4 ? 
42 NA  ? D HEC .  ? A HEC 92 ? 1_555 FE ? D HEC . ? A HEC 92 ? 1_555 NE2 ? A HIS 80 ? A HIS 80 ? 1_555 93.7  ? 
43 NB  ? D HEC .  ? A HEC 92 ? 1_555 FE ? D HEC . ? A HEC 92 ? 1_555 NE2 ? A HIS 80 ? A HIS 80 ? 1_555 87.2  ? 
44 NC  ? D HEC .  ? A HEC 92 ? 1_555 FE ? D HEC . ? A HEC 92 ? 1_555 NE2 ? A HIS 80 ? A HIS 80 ? 1_555 87.5  ? 
45 ND  ? D HEC .  ? A HEC 92 ? 1_555 FE ? D HEC . ? A HEC 92 ? 1_555 NE2 ? A HIS 80 ? A HIS 80 ? 1_555 90.0  ? 
# 
loop_
_pdbx_modification_feature.ordinal 
_pdbx_modification_feature.label_comp_id 
_pdbx_modification_feature.label_asym_id 
_pdbx_modification_feature.label_seq_id 
_pdbx_modification_feature.label_alt_id 
_pdbx_modification_feature.modified_residue_label_comp_id 
_pdbx_modification_feature.modified_residue_label_asym_id 
_pdbx_modification_feature.modified_residue_label_seq_id 
_pdbx_modification_feature.modified_residue_label_alt_id 
_pdbx_modification_feature.auth_comp_id 
_pdbx_modification_feature.auth_asym_id 
_pdbx_modification_feature.auth_seq_id 
_pdbx_modification_feature.PDB_ins_code 
_pdbx_modification_feature.symmetry 
_pdbx_modification_feature.modified_residue_auth_comp_id 
_pdbx_modification_feature.modified_residue_auth_asym_id 
_pdbx_modification_feature.modified_residue_auth_seq_id 
_pdbx_modification_feature.modified_residue_PDB_ins_code 
_pdbx_modification_feature.modified_residue_symmetry 
_pdbx_modification_feature.comp_id_linking_atom 
_pdbx_modification_feature.modified_residue_id_linking_atom 
_pdbx_modification_feature.modified_residue_id 
_pdbx_modification_feature.ref_pcm_id 
_pdbx_modification_feature.ref_comp_id 
_pdbx_modification_feature.type 
_pdbx_modification_feature.category 
1 HEC B . ? CYS A 32 ? HEC A 90 ? 1_555 CYS A 32 ? 1_555 CAB SG CYS 2 HEC None Heme/heme-like 
2 HEC B . ? CYS A 35 ? HEC A 90 ? 1_555 CYS A 35 ? 1_555 CAC SG CYS 3 HEC None Heme/heme-like 
3 HEC C . ? CYS A 60 ? HEC A 91 ? 1_555 CYS A 60 ? 1_555 CAB SG CYS 2 HEC None Heme/heme-like 
4 HEC C . ? CYS A 63 ? HEC A 91 ? 1_555 CYS A 63 ? 1_555 CAC SG CYS 3 HEC None Heme/heme-like 
5 HEC D . ? CYS A 76 ? HEC A 92 ? 1_555 CYS A 76 ? 1_555 CAB SG CYS 2 HEC None Heme/heme-like 
6 HEC D . ? CYS A 79 ? HEC A 92 ? 1_555 CYS A 79 ? 1_555 CAC SG CYS 3 HEC None Heme/heme-like 
# 
_struct_mon_prot_cis.pdbx_id                1 
_struct_mon_prot_cis.label_comp_id          HIS 
_struct_mon_prot_cis.label_seq_id           36 
_struct_mon_prot_cis.label_asym_id          A 
_struct_mon_prot_cis.label_alt_id           . 
_struct_mon_prot_cis.pdbx_PDB_ins_code      ? 
_struct_mon_prot_cis.auth_comp_id           HIS 
_struct_mon_prot_cis.auth_seq_id            36 
_struct_mon_prot_cis.auth_asym_id           A 
_struct_mon_prot_cis.pdbx_label_comp_id_2   THR 
_struct_mon_prot_cis.pdbx_label_seq_id_2    37 
_struct_mon_prot_cis.pdbx_label_asym_id_2   A 
_struct_mon_prot_cis.pdbx_PDB_ins_code_2    ? 
_struct_mon_prot_cis.pdbx_auth_comp_id_2    THR 
_struct_mon_prot_cis.pdbx_auth_seq_id_2     37 
_struct_mon_prot_cis.pdbx_auth_asym_id_2    A 
_struct_mon_prot_cis.pdbx_PDB_model_num     1 
_struct_mon_prot_cis.pdbx_omega_angle       -0.14 
# 
_struct_sheet.id               A 
_struct_sheet.type             ? 
_struct_sheet.number_strands   2 
_struct_sheet.details          ? 
# 
_struct_sheet_order.sheet_id     A 
_struct_sheet_order.range_id_1   1 
_struct_sheet_order.range_id_2   2 
_struct_sheet_order.offset       ? 
_struct_sheet_order.sense        anti-parallel 
# 
loop_
_struct_sheet_range.sheet_id 
_struct_sheet_range.id 
_struct_sheet_range.beg_label_comp_id 
_struct_sheet_range.beg_label_asym_id 
_struct_sheet_range.beg_label_seq_id 
_struct_sheet_range.pdbx_beg_PDB_ins_code 
_struct_sheet_range.end_label_comp_id 
_struct_sheet_range.end_label_asym_id 
_struct_sheet_range.end_label_seq_id 
_struct_sheet_range.pdbx_end_PDB_ins_code 
_struct_sheet_range.beg_auth_comp_id 
_struct_sheet_range.beg_auth_asym_id 
_struct_sheet_range.beg_auth_seq_id 
_struct_sheet_range.end_auth_comp_id 
_struct_sheet_range.end_auth_asym_id 
_struct_sheet_range.end_auth_seq_id 
A 1 THR A 8  ? PHE A 11 ? THR A 8  PHE A 11 
A 2 ALA A 19 ? SER A 22 ? ALA A 19 SER A 22 
# 
_pdbx_struct_sheet_hbond.sheet_id                A 
_pdbx_struct_sheet_hbond.range_id_1              1 
_pdbx_struct_sheet_hbond.range_id_2              2 
_pdbx_struct_sheet_hbond.range_1_label_atom_id   N 
_pdbx_struct_sheet_hbond.range_1_label_comp_id   VAL 
_pdbx_struct_sheet_hbond.range_1_label_asym_id   A 
_pdbx_struct_sheet_hbond.range_1_label_seq_id    9 
_pdbx_struct_sheet_hbond.range_1_PDB_ins_code    ? 
_pdbx_struct_sheet_hbond.range_1_auth_atom_id    N 
_pdbx_struct_sheet_hbond.range_1_auth_comp_id    VAL 
_pdbx_struct_sheet_hbond.range_1_auth_asym_id    A 
_pdbx_struct_sheet_hbond.range_1_auth_seq_id     9 
_pdbx_struct_sheet_hbond.range_2_label_atom_id   O 
_pdbx_struct_sheet_hbond.range_2_label_comp_id   PHE 
_pdbx_struct_sheet_hbond.range_2_label_asym_id   A 
_pdbx_struct_sheet_hbond.range_2_label_seq_id    21 
_pdbx_struct_sheet_hbond.range_2_PDB_ins_code    ? 
_pdbx_struct_sheet_hbond.range_2_auth_atom_id    O 
_pdbx_struct_sheet_hbond.range_2_auth_comp_id    PHE 
_pdbx_struct_sheet_hbond.range_2_auth_asym_id    A 
_pdbx_struct_sheet_hbond.range_2_auth_seq_id     21 
# 
loop_
_struct_site.id 
_struct_site.pdbx_evidence_code 
_struct_site.pdbx_auth_asym_id 
_struct_site.pdbx_auth_comp_id 
_struct_site.pdbx_auth_seq_id 
_struct_site.pdbx_auth_ins_code 
_struct_site.pdbx_num_residues 
_struct_site.details 
AC1 Software A HEC 90 ? 28 'BINDING SITE FOR RESIDUE HEC A 90' 
AC2 Software A HEC 91 ? 18 'BINDING SITE FOR RESIDUE HEC A 91' 
AC3 Software A HEC 92 ? 24 'BINDING SITE FOR RESIDUE HEC A 92' 
# 
loop_
_struct_site_gen.id 
_struct_site_gen.site_id 
_struct_site_gen.pdbx_num_res 
_struct_site_gen.label_comp_id 
_struct_site_gen.label_asym_id 
_struct_site_gen.label_seq_id 
_struct_site_gen.pdbx_auth_ins_code 
_struct_site_gen.auth_comp_id 
_struct_site_gen.auth_asym_id 
_struct_site_gen.auth_seq_id 
_struct_site_gen.label_atom_id 
_struct_site_gen.label_alt_id 
_struct_site_gen.symmetry 
_struct_site_gen.details 
1  AC1 28 GLY A 2  ? GLY A 2   . ? 1_555 ? 
2  AC1 28 MET A 3  ? MET A 3   . ? 1_555 ? 
3  AC1 28 PRO A 5  ? PRO A 5   . ? 1_555 ? 
4  AC1 28 PRO A 6  ? PRO A 6   . ? 1_555 ? 
5  AC1 28 PHE A 11 ? PHE A 11  . ? 1_555 ? 
6  AC1 28 GLY A 15 ? GLY A 15  . ? 3_545 ? 
7  AC1 28 PHE A 21 ? PHE A 21  . ? 1_555 ? 
8  AC1 28 HIS A 23 ? HIS A 23  . ? 1_555 ? 
9  AC1 28 HIS A 26 ? HIS A 26  . ? 1_555 ? 
10 AC1 28 LEU A 27 ? LEU A 27  . ? 1_555 ? 
11 AC1 28 TYR A 30 ? TYR A 30  . ? 1_555 ? 
12 AC1 28 LYS A 31 ? LYS A 31  . ? 1_555 ? 
13 AC1 28 CYS A 32 ? CYS A 32  . ? 1_555 ? 
14 AC1 28 CYS A 35 ? CYS A 35  . ? 1_555 ? 
15 AC1 28 HIS A 36 ? HIS A 36  . ? 1_555 ? 
16 AC1 28 PHE A 40 ? PHE A 40  . ? 1_555 ? 
17 AC1 28 TYR A 42 ? TYR A 42  . ? 1_555 ? 
18 AC1 28 LYS A 43 ? LYS A 43  . ? 1_555 ? 
19 AC1 28 ALA A 44 ? ALA A 44  . ? 1_555 ? 
20 AC1 28 GLY A 45 ? GLY A 45  . ? 1_555 ? 
21 AC1 28 HEC C .  ? HEC A 91  . ? 1_555 ? 
22 AC1 28 HOH E .  ? HOH A 105 . ? 1_555 ? 
23 AC1 28 HOH E .  ? HOH A 106 . ? 1_555 ? 
24 AC1 28 HOH E .  ? HOH A 109 . ? 1_555 ? 
25 AC1 28 HOH E .  ? HOH A 113 . ? 1_555 ? 
26 AC1 28 HOH E .  ? HOH A 158 . ? 1_555 ? 
27 AC1 28 HOH E .  ? HOH A 161 . ? 1_555 ? 
28 AC1 28 HOH E .  ? HOH A 200 . ? 1_555 ? 
29 AC2 18 ALA A 20 ? ALA A 20  . ? 1_555 ? 
30 AC2 18 PHE A 21 ? PHE A 21  . ? 1_555 ? 
31 AC2 18 PHE A 25 ? PHE A 25  . ? 1_555 ? 
32 AC2 18 HIS A 26 ? HIS A 26  . ? 1_555 ? 
33 AC2 18 TYR A 30 ? TYR A 30  . ? 1_555 ? 
34 AC2 18 THR A 37 ? THR A 37  . ? 5_555 ? 
35 AC2 18 CYS A 60 ? CYS A 60  . ? 1_555 ? 
36 AC2 18 CYS A 63 ? CYS A 63  . ? 1_555 ? 
37 AC2 18 HIS A 64 ? HIS A 64  . ? 1_555 ? 
38 AC2 18 ASP A 68 ? ASP A 68  . ? 1_555 ? 
39 AC2 18 ALA A 69 ? ALA A 69  . ? 1_555 ? 
40 AC2 18 PHE A 70 ? PHE A 70  . ? 1_555 ? 
41 AC2 18 LYS A 78 ? LYS A 78  . ? 1_555 ? 
42 AC2 18 CYS A 79 ? CYS A 79  . ? 1_555 ? 
43 AC2 18 HEC B .  ? HEC A 90  . ? 1_555 ? 
44 AC2 18 HEC D .  ? HEC A 92  . ? 1_555 ? 
45 AC2 18 HOH E .  ? HOH A 108 . ? 1_555 ? 
46 AC2 18 HOH E .  ? HOH A 184 . ? 1_555 ? 
47 AC3 24 LYS A 1  ? LYS A 1   . ? 4_554 ? 
48 AC3 24 MET A 3  ? MET A 3   . ? 4_554 ? 
49 AC3 24 THR A 4  ? THR A 4   . ? 4_554 ? 
50 AC3 24 MET A 13 ? MET A 13  . ? 1_555 ? 
51 AC3 24 ALA A 19 ? ALA A 19  . ? 1_555 ? 
52 AC3 24 TYR A 42 ? TYR A 42  . ? 4_554 ? 
53 AC3 24 ARG A 48 ? ARG A 48  . ? 1_555 ? 
54 AC3 24 PHE A 49 ? PHE A 49  . ? 1_555 ? 
55 AC3 24 THR A 50 ? THR A 50  . ? 1_555 ? 
56 AC3 24 MET A 51 ? MET A 51  . ? 1_555 ? 
57 AC3 24 MET A 54 ? MET A 54  . ? 1_555 ? 
58 AC3 24 HIS A 64 ? HIS A 64  . ? 1_555 ? 
59 AC3 24 SER A 72 ? SER A 72  . ? 1_555 ? 
60 AC3 24 SER A 74 ? SER A 74  . ? 1_555 ? 
61 AC3 24 ASP A 75 ? ASP A 75  . ? 1_555 ? 
62 AC3 24 CYS A 76 ? CYS A 76  . ? 1_555 ? 
63 AC3 24 CYS A 79 ? CYS A 79  . ? 1_555 ? 
64 AC3 24 HIS A 80 ? HIS A 80  . ? 1_555 ? 
65 AC3 24 HEC C .  ? HEC A 91  . ? 1_555 ? 
66 AC3 24 HOH E .  ? HOH A 101 . ? 1_555 ? 
67 AC3 24 HOH E .  ? HOH A 102 . ? 1_555 ? 
68 AC3 24 HOH E .  ? HOH A 113 . ? 1_555 ? 
69 AC3 24 HOH E .  ? HOH A 116 . ? 1_555 ? 
70 AC3 24 HOH E .  ? HOH A 148 . ? 1_555 ? 
# 
_pdbx_entry_details.entry_id                   1RWJ 
_pdbx_entry_details.compound_details           ? 
_pdbx_entry_details.source_details             ? 
_pdbx_entry_details.nonpolymer_details         ? 
_pdbx_entry_details.sequence_details           ? 
_pdbx_entry_details.has_ligand_of_interest     ? 
_pdbx_entry_details.has_protein_modification   Y 
# 
loop_
_pdbx_validate_torsion.id 
_pdbx_validate_torsion.PDB_model_num 
_pdbx_validate_torsion.auth_comp_id 
_pdbx_validate_torsion.auth_asym_id 
_pdbx_validate_torsion.auth_seq_id 
_pdbx_validate_torsion.PDB_ins_code 
_pdbx_validate_torsion.label_alt_id 
_pdbx_validate_torsion.phi 
_pdbx_validate_torsion.psi 
1 1 TYR A 42 ? ? -84.70  33.01   
2 1 SER A 59 ? ? 50.95   -135.45 
3 1 HIS A 80 ? ? -117.06 70.41   
# 
_pdbx_struct_special_symmetry.id              1 
_pdbx_struct_special_symmetry.PDB_model_num   1 
_pdbx_struct_special_symmetry.auth_asym_id    A 
_pdbx_struct_special_symmetry.auth_comp_id    HOH 
_pdbx_struct_special_symmetry.auth_seq_id     192 
_pdbx_struct_special_symmetry.PDB_ins_code    ? 
_pdbx_struct_special_symmetry.label_asym_id   E 
_pdbx_struct_special_symmetry.label_comp_id   HOH 
_pdbx_struct_special_symmetry.label_seq_id    . 
# 
_pdbx_unobs_or_zero_occ_residues.id               1 
_pdbx_unobs_or_zero_occ_residues.PDB_model_num    1 
_pdbx_unobs_or_zero_occ_residues.polymer_flag     Y 
_pdbx_unobs_or_zero_occ_residues.occupancy_flag   1 
_pdbx_unobs_or_zero_occ_residues.auth_asym_id     A 
_pdbx_unobs_or_zero_occ_residues.auth_comp_id     GLY 
_pdbx_unobs_or_zero_occ_residues.auth_seq_id      82 
_pdbx_unobs_or_zero_occ_residues.PDB_ins_code     ? 
_pdbx_unobs_or_zero_occ_residues.label_asym_id    A 
_pdbx_unobs_or_zero_occ_residues.label_comp_id    GLY 
_pdbx_unobs_or_zero_occ_residues.label_seq_id     82 
# 
loop_
_chem_comp_atom.comp_id 
_chem_comp_atom.atom_id 
_chem_comp_atom.type_symbol 
_chem_comp_atom.pdbx_aromatic_flag 
_chem_comp_atom.pdbx_stereo_config 
_chem_comp_atom.pdbx_ordinal 
ALA N    N  N N 1   
ALA CA   C  N S 2   
ALA C    C  N N 3   
ALA O    O  N N 4   
ALA CB   C  N N 5   
ALA OXT  O  N N 6   
ALA H    H  N N 7   
ALA H2   H  N N 8   
ALA HA   H  N N 9   
ALA HB1  H  N N 10  
ALA HB2  H  N N 11  
ALA HB3  H  N N 12  
ALA HXT  H  N N 13  
ARG N    N  N N 14  
ARG CA   C  N S 15  
ARG C    C  N N 16  
ARG O    O  N N 17  
ARG CB   C  N N 18  
ARG CG   C  N N 19  
ARG CD   C  N N 20  
ARG NE   N  N N 21  
ARG CZ   C  N N 22  
ARG NH1  N  N N 23  
ARG NH2  N  N N 24  
ARG OXT  O  N N 25  
ARG H    H  N N 26  
ARG H2   H  N N 27  
ARG HA   H  N N 28  
ARG HB2  H  N N 29  
ARG HB3  H  N N 30  
ARG HG2  H  N N 31  
ARG HG3  H  N N 32  
ARG HD2  H  N N 33  
ARG HD3  H  N N 34  
ARG HE   H  N N 35  
ARG HH11 H  N N 36  
ARG HH12 H  N N 37  
ARG HH21 H  N N 38  
ARG HH22 H  N N 39  
ARG HXT  H  N N 40  
ASN N    N  N N 41  
ASN CA   C  N S 42  
ASN C    C  N N 43  
ASN O    O  N N 44  
ASN CB   C  N N 45  
ASN CG   C  N N 46  
ASN OD1  O  N N 47  
ASN ND2  N  N N 48  
ASN OXT  O  N N 49  
ASN H    H  N N 50  
ASN H2   H  N N 51  
ASN HA   H  N N 52  
ASN HB2  H  N N 53  
ASN HB3  H  N N 54  
ASN HD21 H  N N 55  
ASN HD22 H  N N 56  
ASN HXT  H  N N 57  
ASP N    N  N N 58  
ASP CA   C  N S 59  
ASP C    C  N N 60  
ASP O    O  N N 61  
ASP CB   C  N N 62  
ASP CG   C  N N 63  
ASP OD1  O  N N 64  
ASP OD2  O  N N 65  
ASP OXT  O  N N 66  
ASP H    H  N N 67  
ASP H2   H  N N 68  
ASP HA   H  N N 69  
ASP HB2  H  N N 70  
ASP HB3  H  N N 71  
ASP HD2  H  N N 72  
ASP HXT  H  N N 73  
CYS N    N  N N 74  
CYS CA   C  N R 75  
CYS C    C  N N 76  
CYS O    O  N N 77  
CYS CB   C  N N 78  
CYS SG   S  N N 79  
CYS OXT  O  N N 80  
CYS H    H  N N 81  
CYS H2   H  N N 82  
CYS HA   H  N N 83  
CYS HB2  H  N N 84  
CYS HB3  H  N N 85  
CYS HG   H  N N 86  
CYS HXT  H  N N 87  
GLU N    N  N N 88  
GLU CA   C  N S 89  
GLU C    C  N N 90  
GLU O    O  N N 91  
GLU CB   C  N N 92  
GLU CG   C  N N 93  
GLU CD   C  N N 94  
GLU OE1  O  N N 95  
GLU OE2  O  N N 96  
GLU OXT  O  N N 97  
GLU H    H  N N 98  
GLU H2   H  N N 99  
GLU HA   H  N N 100 
GLU HB2  H  N N 101 
GLU HB3  H  N N 102 
GLU HG2  H  N N 103 
GLU HG3  H  N N 104 
GLU HE2  H  N N 105 
GLU HXT  H  N N 106 
GLY N    N  N N 107 
GLY CA   C  N N 108 
GLY C    C  N N 109 
GLY O    O  N N 110 
GLY OXT  O  N N 111 
GLY H    H  N N 112 
GLY H2   H  N N 113 
GLY HA2  H  N N 114 
GLY HA3  H  N N 115 
GLY HXT  H  N N 116 
HEC FE   FE N N 117 
HEC CHA  C  N N 118 
HEC CHB  C  N N 119 
HEC CHC  C  N N 120 
HEC CHD  C  N N 121 
HEC NA   N  Y N 122 
HEC C1A  C  Y N 123 
HEC C2A  C  Y N 124 
HEC C3A  C  Y N 125 
HEC C4A  C  Y N 126 
HEC CMA  C  N N 127 
HEC CAA  C  N N 128 
HEC CBA  C  N N 129 
HEC CGA  C  N N 130 
HEC O1A  O  N N 131 
HEC O2A  O  N N 132 
HEC NB   N  Y N 133 
HEC C1B  C  Y N 134 
HEC C2B  C  Y N 135 
HEC C3B  C  Y N 136 
HEC C4B  C  Y N 137 
HEC CMB  C  N N 138 
HEC CAB  C  N N 139 
HEC CBB  C  N N 140 
HEC NC   N  Y N 141 
HEC C1C  C  Y N 142 
HEC C2C  C  Y N 143 
HEC C3C  C  Y N 144 
HEC C4C  C  Y N 145 
HEC CMC  C  N N 146 
HEC CAC  C  N N 147 
HEC CBC  C  N N 148 
HEC ND   N  Y N 149 
HEC C1D  C  Y N 150 
HEC C2D  C  Y N 151 
HEC C3D  C  Y N 152 
HEC C4D  C  Y N 153 
HEC CMD  C  N N 154 
HEC CAD  C  N N 155 
HEC CBD  C  N N 156 
HEC CGD  C  N N 157 
HEC O1D  O  N N 158 
HEC O2D  O  N N 159 
HEC HHA  H  N N 160 
HEC HHB  H  N N 161 
HEC HHC  H  N N 162 
HEC HHD  H  N N 163 
HEC HMA1 H  N N 164 
HEC HMA2 H  N N 165 
HEC HMA3 H  N N 166 
HEC HAA1 H  N N 167 
HEC HAA2 H  N N 168 
HEC HBA1 H  N N 169 
HEC HBA2 H  N N 170 
HEC H2A  H  N N 171 
HEC HMB1 H  N N 172 
HEC HMB2 H  N N 173 
HEC HMB3 H  N N 174 
HEC HAB  H  N N 175 
HEC HBB1 H  N N 176 
HEC HBB2 H  N N 177 
HEC HBB3 H  N N 178 
HEC HMC1 H  N N 179 
HEC HMC2 H  N N 180 
HEC HMC3 H  N N 181 
HEC HAC  H  N N 182 
HEC HBC1 H  N N 183 
HEC HBC2 H  N N 184 
HEC HBC3 H  N N 185 
HEC HMD1 H  N N 186 
HEC HMD2 H  N N 187 
HEC HMD3 H  N N 188 
HEC HAD1 H  N N 189 
HEC HAD2 H  N N 190 
HEC HBD1 H  N N 191 
HEC HBD2 H  N N 192 
HEC H2D  H  N N 193 
HIS N    N  N N 194 
HIS CA   C  N S 195 
HIS C    C  N N 196 
HIS O    O  N N 197 
HIS CB   C  N N 198 
HIS CG   C  Y N 199 
HIS ND1  N  Y N 200 
HIS CD2  C  Y N 201 
HIS CE1  C  Y N 202 
HIS NE2  N  Y N 203 
HIS OXT  O  N N 204 
HIS H    H  N N 205 
HIS H2   H  N N 206 
HIS HA   H  N N 207 
HIS HB2  H  N N 208 
HIS HB3  H  N N 209 
HIS HD1  H  N N 210 
HIS HD2  H  N N 211 
HIS HE1  H  N N 212 
HIS HE2  H  N N 213 
HIS HXT  H  N N 214 
HOH O    O  N N 215 
HOH H1   H  N N 216 
HOH H2   H  N N 217 
LEU N    N  N N 218 
LEU CA   C  N S 219 
LEU C    C  N N 220 
LEU O    O  N N 221 
LEU CB   C  N N 222 
LEU CG   C  N N 223 
LEU CD1  C  N N 224 
LEU CD2  C  N N 225 
LEU OXT  O  N N 226 
LEU H    H  N N 227 
LEU H2   H  N N 228 
LEU HA   H  N N 229 
LEU HB2  H  N N 230 
LEU HB3  H  N N 231 
LEU HG   H  N N 232 
LEU HD11 H  N N 233 
LEU HD12 H  N N 234 
LEU HD13 H  N N 235 
LEU HD21 H  N N 236 
LEU HD22 H  N N 237 
LEU HD23 H  N N 238 
LEU HXT  H  N N 239 
LYS N    N  N N 240 
LYS CA   C  N S 241 
LYS C    C  N N 242 
LYS O    O  N N 243 
LYS CB   C  N N 244 
LYS CG   C  N N 245 
LYS CD   C  N N 246 
LYS CE   C  N N 247 
LYS NZ   N  N N 248 
LYS OXT  O  N N 249 
LYS H    H  N N 250 
LYS H2   H  N N 251 
LYS HA   H  N N 252 
LYS HB2  H  N N 253 
LYS HB3  H  N N 254 
LYS HG2  H  N N 255 
LYS HG3  H  N N 256 
LYS HD2  H  N N 257 
LYS HD3  H  N N 258 
LYS HE2  H  N N 259 
LYS HE3  H  N N 260 
LYS HZ1  H  N N 261 
LYS HZ2  H  N N 262 
LYS HZ3  H  N N 263 
LYS HXT  H  N N 264 
MET N    N  N N 265 
MET CA   C  N S 266 
MET C    C  N N 267 
MET O    O  N N 268 
MET CB   C  N N 269 
MET CG   C  N N 270 
MET SD   S  N N 271 
MET CE   C  N N 272 
MET OXT  O  N N 273 
MET H    H  N N 274 
MET H2   H  N N 275 
MET HA   H  N N 276 
MET HB2  H  N N 277 
MET HB3  H  N N 278 
MET HG2  H  N N 279 
MET HG3  H  N N 280 
MET HE1  H  N N 281 
MET HE2  H  N N 282 
MET HE3  H  N N 283 
MET HXT  H  N N 284 
PHE N    N  N N 285 
PHE CA   C  N S 286 
PHE C    C  N N 287 
PHE O    O  N N 288 
PHE CB   C  N N 289 
PHE CG   C  Y N 290 
PHE CD1  C  Y N 291 
PHE CD2  C  Y N 292 
PHE CE1  C  Y N 293 
PHE CE2  C  Y N 294 
PHE CZ   C  Y N 295 
PHE OXT  O  N N 296 
PHE H    H  N N 297 
PHE H2   H  N N 298 
PHE HA   H  N N 299 
PHE HB2  H  N N 300 
PHE HB3  H  N N 301 
PHE HD1  H  N N 302 
PHE HD2  H  N N 303 
PHE HE1  H  N N 304 
PHE HE2  H  N N 305 
PHE HZ   H  N N 306 
PHE HXT  H  N N 307 
PRO N    N  N N 308 
PRO CA   C  N S 309 
PRO C    C  N N 310 
PRO O    O  N N 311 
PRO CB   C  N N 312 
PRO CG   C  N N 313 
PRO CD   C  N N 314 
PRO OXT  O  N N 315 
PRO H    H  N N 316 
PRO HA   H  N N 317 
PRO HB2  H  N N 318 
PRO HB3  H  N N 319 
PRO HG2  H  N N 320 
PRO HG3  H  N N 321 
PRO HD2  H  N N 322 
PRO HD3  H  N N 323 
PRO HXT  H  N N 324 
SER N    N  N N 325 
SER CA   C  N S 326 
SER C    C  N N 327 
SER O    O  N N 328 
SER CB   C  N N 329 
SER OG   O  N N 330 
SER OXT  O  N N 331 
SER H    H  N N 332 
SER H2   H  N N 333 
SER HA   H  N N 334 
SER HB2  H  N N 335 
SER HB3  H  N N 336 
SER HG   H  N N 337 
SER HXT  H  N N 338 
THR N    N  N N 339 
THR CA   C  N S 340 
THR C    C  N N 341 
THR O    O  N N 342 
THR CB   C  N R 343 
THR OG1  O  N N 344 
THR CG2  C  N N 345 
THR OXT  O  N N 346 
THR H    H  N N 347 
THR H2   H  N N 348 
THR HA   H  N N 349 
THR HB   H  N N 350 
THR HG1  H  N N 351 
THR HG21 H  N N 352 
THR HG22 H  N N 353 
THR HG23 H  N N 354 
THR HXT  H  N N 355 
TYR N    N  N N 356 
TYR CA   C  N S 357 
TYR C    C  N N 358 
TYR O    O  N N 359 
TYR CB   C  N N 360 
TYR CG   C  Y N 361 
TYR CD1  C  Y N 362 
TYR CD2  C  Y N 363 
TYR CE1  C  Y N 364 
TYR CE2  C  Y N 365 
TYR CZ   C  Y N 366 
TYR OH   O  N N 367 
TYR OXT  O  N N 368 
TYR H    H  N N 369 
TYR H2   H  N N 370 
TYR HA   H  N N 371 
TYR HB2  H  N N 372 
TYR HB3  H  N N 373 
TYR HD1  H  N N 374 
TYR HD2  H  N N 375 
TYR HE1  H  N N 376 
TYR HE2  H  N N 377 
TYR HH   H  N N 378 
TYR HXT  H  N N 379 
VAL N    N  N N 380 
VAL CA   C  N S 381 
VAL C    C  N N 382 
VAL O    O  N N 383 
VAL CB   C  N N 384 
VAL CG1  C  N N 385 
VAL CG2  C  N N 386 
VAL OXT  O  N N 387 
VAL H    H  N N 388 
VAL H2   H  N N 389 
VAL HA   H  N N 390 
VAL HB   H  N N 391 
VAL HG11 H  N N 392 
VAL HG12 H  N N 393 
VAL HG13 H  N N 394 
VAL HG21 H  N N 395 
VAL HG22 H  N N 396 
VAL HG23 H  N N 397 
VAL HXT  H  N N 398 
# 
loop_
_chem_comp_bond.comp_id 
_chem_comp_bond.atom_id_1 
_chem_comp_bond.atom_id_2 
_chem_comp_bond.value_order 
_chem_comp_bond.pdbx_aromatic_flag 
_chem_comp_bond.pdbx_stereo_config 
_chem_comp_bond.pdbx_ordinal 
ALA N   CA   sing N N 1   
ALA N   H    sing N N 2   
ALA N   H2   sing N N 3   
ALA CA  C    sing N N 4   
ALA CA  CB   sing N N 5   
ALA CA  HA   sing N N 6   
ALA C   O    doub N N 7   
ALA C   OXT  sing N N 8   
ALA CB  HB1  sing N N 9   
ALA CB  HB2  sing N N 10  
ALA CB  HB3  sing N N 11  
ALA OXT HXT  sing N N 12  
ARG N   CA   sing N N 13  
ARG N   H    sing N N 14  
ARG N   H2   sing N N 15  
ARG CA  C    sing N N 16  
ARG CA  CB   sing N N 17  
ARG CA  HA   sing N N 18  
ARG C   O    doub N N 19  
ARG C   OXT  sing N N 20  
ARG CB  CG   sing N N 21  
ARG CB  HB2  sing N N 22  
ARG CB  HB3  sing N N 23  
ARG CG  CD   sing N N 24  
ARG CG  HG2  sing N N 25  
ARG CG  HG3  sing N N 26  
ARG CD  NE   sing N N 27  
ARG CD  HD2  sing N N 28  
ARG CD  HD3  sing N N 29  
ARG NE  CZ   sing N N 30  
ARG NE  HE   sing N N 31  
ARG CZ  NH1  sing N N 32  
ARG CZ  NH2  doub N N 33  
ARG NH1 HH11 sing N N 34  
ARG NH1 HH12 sing N N 35  
ARG NH2 HH21 sing N N 36  
ARG NH2 HH22 sing N N 37  
ARG OXT HXT  sing N N 38  
ASN N   CA   sing N N 39  
ASN N   H    sing N N 40  
ASN N   H2   sing N N 41  
ASN CA  C    sing N N 42  
ASN CA  CB   sing N N 43  
ASN CA  HA   sing N N 44  
ASN C   O    doub N N 45  
ASN C   OXT  sing N N 46  
ASN CB  CG   sing N N 47  
ASN CB  HB2  sing N N 48  
ASN CB  HB3  sing N N 49  
ASN CG  OD1  doub N N 50  
ASN CG  ND2  sing N N 51  
ASN ND2 HD21 sing N N 52  
ASN ND2 HD22 sing N N 53  
ASN OXT HXT  sing N N 54  
ASP N   CA   sing N N 55  
ASP N   H    sing N N 56  
ASP N   H2   sing N N 57  
ASP CA  C    sing N N 58  
ASP CA  CB   sing N N 59  
ASP CA  HA   sing N N 60  
ASP C   O    doub N N 61  
ASP C   OXT  sing N N 62  
ASP CB  CG   sing N N 63  
ASP CB  HB2  sing N N 64  
ASP CB  HB3  sing N N 65  
ASP CG  OD1  doub N N 66  
ASP CG  OD2  sing N N 67  
ASP OD2 HD2  sing N N 68  
ASP OXT HXT  sing N N 69  
CYS N   CA   sing N N 70  
CYS N   H    sing N N 71  
CYS N   H2   sing N N 72  
CYS CA  C    sing N N 73  
CYS CA  CB   sing N N 74  
CYS CA  HA   sing N N 75  
CYS C   O    doub N N 76  
CYS C   OXT  sing N N 77  
CYS CB  SG   sing N N 78  
CYS CB  HB2  sing N N 79  
CYS CB  HB3  sing N N 80  
CYS SG  HG   sing N N 81  
CYS OXT HXT  sing N N 82  
GLU N   CA   sing N N 83  
GLU N   H    sing N N 84  
GLU N   H2   sing N N 85  
GLU CA  C    sing N N 86  
GLU CA  CB   sing N N 87  
GLU CA  HA   sing N N 88  
GLU C   O    doub N N 89  
GLU C   OXT  sing N N 90  
GLU CB  CG   sing N N 91  
GLU CB  HB2  sing N N 92  
GLU CB  HB3  sing N N 93  
GLU CG  CD   sing N N 94  
GLU CG  HG2  sing N N 95  
GLU CG  HG3  sing N N 96  
GLU CD  OE1  doub N N 97  
GLU CD  OE2  sing N N 98  
GLU OE2 HE2  sing N N 99  
GLU OXT HXT  sing N N 100 
GLY N   CA   sing N N 101 
GLY N   H    sing N N 102 
GLY N   H2   sing N N 103 
GLY CA  C    sing N N 104 
GLY CA  HA2  sing N N 105 
GLY CA  HA3  sing N N 106 
GLY C   O    doub N N 107 
GLY C   OXT  sing N N 108 
GLY OXT HXT  sing N N 109 
HEC FE  NA   sing N N 110 
HEC FE  NB   sing N N 111 
HEC FE  NC   sing N N 112 
HEC FE  ND   sing N N 113 
HEC CHA C1A  doub N N 114 
HEC CHA C4D  sing N N 115 
HEC CHA HHA  sing N N 116 
HEC CHB C4A  doub N N 117 
HEC CHB C1B  sing N N 118 
HEC CHB HHB  sing N N 119 
HEC CHC C4B  doub N N 120 
HEC CHC C1C  sing N N 121 
HEC CHC HHC  sing N N 122 
HEC CHD C4C  doub N N 123 
HEC CHD C1D  sing N N 124 
HEC CHD HHD  sing N N 125 
HEC NA  C1A  sing Y N 126 
HEC NA  C4A  sing Y N 127 
HEC C1A C2A  sing Y N 128 
HEC C2A C3A  doub Y N 129 
HEC C2A CAA  sing N N 130 
HEC C3A C4A  sing Y N 131 
HEC C3A CMA  sing N N 132 
HEC CMA HMA1 sing N N 133 
HEC CMA HMA2 sing N N 134 
HEC CMA HMA3 sing N N 135 
HEC CAA CBA  sing N N 136 
HEC CAA HAA1 sing N N 137 
HEC CAA HAA2 sing N N 138 
HEC CBA CGA  sing N N 139 
HEC CBA HBA1 sing N N 140 
HEC CBA HBA2 sing N N 141 
HEC CGA O1A  doub N N 142 
HEC CGA O2A  sing N N 143 
HEC O2A H2A  sing N N 144 
HEC NB  C1B  sing Y N 145 
HEC NB  C4B  sing Y N 146 
HEC C1B C2B  doub Y N 147 
HEC C2B C3B  sing Y N 148 
HEC C2B CMB  sing N N 149 
HEC C3B C4B  sing Y N 150 
HEC C3B CAB  doub N E 151 
HEC CMB HMB1 sing N N 152 
HEC CMB HMB2 sing N N 153 
HEC CMB HMB3 sing N N 154 
HEC CAB CBB  sing N N 155 
HEC CAB HAB  sing N N 156 
HEC CBB HBB1 sing N N 157 
HEC CBB HBB2 sing N N 158 
HEC CBB HBB3 sing N N 159 
HEC NC  C1C  sing Y N 160 
HEC NC  C4C  sing Y N 161 
HEC C1C C2C  doub Y N 162 
HEC C2C C3C  sing Y N 163 
HEC C2C CMC  sing N N 164 
HEC C3C C4C  sing Y N 165 
HEC C3C CAC  doub N E 166 
HEC CMC HMC1 sing N N 167 
HEC CMC HMC2 sing N N 168 
HEC CMC HMC3 sing N N 169 
HEC CAC CBC  sing N N 170 
HEC CAC HAC  sing N N 171 
HEC CBC HBC1 sing N N 172 
HEC CBC HBC2 sing N N 173 
HEC CBC HBC3 sing N N 174 
HEC ND  C1D  sing Y N 175 
HEC ND  C4D  sing Y N 176 
HEC C1D C2D  doub Y N 177 
HEC C2D C3D  sing Y N 178 
HEC C2D CMD  sing N N 179 
HEC C3D C4D  doub Y N 180 
HEC C3D CAD  sing N N 181 
HEC CMD HMD1 sing N N 182 
HEC CMD HMD2 sing N N 183 
HEC CMD HMD3 sing N N 184 
HEC CAD CBD  sing N N 185 
HEC CAD HAD1 sing N N 186 
HEC CAD HAD2 sing N N 187 
HEC CBD CGD  sing N N 188 
HEC CBD HBD1 sing N N 189 
HEC CBD HBD2 sing N N 190 
HEC CGD O1D  doub N N 191 
HEC CGD O2D  sing N N 192 
HEC O2D H2D  sing N N 193 
HIS N   CA   sing N N 194 
HIS N   H    sing N N 195 
HIS N   H2   sing N N 196 
HIS CA  C    sing N N 197 
HIS CA  CB   sing N N 198 
HIS CA  HA   sing N N 199 
HIS C   O    doub N N 200 
HIS C   OXT  sing N N 201 
HIS CB  CG   sing N N 202 
HIS CB  HB2  sing N N 203 
HIS CB  HB3  sing N N 204 
HIS CG  ND1  sing Y N 205 
HIS CG  CD2  doub Y N 206 
HIS ND1 CE1  doub Y N 207 
HIS ND1 HD1  sing N N 208 
HIS CD2 NE2  sing Y N 209 
HIS CD2 HD2  sing N N 210 
HIS CE1 NE2  sing Y N 211 
HIS CE1 HE1  sing N N 212 
HIS NE2 HE2  sing N N 213 
HIS OXT HXT  sing N N 214 
HOH O   H1   sing N N 215 
HOH O   H2   sing N N 216 
LEU N   CA   sing N N 217 
LEU N   H    sing N N 218 
LEU N   H2   sing N N 219 
LEU CA  C    sing N N 220 
LEU CA  CB   sing N N 221 
LEU CA  HA   sing N N 222 
LEU C   O    doub N N 223 
LEU C   OXT  sing N N 224 
LEU CB  CG   sing N N 225 
LEU CB  HB2  sing N N 226 
LEU CB  HB3  sing N N 227 
LEU CG  CD1  sing N N 228 
LEU CG  CD2  sing N N 229 
LEU CG  HG   sing N N 230 
LEU CD1 HD11 sing N N 231 
LEU CD1 HD12 sing N N 232 
LEU CD1 HD13 sing N N 233 
LEU CD2 HD21 sing N N 234 
LEU CD2 HD22 sing N N 235 
LEU CD2 HD23 sing N N 236 
LEU OXT HXT  sing N N 237 
LYS N   CA   sing N N 238 
LYS N   H    sing N N 239 
LYS N   H2   sing N N 240 
LYS CA  C    sing N N 241 
LYS CA  CB   sing N N 242 
LYS CA  HA   sing N N 243 
LYS C   O    doub N N 244 
LYS C   OXT  sing N N 245 
LYS CB  CG   sing N N 246 
LYS CB  HB2  sing N N 247 
LYS CB  HB3  sing N N 248 
LYS CG  CD   sing N N 249 
LYS CG  HG2  sing N N 250 
LYS CG  HG3  sing N N 251 
LYS CD  CE   sing N N 252 
LYS CD  HD2  sing N N 253 
LYS CD  HD3  sing N N 254 
LYS CE  NZ   sing N N 255 
LYS CE  HE2  sing N N 256 
LYS CE  HE3  sing N N 257 
LYS NZ  HZ1  sing N N 258 
LYS NZ  HZ2  sing N N 259 
LYS NZ  HZ3  sing N N 260 
LYS OXT HXT  sing N N 261 
MET N   CA   sing N N 262 
MET N   H    sing N N 263 
MET N   H2   sing N N 264 
MET CA  C    sing N N 265 
MET CA  CB   sing N N 266 
MET CA  HA   sing N N 267 
MET C   O    doub N N 268 
MET C   OXT  sing N N 269 
MET CB  CG   sing N N 270 
MET CB  HB2  sing N N 271 
MET CB  HB3  sing N N 272 
MET CG  SD   sing N N 273 
MET CG  HG2  sing N N 274 
MET CG  HG3  sing N N 275 
MET SD  CE   sing N N 276 
MET CE  HE1  sing N N 277 
MET CE  HE2  sing N N 278 
MET CE  HE3  sing N N 279 
MET OXT HXT  sing N N 280 
PHE N   CA   sing N N 281 
PHE N   H    sing N N 282 
PHE N   H2   sing N N 283 
PHE CA  C    sing N N 284 
PHE CA  CB   sing N N 285 
PHE CA  HA   sing N N 286 
PHE C   O    doub N N 287 
PHE C   OXT  sing N N 288 
PHE CB  CG   sing N N 289 
PHE CB  HB2  sing N N 290 
PHE CB  HB3  sing N N 291 
PHE CG  CD1  doub Y N 292 
PHE CG  CD2  sing Y N 293 
PHE CD1 CE1  sing Y N 294 
PHE CD1 HD1  sing N N 295 
PHE CD2 CE2  doub Y N 296 
PHE CD2 HD2  sing N N 297 
PHE CE1 CZ   doub Y N 298 
PHE CE1 HE1  sing N N 299 
PHE CE2 CZ   sing Y N 300 
PHE CE2 HE2  sing N N 301 
PHE CZ  HZ   sing N N 302 
PHE OXT HXT  sing N N 303 
PRO N   CA   sing N N 304 
PRO N   CD   sing N N 305 
PRO N   H    sing N N 306 
PRO CA  C    sing N N 307 
PRO CA  CB   sing N N 308 
PRO CA  HA   sing N N 309 
PRO C   O    doub N N 310 
PRO C   OXT  sing N N 311 
PRO CB  CG   sing N N 312 
PRO CB  HB2  sing N N 313 
PRO CB  HB3  sing N N 314 
PRO CG  CD   sing N N 315 
PRO CG  HG2  sing N N 316 
PRO CG  HG3  sing N N 317 
PRO CD  HD2  sing N N 318 
PRO CD  HD3  sing N N 319 
PRO OXT HXT  sing N N 320 
SER N   CA   sing N N 321 
SER N   H    sing N N 322 
SER N   H2   sing N N 323 
SER CA  C    sing N N 324 
SER CA  CB   sing N N 325 
SER CA  HA   sing N N 326 
SER C   O    doub N N 327 
SER C   OXT  sing N N 328 
SER CB  OG   sing N N 329 
SER CB  HB2  sing N N 330 
SER CB  HB3  sing N N 331 
SER OG  HG   sing N N 332 
SER OXT HXT  sing N N 333 
THR N   CA   sing N N 334 
THR N   H    sing N N 335 
THR N   H2   sing N N 336 
THR CA  C    sing N N 337 
THR CA  CB   sing N N 338 
THR CA  HA   sing N N 339 
THR C   O    doub N N 340 
THR C   OXT  sing N N 341 
THR CB  OG1  sing N N 342 
THR CB  CG2  sing N N 343 
THR CB  HB   sing N N 344 
THR OG1 HG1  sing N N 345 
THR CG2 HG21 sing N N 346 
THR CG2 HG22 sing N N 347 
THR CG2 HG23 sing N N 348 
THR OXT HXT  sing N N 349 
TYR N   CA   sing N N 350 
TYR N   H    sing N N 351 
TYR N   H2   sing N N 352 
TYR CA  C    sing N N 353 
TYR CA  CB   sing N N 354 
TYR CA  HA   sing N N 355 
TYR C   O    doub N N 356 
TYR C   OXT  sing N N 357 
TYR CB  CG   sing N N 358 
TYR CB  HB2  sing N N 359 
TYR CB  HB3  sing N N 360 
TYR CG  CD1  doub Y N 361 
TYR CG  CD2  sing Y N 362 
TYR CD1 CE1  sing Y N 363 
TYR CD1 HD1  sing N N 364 
TYR CD2 CE2  doub Y N 365 
TYR CD2 HD2  sing N N 366 
TYR CE1 CZ   doub Y N 367 
TYR CE1 HE1  sing N N 368 
TYR CE2 CZ   sing Y N 369 
TYR CE2 HE2  sing N N 370 
TYR CZ  OH   sing N N 371 
TYR OH  HH   sing N N 372 
TYR OXT HXT  sing N N 373 
VAL N   CA   sing N N 374 
VAL N   H    sing N N 375 
VAL N   H2   sing N N 376 
VAL CA  C    sing N N 377 
VAL CA  CB   sing N N 378 
VAL CA  HA   sing N N 379 
VAL C   O    doub N N 380 
VAL C   OXT  sing N N 381 
VAL CB  CG1  sing N N 382 
VAL CB  CG2  sing N N 383 
VAL CB  HB   sing N N 384 
VAL CG1 HG11 sing N N 385 
VAL CG1 HG12 sing N N 386 
VAL CG1 HG13 sing N N 387 
VAL CG2 HG21 sing N N 388 
VAL CG2 HG22 sing N N 389 
VAL CG2 HG23 sing N N 390 
VAL OXT HXT  sing N N 391 
# 
_atom_sites.entry_id                    1RWJ 
_atom_sites.fract_transf_matrix[1][1]   0.01534592 
_atom_sites.fract_transf_matrix[1][2]   -0.01299580 
_atom_sites.fract_transf_matrix[1][3]   -0.01081047 
_atom_sites.fract_transf_matrix[2][1]   -0.00878461 
_atom_sites.fract_transf_matrix[2][2]   0.00634346 
_atom_sites.fract_transf_matrix[2][3]   -0.02009591 
_atom_sites.fract_transf_matrix[3][1]   0.00511003 
_atom_sites.fract_transf_matrix[3][2]   0.00625090 
_atom_sites.fract_transf_matrix[3][3]   -0.00026061 
_atom_sites.fract_transf_vector[1]      0.404256 
_atom_sites.fract_transf_vector[2]      0.073010 
_atom_sites.fract_transf_vector[3]      0.096232 
# 
loop_
_atom_type.symbol 
C  
FE 
N  
O  
S  
# 
loop_
_atom_site.group_PDB 
_atom_site.id 
_atom_site.type_symbol 
_atom_site.label_atom_id 
_atom_site.label_alt_id 
_atom_site.label_comp_id 
_atom_site.label_asym_id 
_atom_site.label_entity_id 
_atom_site.label_seq_id 
_atom_site.pdbx_PDB_ins_code 
_atom_site.Cartn_x 
_atom_site.Cartn_y 
_atom_site.Cartn_z 
_atom_site.occupancy 
_atom_site.B_iso_or_equiv 
_atom_site.pdbx_formal_charge 
_atom_site.auth_seq_id 
_atom_site.auth_comp_id 
_atom_site.auth_asym_id 
_atom_site.auth_atom_id 
_atom_site.pdbx_PDB_model_num 
ATOM   1   N  N   . LYS A 1 1  ? 17.787  2.632   -1.041  1.00 32.17 ? 1   LYS A N   1 
ATOM   2   C  CA  . LYS A 1 1  ? 18.375  2.546   0.327   1.00 29.96 ? 1   LYS A CA  1 
ATOM   3   C  C   . LYS A 1 1  ? 18.133  3.844   1.090   1.00 27.96 ? 1   LYS A C   1 
ATOM   4   O  O   . LYS A 1 1  ? 17.846  4.879   0.493   1.00 27.46 ? 1   LYS A O   1 
ATOM   5   C  CB  . LYS A 1 1  ? 19.874  2.267   0.231   1.00 31.74 ? 1   LYS A CB  1 
ATOM   6   N  N   . GLY A 1 2  ? 18.246  3.779   2.411   1.00 26.35 ? 2   GLY A N   1 
ATOM   7   C  CA  . GLY A 1 2  ? 18.041  4.959   3.229   1.00 25.08 ? 2   GLY A CA  1 
ATOM   8   C  C   . GLY A 1 2  ? 16.605  5.445   3.221   1.00 24.42 ? 2   GLY A C   1 
ATOM   9   O  O   . GLY A 1 2  ? 15.676  4.681   3.486   1.00 24.13 ? 2   GLY A O   1 
ATOM   10  N  N   . MET A 1 3  ? 16.425  6.725   2.917   1.00 22.87 ? 3   MET A N   1 
ATOM   11  C  CA  . MET A 1 3  ? 15.096  7.322   2.878   1.00 22.18 ? 3   MET A CA  1 
ATOM   12  C  C   . MET A 1 3  ? 14.542  7.405   1.460   1.00 21.47 ? 3   MET A C   1 
ATOM   13  O  O   . MET A 1 3  ? 13.444  7.918   1.246   1.00 21.24 ? 3   MET A O   1 
ATOM   14  C  CB  . MET A 1 3  ? 15.131  8.722   3.494   1.00 21.15 ? 3   MET A CB  1 
ATOM   15  C  CG  . MET A 1 3  ? 15.274  8.727   5.004   1.00 24.68 ? 3   MET A CG  1 
ATOM   16  S  SD  . MET A 1 3  ? 13.893  7.875   5.806   1.00 28.35 ? 3   MET A SD  1 
ATOM   17  C  CE  . MET A 1 3  ? 12.766  9.237   6.071   1.00 28.52 ? 3   MET A CE  1 
ATOM   18  N  N   . THR A 1 4  ? 15.304  6.904   0.495   1.00 21.63 ? 4   THR A N   1 
ATOM   19  C  CA  . THR A 1 4  ? 14.877  6.935   -0.897  1.00 21.82 ? 4   THR A CA  1 
ATOM   20  C  C   . THR A 1 4  ? 13.752  5.939   -1.131  1.00 21.38 ? 4   THR A C   1 
ATOM   21  O  O   . THR A 1 4  ? 13.877  4.763   -0.808  1.00 21.45 ? 4   THR A O   1 
ATOM   22  C  CB  . THR A 1 4  ? 16.031  6.589   -1.847  1.00 24.55 ? 4   THR A CB  1 
ATOM   23  O  OG1 . THR A 1 4  ? 17.112  7.502   -1.635  1.00 25.40 ? 4   THR A OG1 1 
ATOM   24  C  CG2 . THR A 1 4  ? 15.576  6.686   -3.299  1.00 24.62 ? 4   THR A CG2 1 
ATOM   25  N  N   . PRO A 1 5  ? 12.633  6.403   -1.703  1.00 21.66 ? 5   PRO A N   1 
ATOM   26  C  CA  . PRO A 1 5  ? 11.498  5.517   -1.969  1.00 22.09 ? 5   PRO A CA  1 
ATOM   27  C  C   . PRO A 1 5  ? 11.799  4.549   -3.106  1.00 23.10 ? 5   PRO A C   1 
ATOM   28  O  O   . PRO A 1 5  ? 12.176  4.967   -4.202  1.00 22.50 ? 5   PRO A O   1 
ATOM   29  C  CB  . PRO A 1 5  ? 10.383  6.491   -2.325  1.00 21.98 ? 5   PRO A CB  1 
ATOM   30  C  CG  . PRO A 1 5  ? 11.124  7.591   -3.017  1.00 23.06 ? 5   PRO A CG  1 
ATOM   31  C  CD  . PRO A 1 5  ? 12.337  7.781   -2.136  1.00 22.64 ? 5   PRO A CD  1 
ATOM   32  N  N   . PRO A 1 6  ? 11.658  3.241   -2.854  1.00 23.08 ? 6   PRO A N   1 
ATOM   33  C  CA  . PRO A 1 6  ? 11.925  2.257   -3.906  1.00 24.73 ? 6   PRO A CA  1 
ATOM   34  C  C   . PRO A 1 6  ? 10.845  2.386   -4.976  1.00 25.79 ? 6   PRO A C   1 
ATOM   35  O  O   . PRO A 1 6  ? 9.684   2.642   -4.655  1.00 23.48 ? 6   PRO A O   1 
ATOM   36  C  CB  . PRO A 1 6  ? 11.841  0.926   -3.161  1.00 25.67 ? 6   PRO A CB  1 
ATOM   37  C  CG  . PRO A 1 6  ? 12.233  1.290   -1.759  1.00 26.20 ? 6   PRO A CG  1 
ATOM   38  C  CD  . PRO A 1 6  ? 11.488  2.582   -1.549  1.00 23.98 ? 6   PRO A CD  1 
ATOM   39  N  N   . LYS A 1 7  ? 11.216  2.220   -6.242  1.00 24.86 ? 7   LYS A N   1 
ATOM   40  C  CA  . LYS A 1 7  ? 10.236  2.321   -7.314  1.00 25.52 ? 7   LYS A CA  1 
ATOM   41  C  C   . LYS A 1 7  ? 9.055   1.405   -7.012  1.00 26.05 ? 7   LYS A C   1 
ATOM   42  O  O   . LYS A 1 7  ? 7.900   1.772   -7.227  1.00 24.72 ? 7   LYS A O   1 
ATOM   43  C  CB  . LYS A 1 7  ? 10.869  1.948   -8.655  1.00 26.37 ? 7   LYS A CB  1 
ATOM   44  C  CG  . LYS A 1 7  ? 11.938  2.924   -9.116  1.00 27.81 ? 7   LYS A CG  1 
ATOM   45  C  CD  . LYS A 1 7  ? 12.546  2.503   -10.445 1.00 27.48 ? 7   LYS A CD  1 
ATOM   46  C  CE  . LYS A 1 7  ? 13.576  3.514   -10.926 1.00 29.44 ? 7   LYS A CE  1 
ATOM   47  N  NZ  . LYS A 1 7  ? 14.176  3.117   -12.232 0.00 25.48 ? 7   LYS A NZ  1 
ATOM   48  N  N   . THR A 1 8  ? 9.353   0.216   -6.502  1.00 24.61 ? 8   THR A N   1 
ATOM   49  C  CA  . THR A 1 8  ? 8.315   -0.746  -6.153  1.00 27.33 ? 8   THR A CA  1 
ATOM   50  C  C   . THR A 1 8  ? 8.645   -1.438  -4.839  1.00 28.04 ? 8   THR A C   1 
ATOM   51  O  O   . THR A 1 8  ? 9.785   -1.835  -4.604  1.00 29.03 ? 8   THR A O   1 
ATOM   52  C  CB  . THR A 1 8  ? 8.147   -1.829  -7.237  1.00 29.53 ? 8   THR A CB  1 
ATOM   53  O  OG1 . THR A 1 8  ? 7.776   -1.212  -8.475  1.00 30.91 ? 8   THR A OG1 1 
ATOM   54  C  CG2 . THR A 1 8  ? 7.064   -2.824  -6.830  1.00 29.90 ? 8   THR A CG2 1 
ATOM   55  N  N   . VAL A 1 9  ? 7.639   -1.566  -3.981  1.00 25.82 ? 9   VAL A N   1 
ATOM   56  C  CA  . VAL A 1 9  ? 7.798   -2.229  -2.695  1.00 25.53 ? 9   VAL A CA  1 
ATOM   57  C  C   . VAL A 1 9  ? 6.962   -3.498  -2.760  1.00 26.59 ? 9   VAL A C   1 
ATOM   58  O  O   . VAL A 1 9  ? 5.797   -3.461  -3.158  1.00 25.76 ? 9   VAL A O   1 
ATOM   59  C  CB  . VAL A 1 9  ? 7.284   -1.354  -1.531  1.00 26.29 ? 9   VAL A CB  1 
ATOM   60  C  CG1 . VAL A 1 9  ? 7.343   -2.137  -0.225  1.00 25.01 ? 9   VAL A CG1 1 
ATOM   61  C  CG2 . VAL A 1 9  ? 8.117   -0.084  -1.430  1.00 26.75 ? 9   VAL A CG2 1 
ATOM   62  N  N   . ASN A 1 10 ? 7.560   -4.618  -2.375  1.00 25.61 ? 10  ASN A N   1 
ATOM   63  C  CA  . ASN A 1 10 ? 6.859   -5.892  -2.407  1.00 27.57 ? 10  ASN A CA  1 
ATOM   64  C  C   . ASN A 1 10 ? 6.485   -6.374  -1.008  1.00 27.46 ? 10  ASN A C   1 
ATOM   65  O  O   . ASN A 1 10 ? 7.173   -6.074  -0.031  1.00 25.87 ? 10  ASN A O   1 
ATOM   66  C  CB  . ASN A 1 10 ? 7.731   -6.938  -3.106  1.00 31.07 ? 10  ASN A CB  1 
ATOM   67  C  CG  . ASN A 1 10 ? 8.115   -6.527  -4.517  1.00 34.11 ? 10  ASN A CG  1 
ATOM   68  O  OD1 . ASN A 1 10 ? 7.260   -6.397  -5.393  1.00 36.49 ? 10  ASN A OD1 1 
ATOM   69  N  ND2 . ASN A 1 10 ? 9.408   -6.314  -4.741  1.00 37.39 ? 10  ASN A ND2 1 
ATOM   70  N  N   . PHE A 1 11 ? 5.381   -7.111  -0.925  1.00 25.99 ? 11  PHE A N   1 
ATOM   71  C  CA  . PHE A 1 11 ? 4.898   -7.663  0.334   1.00 26.70 ? 11  PHE A CA  1 
ATOM   72  C  C   . PHE A 1 11 ? 4.767   -9.170  0.145   1.00 27.84 ? 11  PHE A C   1 
ATOM   73  O  O   . PHE A 1 11 ? 3.936   -9.627  -0.640  1.00 26.09 ? 11  PHE A O   1 
ATOM   74  C  CB  . PHE A 1 11 ? 3.524   -7.086  0.701   1.00 24.82 ? 11  PHE A CB  1 
ATOM   75  C  CG  . PHE A 1 11 ? 3.480   -5.584  0.757   1.00 24.51 ? 11  PHE A CG  1 
ATOM   76  C  CD1 . PHE A 1 11 ? 3.507   -4.829  -0.409  1.00 23.62 ? 11  PHE A CD1 1 
ATOM   77  C  CD2 . PHE A 1 11 ? 3.377   -4.925  1.978   1.00 24.16 ? 11  PHE A CD2 1 
ATOM   78  C  CE1 . PHE A 1 11 ? 3.428   -3.439  -0.364  1.00 22.94 ? 11  PHE A CE1 1 
ATOM   79  C  CE2 . PHE A 1 11 ? 3.298   -3.532  2.037   1.00 23.18 ? 11  PHE A CE2 1 
ATOM   80  C  CZ  . PHE A 1 11 ? 3.321   -2.792  0.861   1.00 21.75 ? 11  PHE A CZ  1 
ATOM   81  N  N   . LYS A 1 12 ? 5.590   -9.937  0.859   1.00 29.91 ? 12  LYS A N   1 
ATOM   82  C  CA  . LYS A 1 12 ? 5.578   -11.399 0.761   1.00 32.17 ? 12  LYS A CA  1 
ATOM   83  C  C   . LYS A 1 12 ? 4.474   -12.036 1.600   1.00 33.37 ? 12  LYS A C   1 
ATOM   84  O  O   . LYS A 1 12 ? 4.195   -11.596 2.715   1.00 32.16 ? 12  LYS A O   1 
ATOM   85  C  CB  . LYS A 1 12 ? 6.930   -11.966 1.199   1.00 32.76 ? 12  LYS A CB  1 
ATOM   86  C  CG  . LYS A 1 12 ? 8.110   -11.490 0.372   1.00 35.16 ? 12  LYS A CG  1 
ATOM   87  C  CD  . LYS A 1 12 ? 8.064   -11.995 -1.059  0.00 34.90 ? 12  LYS A CD  1 
ATOM   88  C  CE  . LYS A 1 12 ? 9.271   -11.498 -1.839  0.00 35.22 ? 12  LYS A CE  1 
ATOM   89  N  NZ  . LYS A 1 12 ? 9.322   -12.068 -3.212  0.00 35.22 ? 12  LYS A NZ  1 
ATOM   90  N  N   . MET A 1 13 ? 3.858   -13.083 1.060   1.00 35.19 ? 13  MET A N   1 
ATOM   91  C  CA  . MET A 1 13 ? 2.789   -13.788 1.758   1.00 37.55 ? 13  MET A CA  1 
ATOM   92  C  C   . MET A 1 13 ? 2.503   -15.142 1.119   1.00 37.21 ? 13  MET A C   1 
ATOM   93  O  O   . MET A 1 13 ? 2.772   -15.348 -0.064  1.00 37.32 ? 13  MET A O   1 
ATOM   94  C  CB  . MET A 1 13 ? 1.525   -12.937 1.756   1.00 39.73 ? 13  MET A CB  1 
ATOM   95  C  CG  . MET A 1 13 ? 1.152   -12.436 0.382   1.00 43.21 ? 13  MET A CG  1 
ATOM   96  S  SD  . MET A 1 13 ? 0.024   -11.066 0.502   1.00 46.68 ? 13  MET A SD  1 
ATOM   97  C  CE  . MET A 1 13 ? 1.137   -9.776  1.063   1.00 45.07 ? 13  MET A CE  1 
ATOM   98  N  N   . LYS A 1 14 ? 1.952   -16.062 1.907   1.00 38.65 ? 14  LYS A N   1 
ATOM   99  C  CA  . LYS A 1 14 ? 1.650   -17.403 1.414   1.00 37.96 ? 14  LYS A CA  1 
ATOM   100 C  C   . LYS A 1 14 ? 0.254   -17.520 0.815   1.00 36.87 ? 14  LYS A C   1 
ATOM   101 O  O   . LYS A 1 14 ? -0.693  -16.890 1.289   1.00 36.90 ? 14  LYS A O   1 
ATOM   102 C  CB  . LYS A 1 14 ? 1.799   -18.426 2.543   1.00 40.09 ? 14  LYS A CB  1 
ATOM   103 C  CG  . LYS A 1 14 ? 0.779   -18.277 3.662   1.00 41.05 ? 14  LYS A CG  1 
ATOM   104 C  CD  . LYS A 1 14 ? 0.908   -19.406 4.672   1.00 42.34 ? 14  LYS A CD  1 
ATOM   105 C  CE  . LYS A 1 14 ? -0.210  -19.362 5.701   1.00 42.99 ? 14  LYS A CE  1 
ATOM   106 N  NZ  . LYS A 1 14 ? -0.114  -20.489 6.671   1.00 44.36 ? 14  LYS A NZ  1 
ATOM   107 N  N   . GLY A 1 15 ? 0.140   -18.340 -0.227  1.00 35.84 ? 15  GLY A N   1 
ATOM   108 C  CA  . GLY A 1 15 ? -1.138  -18.552 -0.881  1.00 34.95 ? 15  GLY A CA  1 
ATOM   109 C  C   . GLY A 1 15 ? -1.362  -17.662 -2.087  1.00 34.70 ? 15  GLY A C   1 
ATOM   110 O  O   . GLY A 1 15 ? -1.274  -18.110 -3.234  1.00 35.21 ? 15  GLY A O   1 
ATOM   111 N  N   . VAL A 1 16 ? -1.652  -16.394 -1.826  1.00 33.92 ? 16  VAL A N   1 
ATOM   112 C  CA  . VAL A 1 16 ? -1.901  -15.426 -2.884  1.00 32.14 ? 16  VAL A CA  1 
ATOM   113 C  C   . VAL A 1 16 ? -0.582  -14.855 -3.393  1.00 30.35 ? 16  VAL A C   1 
ATOM   114 O  O   . VAL A 1 16 ? 0.436   -14.919 -2.706  1.00 30.70 ? 16  VAL A O   1 
ATOM   115 C  CB  . VAL A 1 16 ? -2.786  -14.268 -2.366  1.00 31.84 ? 16  VAL A CB  1 
ATOM   116 C  CG1 . VAL A 1 16 ? -2.027  -13.460 -1.326  1.00 31.70 ? 16  VAL A CG1 1 
ATOM   117 C  CG2 . VAL A 1 16 ? -3.227  -13.385 -3.518  1.00 31.88 ? 16  VAL A CG2 1 
ATOM   118 N  N   . ALA A 1 17 ? -0.602  -14.308 -4.603  1.00 30.00 ? 17  ALA A N   1 
ATOM   119 C  CA  . ALA A 1 17 ? 0.596   -13.714 -5.183  1.00 30.38 ? 17  ALA A CA  1 
ATOM   120 C  C   . ALA A 1 17 ? 0.988   -12.525 -4.314  1.00 30.48 ? 17  ALA A C   1 
ATOM   121 O  O   . ALA A 1 17 ? 0.123   -11.813 -3.802  1.00 28.81 ? 17  ALA A O   1 
ATOM   122 C  CB  . ALA A 1 17 ? 0.320   -13.254 -6.608  1.00 30.80 ? 17  ALA A CB  1 
ATOM   123 N  N   . ASP A 1 18 ? 2.288   -12.309 -4.143  1.00 30.79 ? 18  ASP A N   1 
ATOM   124 C  CA  . ASP A 1 18 ? 2.751   -11.198 -3.322  1.00 30.34 ? 18  ASP A CA  1 
ATOM   125 C  C   . ASP A 1 18 ? 2.184   -9.877  -3.823  1.00 28.42 ? 18  ASP A C   1 
ATOM   126 O  O   . ASP A 1 18 ? 1.920   -9.713  -5.013  1.00 27.31 ? 18  ASP A O   1 
ATOM   127 C  CB  . ASP A 1 18 ? 4.278   -11.136 -3.321  1.00 32.57 ? 18  ASP A CB  1 
ATOM   128 C  CG  . ASP A 1 18 ? 4.908   -12.438 -2.885  1.00 35.42 ? 18  ASP A CG  1 
ATOM   129 O  OD1 . ASP A 1 18 ? 4.375   -13.076 -1.950  1.00 35.46 ? 18  ASP A OD1 1 
ATOM   130 O  OD2 . ASP A 1 18 ? 5.941   -12.818 -3.474  1.00 39.12 ? 18  ASP A OD2 1 
ATOM   131 N  N   . ALA A 1 19 ? 1.988   -8.939  -2.904  1.00 26.68 ? 19  ALA A N   1 
ATOM   132 C  CA  . ALA A 1 19 ? 1.454   -7.633  -3.261  1.00 25.24 ? 19  ALA A CA  1 
ATOM   133 C  C   . ALA A 1 19 ? 2.578   -6.713  -3.714  1.00 24.27 ? 19  ALA A C   1 
ATOM   134 O  O   . ALA A 1 19 ? 3.753   -6.956  -3.423  1.00 25.01 ? 19  ALA A O   1 
ATOM   135 C  CB  . ALA A 1 19 ? 0.728   -7.023  -2.077  1.00 23.88 ? 19  ALA A CB  1 
ATOM   136 N  N   . ALA A 1 20 ? 2.210   -5.660  -4.434  1.00 22.43 ? 20  ALA A N   1 
ATOM   137 C  CA  . ALA A 1 20 ? 3.183   -4.697  -4.928  1.00 24.34 ? 20  ALA A CA  1 
ATOM   138 C  C   . ALA A 1 20 ? 2.630   -3.282  -4.861  1.00 23.66 ? 20  ALA A C   1 
ATOM   139 O  O   . ALA A 1 20 ? 1.473   -3.034  -5.205  1.00 25.49 ? 20  ALA A O   1 
ATOM   140 C  CB  . ALA A 1 20 ? 3.576   -5.038  -6.362  1.00 22.19 ? 20  ALA A CB  1 
ATOM   141 N  N   . PHE A 1 21 ? 3.471   -2.358  -4.409  1.00 21.72 ? 21  PHE A N   1 
ATOM   142 C  CA  . PHE A 1 21 ? 3.105   -0.955  -4.299  1.00 21.57 ? 21  PHE A CA  1 
ATOM   143 C  C   . PHE A 1 21 ? 4.102   -0.137  -5.103  1.00 20.82 ? 21  PHE A C   1 
ATOM   144 O  O   . PHE A 1 21 ? 5.310   -0.293  -4.937  1.00 21.79 ? 21  PHE A O   1 
ATOM   145 C  CB  . PHE A 1 21 ? 3.153   -0.494  -2.843  1.00 20.41 ? 21  PHE A CB  1 
ATOM   146 C  CG  . PHE A 1 21 ? 3.032   0.996   -2.683  1.00 19.43 ? 21  PHE A CG  1 
ATOM   147 C  CD1 . PHE A 1 21 ? 1.797   1.621   -2.785  1.00 18.53 ? 21  PHE A CD1 1 
ATOM   148 C  CD2 . PHE A 1 21 ? 4.166   1.779   -2.484  1.00 18.99 ? 21  PHE A CD2 1 
ATOM   149 C  CE1 . PHE A 1 21 ? 1.685   3.002   -2.698  1.00 18.77 ? 21  PHE A CE1 1 
ATOM   150 C  CE2 . PHE A 1 21 ? 4.067   3.162   -2.398  1.00 17.81 ? 21  PHE A CE2 1 
ATOM   151 C  CZ  . PHE A 1 21 ? 2.822   3.777   -2.506  1.00 17.17 ? 21  PHE A CZ  1 
ATOM   152 N  N   . SER A 1 22 ? 3.599   0.740   -5.961  1.00 19.53 ? 22  SER A N   1 
ATOM   153 C  CA  . SER A 1 22 ? 4.481   1.566   -6.776  1.00 20.28 ? 22  SER A CA  1 
ATOM   154 C  C   . SER A 1 22 ? 4.602   2.998   -6.274  1.00 18.45 ? 22  SER A C   1 
ATOM   155 O  O   . SER A 1 22 ? 3.627   3.747   -6.274  1.00 16.70 ? 22  SER A O   1 
ATOM   156 C  CB  . SER A 1 22 ? 3.995   1.592   -8.229  1.00 21.26 ? 22  SER A CB  1 
ATOM   157 O  OG  . SER A 1 22 ? 4.741   2.531   -8.992  1.00 21.36 ? 22  SER A OG  1 
ATOM   158 N  N   . HIS A 1 23 ? 5.797   3.378   -5.837  1.00 18.19 ? 23  HIS A N   1 
ATOM   159 C  CA  . HIS A 1 23 ? 6.012   4.748   -5.391  1.00 18.18 ? 23  HIS A CA  1 
ATOM   160 C  C   . HIS A 1 23 ? 5.927   5.639   -6.624  1.00 19.78 ? 23  HIS A C   1 
ATOM   161 O  O   . HIS A 1 23 ? 5.364   6.732   -6.585  1.00 20.08 ? 23  HIS A O   1 
ATOM   162 C  CB  . HIS A 1 23 ? 7.399   4.918   -4.769  1.00 19.39 ? 23  HIS A CB  1 
ATOM   163 C  CG  . HIS A 1 23 ? 7.438   4.690   -3.290  1.00 17.65 ? 23  HIS A CG  1 
ATOM   164 N  ND1 . HIS A 1 23 ? 7.986   3.576   -2.697  1.00 17.56 ? 23  HIS A ND1 1 
ATOM   165 C  CD2 . HIS A 1 23 ? 6.998   5.470   -2.270  1.00 16.68 ? 23  HIS A CD2 1 
ATOM   166 C  CE1 . HIS A 1 23 ? 7.867   3.714   -1.368  1.00 16.75 ? 23  HIS A CE1 1 
ATOM   167 N  NE2 . HIS A 1 23 ? 7.274   4.850   -1.054  1.00 15.05 ? 23  HIS A NE2 1 
ATOM   168 N  N   . GLU A 1 24 ? 6.496   5.156   -7.724  1.00 22.56 ? 24  GLU A N   1 
ATOM   169 C  CA  . GLU A 1 24 ? 6.508   5.906   -8.973  1.00 23.51 ? 24  GLU A CA  1 
ATOM   170 C  C   . GLU A 1 24 ? 5.108   6.371   -9.351  1.00 22.51 ? 24  GLU A C   1 
ATOM   171 O  O   . GLU A 1 24 ? 4.899   7.537   -9.689  1.00 22.84 ? 24  GLU A O   1 
ATOM   172 C  CB  . GLU A 1 24 ? 7.097   5.044   -10.095 1.00 27.35 ? 24  GLU A CB  1 
ATOM   173 C  CG  . GLU A 1 24 ? 7.485   5.833   -11.334 1.00 35.25 ? 24  GLU A CG  1 
ATOM   174 C  CD  . GLU A 1 24 ? 8.266   5.004   -12.336 1.00 37.89 ? 24  GLU A CD  1 
ATOM   175 O  OE1 . GLU A 1 24 ? 9.316   4.436   -11.955 1.00 40.27 ? 24  GLU A OE1 1 
ATOM   176 O  OE2 . GLU A 1 24 ? 7.835   4.924   -13.506 1.00 42.03 ? 24  GLU A OE2 1 
ATOM   177 N  N   . PHE A 1 25 ? 4.143   5.463   -9.283  1.00 21.56 ? 25  PHE A N   1 
ATOM   178 C  CA  . PHE A 1 25 ? 2.779   5.825   -9.621  1.00 21.68 ? 25  PHE A CA  1 
ATOM   179 C  C   . PHE A 1 25 ? 2.178   6.810   -8.630  1.00 19.72 ? 25  PHE A C   1 
ATOM   180 O  O   . PHE A 1 25 ? 1.707   7.880   -9.011  1.00 20.21 ? 25  PHE A O   1 
ATOM   181 C  CB  . PHE A 1 25 ? 1.874   4.594   -9.677  1.00 21.76 ? 25  PHE A CB  1 
ATOM   182 C  CG  . PHE A 1 25 ? 0.461   4.921   -10.064 1.00 23.47 ? 25  PHE A CG  1 
ATOM   183 C  CD1 . PHE A 1 25 ? 0.104   5.036   -11.405 1.00 25.08 ? 25  PHE A CD1 1 
ATOM   184 C  CD2 . PHE A 1 25 ? -0.493  5.201   -9.092  1.00 24.48 ? 25  PHE A CD2 1 
ATOM   185 C  CE1 . PHE A 1 25 ? -1.179  5.429   -11.770 1.00 26.85 ? 25  PHE A CE1 1 
ATOM   186 C  CE2 . PHE A 1 25 ? -1.778  5.598   -9.446  1.00 26.18 ? 25  PHE A CE2 1 
ATOM   187 C  CZ  . PHE A 1 25 ? -2.121  5.713   -10.790 1.00 27.49 ? 25  PHE A CZ  1 
ATOM   188 N  N   . HIS A 1 26 ? 2.194   6.450   -7.350  1.00 18.97 ? 26  HIS A N   1 
ATOM   189 C  CA  . HIS A 1 26 ? 1.599   7.302   -6.329  1.00 18.97 ? 26  HIS A CA  1 
ATOM   190 C  C   . HIS A 1 26 ? 2.256   8.663   -6.136  1.00 18.72 ? 26  HIS A C   1 
ATOM   191 O  O   . HIS A 1 26 ? 1.589   9.623   -5.752  1.00 19.98 ? 26  HIS A O   1 
ATOM   192 C  CB  . HIS A 1 26 ? 1.534   6.553   -4.989  1.00 17.35 ? 26  HIS A CB  1 
ATOM   193 C  CG  . HIS A 1 26 ? 0.593   5.389   -4.996  1.00 16.62 ? 26  HIS A CG  1 
ATOM   194 N  ND1 . HIS A 1 26 ? 0.877   4.166   -5.564  1.00 16.67 ? 26  HIS A ND1 1 
ATOM   195 C  CD2 . HIS A 1 26 ? -0.675  5.287   -4.523  1.00 16.58 ? 26  HIS A CD2 1 
ATOM   196 C  CE1 . HIS A 1 26 ? -0.203  3.380   -5.418  1.00 18.33 ? 26  HIS A CE1 1 
ATOM   197 N  NE2 . HIS A 1 26 ? -1.174  4.017   -4.792  1.00 15.97 ? 26  HIS A NE2 1 
ATOM   198 N  N   . LEU A 1 27 ? 3.554   8.760   -6.404  1.00 21.01 ? 27  LEU A N   1 
ATOM   199 C  CA  . LEU A 1 27 ? 4.242   10.035  -6.244  1.00 20.67 ? 27  LEU A CA  1 
ATOM   200 C  C   . LEU A 1 27 ? 3.780   11.048  -7.283  1.00 23.55 ? 27  LEU A C   1 
ATOM   201 O  O   . LEU A 1 27 ? 4.142   12.222  -7.226  1.00 22.92 ? 27  LEU A O   1 
ATOM   202 C  CB  . LEU A 1 27 ? 5.754   9.841   -6.322  1.00 20.38 ? 27  LEU A CB  1 
ATOM   203 C  CG  . LEU A 1 27 ? 6.350   9.241   -5.046  1.00 20.12 ? 27  LEU A CG  1 
ATOM   204 C  CD1 . LEU A 1 27 ? 7.813   8.902   -5.261  1.00 21.71 ? 27  LEU A CD1 1 
ATOM   205 C  CD2 . LEU A 1 27 ? 6.186   10.237  -3.902  1.00 21.33 ? 27  LEU A CD2 1 
ATOM   206 N  N   . GLY A 1 28 ? 2.972   10.587  -8.230  1.00 25.30 ? 28  GLY A N   1 
ATOM   207 C  CA  . GLY A 1 28 ? 2.458   11.484  -9.247  1.00 25.90 ? 28  GLY A CA  1 
ATOM   208 C  C   . GLY A 1 28 ? 1.319   12.317  -8.691  1.00 27.77 ? 28  GLY A C   1 
ATOM   209 O  O   . GLY A 1 28 ? 0.950   13.340  -9.264  1.00 28.89 ? 28  GLY A O   1 
ATOM   210 N  N   . MET A 1 29 ? 0.765   11.887  -7.558  1.00 27.22 ? 29  MET A N   1 
ATOM   211 C  CA  . MET A 1 29 ? -0.350  12.593  -6.936  1.00 27.27 ? 29  MET A CA  1 
ATOM   212 C  C   . MET A 1 29 ? -0.128  12.984  -5.480  1.00 25.45 ? 29  MET A C   1 
ATOM   213 O  O   . MET A 1 29 ? -0.757  13.919  -4.987  1.00 23.48 ? 29  MET A O   1 
ATOM   214 C  CB  . MET A 1 29 ? -1.616  11.735  -6.988  1.00 31.17 ? 29  MET A CB  1 
ATOM   215 C  CG  . MET A 1 29 ? -2.112  11.380  -8.371  1.00 36.10 ? 29  MET A CG  1 
ATOM   216 S  SD  . MET A 1 29 ? -3.574  10.330  -8.248  1.00 42.42 ? 29  MET A SD  1 
ATOM   217 C  CE  . MET A 1 29 ? -2.818  8.746   -7.964  1.00 37.95 ? 29  MET A CE  1 
ATOM   218 N  N   . TYR A 1 30 ? 0.756   12.271  -4.790  1.00 22.90 ? 30  TYR A N   1 
ATOM   219 C  CA  . TYR A 1 30 ? 0.985   12.543  -3.373  1.00 22.11 ? 30  TYR A CA  1 
ATOM   220 C  C   . TYR A 1 30 ? 2.407   12.874  -2.942  1.00 21.70 ? 30  TYR A C   1 
ATOM   221 O  O   . TYR A 1 30 ? 3.377   12.411  -3.539  1.00 23.31 ? 30  TYR A O   1 
ATOM   222 C  CB  . TYR A 1 30 ? 0.518   11.348  -2.534  1.00 20.85 ? 30  TYR A CB  1 
ATOM   223 C  CG  . TYR A 1 30 ? -0.920  10.945  -2.746  1.00 20.20 ? 30  TYR A CG  1 
ATOM   224 C  CD1 . TYR A 1 30 ? -1.251  9.893   -3.596  1.00 20.63 ? 30  TYR A CD1 1 
ATOM   225 C  CD2 . TYR A 1 30 ? -1.950  11.609  -2.086  1.00 20.10 ? 30  TYR A CD2 1 
ATOM   226 C  CE1 . TYR A 1 30 ? -2.577  9.508   -3.781  1.00 21.95 ? 30  TYR A CE1 1 
ATOM   227 C  CE2 . TYR A 1 30 ? -3.277  11.235  -2.265  1.00 20.15 ? 30  TYR A CE2 1 
ATOM   228 C  CZ  . TYR A 1 30 ? -3.583  10.185  -3.110  1.00 21.20 ? 30  TYR A CZ  1 
ATOM   229 O  OH  . TYR A 1 30 ? -4.897  9.808   -3.275  1.00 22.40 ? 30  TYR A OH  1 
ATOM   230 N  N   . LYS A 1 31 ? 2.505   13.669  -1.878  1.00 21.60 ? 31  LYS A N   1 
ATOM   231 C  CA  . LYS A 1 31 ? 3.790   14.035  -1.293  1.00 22.31 ? 31  LYS A CA  1 
ATOM   232 C  C   . LYS A 1 31 ? 4.061   13.003  -0.199  1.00 22.88 ? 31  LYS A C   1 
ATOM   233 O  O   . LYS A 1 31 ? 3.137   12.338  0.269   1.00 20.91 ? 31  LYS A O   1 
ATOM   234 C  CB  . LYS A 1 31 ? 3.735   15.434  -0.673  1.00 25.13 ? 31  LYS A CB  1 
ATOM   235 C  CG  . LYS A 1 31 ? 3.698   16.568  -1.686  1.00 29.01 ? 31  LYS A CG  1 
ATOM   236 C  CD  . LYS A 1 31 ? 3.775   17.920  -0.992  1.00 32.04 ? 31  LYS A CD  1 
ATOM   237 C  CE  . LYS A 1 31 ? 3.853   19.058  -1.997  0.00 32.33 ? 31  LYS A CE  1 
ATOM   238 N  NZ  . LYS A 1 31 ? 3.977   20.383  -1.328  0.00 35.56 ? 31  LYS A NZ  1 
ATOM   239 N  N   . CYS A 1 32 ? 5.319   12.883  0.213   1.00 20.12 ? 32  CYS A N   1 
ATOM   240 C  CA  . CYS A 1 32 ? 5.710   11.912  1.232   1.00 18.07 ? 32  CYS A CA  1 
ATOM   241 C  C   . CYS A 1 32 ? 4.834   11.896  2.482   1.00 20.03 ? 32  CYS A C   1 
ATOM   242 O  O   . CYS A 1 32 ? 4.386   10.834  2.922   1.00 16.61 ? 32  CYS A O   1 
ATOM   243 C  CB  . CYS A 1 32 ? 7.155   12.156  1.669   1.00 19.23 ? 32  CYS A CB  1 
ATOM   244 S  SG  . CYS A 1 32 ? 8.373   12.238  0.326   1.00 18.99 ? 32  CYS A SG  1 
ATOM   245 N  N   . ASN A 1 33 ? 4.597   13.074  3.053   1.00 19.59 ? 33  ASN A N   1 
ATOM   246 C  CA  . ASN A 1 33 ? 3.820   13.182  4.283   1.00 20.72 ? 33  ASN A CA  1 
ATOM   247 C  C   . ASN A 1 33 ? 2.342   12.830  4.185   1.00 20.76 ? 33  ASN A C   1 
ATOM   248 O  O   . ASN A 1 33 ? 1.643   12.815  5.194   1.00 20.25 ? 33  ASN A O   1 
ATOM   249 C  CB  . ASN A 1 33 ? 3.987   14.581  4.891   1.00 22.99 ? 33  ASN A CB  1 
ATOM   250 C  CG  . ASN A 1 33 ? 3.346   15.665  4.058   1.00 25.77 ? 33  ASN A CG  1 
ATOM   251 O  OD1 . ASN A 1 33 ? 2.922   15.433  2.927   1.00 28.04 ? 33  ASN A OD1 1 
ATOM   252 N  ND2 . ASN A 1 33 ? 3.278   16.869  4.616   1.00 28.93 ? 33  ASN A ND2 1 
ATOM   253 N  N   . GLU A 1 34 ? 1.850   12.543  2.987   1.00 19.43 ? 34  GLU A N   1 
ATOM   254 C  CA  . GLU A 1 34 ? 0.449   12.168  2.873   1.00 20.07 ? 34  GLU A CA  1 
ATOM   255 C  C   . GLU A 1 34 ? 0.301   10.692  3.239   1.00 19.93 ? 34  GLU A C   1 
ATOM   256 O  O   . GLU A 1 34 ? -0.810  10.207  3.467   1.00 21.63 ? 34  GLU A O   1 
ATOM   257 C  CB  . GLU A 1 34 ? -0.068  12.445  1.459   1.00 22.89 ? 34  GLU A CB  1 
ATOM   258 C  CG  . GLU A 1 34 ? -0.084  13.936  1.134   1.00 27.39 ? 34  GLU A CG  1 
ATOM   259 C  CD  . GLU A 1 34 ? -0.711  14.256  -0.207  1.00 29.06 ? 34  GLU A CD  1 
ATOM   260 O  OE1 . GLU A 1 34 ? -1.949  14.134  -0.340  1.00 31.81 ? 34  GLU A OE1 1 
ATOM   261 O  OE2 . GLU A 1 34 ? 0.036   14.631  -1.131  1.00 27.74 ? 34  GLU A OE2 1 
ATOM   262 N  N   . CYS A 1 35 ? 1.433   9.993   3.317   1.00 17.97 ? 35  CYS A N   1 
ATOM   263 C  CA  . CYS A 1 35 ? 1.455   8.570   3.666   1.00 17.10 ? 35  CYS A CA  1 
ATOM   264 C  C   . CYS A 1 35 ? 2.389   8.256   4.824   1.00 18.34 ? 35  CYS A C   1 
ATOM   265 O  O   . CYS A 1 35 ? 2.103   7.377   5.636   1.00 17.90 ? 35  CYS A O   1 
ATOM   266 C  CB  . CYS A 1 35 ? 1.892   7.728   2.477   1.00 16.80 ? 35  CYS A CB  1 
ATOM   267 S  SG  . CYS A 1 35 ? 0.691   7.702   1.113   1.00 16.96 ? 35  CYS A SG  1 
ATOM   268 N  N   . HIS A 1 36 ? 3.520   8.952   4.876   1.00 16.74 ? 36  HIS A N   1 
ATOM   269 C  CA  . HIS A 1 36 ? 4.508   8.742   5.932   1.00 17.68 ? 36  HIS A CA  1 
ATOM   270 C  C   . HIS A 1 36 ? 4.468   9.887   6.936   1.00 18.24 ? 36  HIS A C   1 
ATOM   271 O  O   . HIS A 1 36 ? 4.520   11.052  6.546   1.00 19.49 ? 36  HIS A O   1 
ATOM   272 C  CB  . HIS A 1 36 ? 5.916   8.658   5.340   1.00 17.85 ? 36  HIS A CB  1 
ATOM   273 C  CG  . HIS A 1 36 ? 6.123   7.503   4.411   1.00 16.01 ? 36  HIS A CG  1 
ATOM   274 N  ND1 . HIS A 1 36 ? 6.162   6.185   4.808   1.00 16.01 ? 36  HIS A ND1 1 
ATOM   275 C  CD2 . HIS A 1 36 ? 6.325   7.486   3.070   1.00 15.51 ? 36  HIS A CD2 1 
ATOM   276 C  CE1 . HIS A 1 36 ? 6.389   5.436   3.719   1.00 18.13 ? 36  HIS A CE1 1 
ATOM   277 N  NE2 . HIS A 1 36 ? 6.494   6.185   2.638   1.00 14.54 ? 36  HIS A NE2 1 
ATOM   278 N  N   . THR A 1 37 ? 4.405   9.615   8.235   1.00 17.06 ? 37  THR A N   1 
ATOM   279 C  CA  . THR A 1 37 ? 4.364   8.305   8.871   1.00 16.97 ? 37  THR A CA  1 
ATOM   280 C  C   . THR A 1 37 ? 2.953   7.906   9.297   1.00 19.58 ? 37  THR A C   1 
ATOM   281 O  O   . THR A 1 37 ? 2.753   6.831   9.858   1.00 19.22 ? 37  THR A O   1 
ATOM   282 C  CB  . THR A 1 37 ? 5.273   8.281   10.118  1.00 19.92 ? 37  THR A CB  1 
ATOM   283 O  OG1 . THR A 1 37 ? 4.970   9.414   10.941  1.00 18.99 ? 37  THR A OG1 1 
ATOM   284 C  CG2 . THR A 1 37 ? 6.742   8.326   9.717   1.00 21.74 ? 37  THR A CG2 1 
ATOM   285 N  N   . LYS A 1 38 ? 1.975   8.762   9.017   1.00 19.85 ? 38  LYS A N   1 
ATOM   286 C  CA  . LYS A 1 38 ? 0.593   8.493   9.408   1.00 20.87 ? 38  LYS A CA  1 
ATOM   287 C  C   . LYS A 1 38 ? 0.047   7.134   8.960   1.00 19.60 ? 38  LYS A C   1 
ATOM   288 O  O   . LYS A 1 38 ? -0.622  6.442   9.731   1.00 19.15 ? 38  LYS A O   1 
ATOM   289 C  CB  . LYS A 1 38 ? -0.321  9.605   8.883   1.00 24.31 ? 38  LYS A CB  1 
ATOM   290 C  CG  . LYS A 1 38 ? -1.762  9.488   9.339   0.00 24.32 ? 38  LYS A CG  1 
ATOM   291 C  CD  . LYS A 1 38 ? -2.595  10.654  8.845   0.00 25.05 ? 38  LYS A CD  1 
ATOM   292 C  CE  . LYS A 1 38 ? -4.018  10.566  9.370   0.00 25.20 ? 38  LYS A CE  1 
ATOM   293 N  NZ  . LYS A 1 38 ? -4.859  11.709  8.912   0.00 25.23 ? 38  LYS A NZ  1 
ATOM   294 N  N   . LEU A 1 39 ? 0.338   6.749   7.723   1.00 18.12 ? 39  LEU A N   1 
ATOM   295 C  CA  . LEU A 1 39 ? -0.160  5.484   7.194   1.00 18.34 ? 39  LEU A CA  1 
ATOM   296 C  C   . LEU A 1 39 ? 0.878   4.373   7.138   1.00 17.87 ? 39  LEU A C   1 
ATOM   297 O  O   . LEU A 1 39 ? 0.564   3.213   7.406   1.00 16.98 ? 39  LEU A O   1 
ATOM   298 C  CB  . LEU A 1 39 ? -0.732  5.694   5.791   1.00 18.52 ? 39  LEU A CB  1 
ATOM   299 C  CG  . LEU A 1 39 ? -1.817  6.764   5.655   1.00 20.83 ? 39  LEU A CG  1 
ATOM   300 C  CD1 . LEU A 1 39 ? -2.278  6.820   4.203   1.00 21.25 ? 39  LEU A CD1 1 
ATOM   301 C  CD2 . LEU A 1 39 ? -2.989  6.450   6.584   1.00 20.85 ? 39  LEU A CD2 1 
ATOM   302 N  N   . PHE A 1 40 ? 2.108   4.728   6.781   1.00 17.36 ? 40  PHE A N   1 
ATOM   303 C  CA  . PHE A 1 40 ? 3.180   3.745   6.673   1.00 17.34 ? 40  PHE A CA  1 
ATOM   304 C  C   . PHE A 1 40 ? 4.483   4.267   7.245   1.00 16.07 ? 40  PHE A C   1 
ATOM   305 O  O   . PHE A 1 40 ? 4.742   5.465   7.225   1.00 15.22 ? 40  PHE A O   1 
ATOM   306 C  CB  . PHE A 1 40 ? 3.427   3.364   5.207   1.00 16.99 ? 40  PHE A CB  1 
ATOM   307 C  CG  . PHE A 1 40 ? 2.203   2.885   4.483   1.00 16.96 ? 40  PHE A CG  1 
ATOM   308 C  CD1 . PHE A 1 40 ? 1.443   3.765   3.718   1.00 18.30 ? 40  PHE A CD1 1 
ATOM   309 C  CD2 . PHE A 1 40 ? 1.803   1.555   4.572   1.00 17.58 ? 40  PHE A CD2 1 
ATOM   310 C  CE1 . PHE A 1 40 ? 0.296   3.324   3.047   1.00 16.42 ? 40  PHE A CE1 1 
ATOM   311 C  CE2 . PHE A 1 40 ? 0.662   1.107   3.906   1.00 18.77 ? 40  PHE A CE2 1 
ATOM   312 C  CZ  . PHE A 1 40 ? -0.091  1.994   3.143   1.00 19.01 ? 40  PHE A CZ  1 
ATOM   313 N  N   . ALA A 1 41 ? 5.306   3.352   7.742   1.00 18.60 ? 41  ALA A N   1 
ATOM   314 C  CA  . ALA A 1 41 ? 6.601   3.719   8.292   1.00 18.28 ? 41  ALA A CA  1 
ATOM   315 C  C   . ALA A 1 41 ? 7.554   3.925   7.124   1.00 18.33 ? 41  ALA A C   1 
ATOM   316 O  O   . ALA A 1 41 ? 7.277   3.487   6.010   1.00 17.82 ? 41  ALA A O   1 
ATOM   317 C  CB  . ALA A 1 41 ? 7.119   2.607   9.192   1.00 19.08 ? 41  ALA A CB  1 
ATOM   318 N  N   . TYR A 1 42 ? 8.667   4.605   7.377   1.00 18.89 ? 42  TYR A N   1 
ATOM   319 C  CA  . TYR A 1 42 ? 9.671   4.827   6.346   1.00 19.75 ? 42  TYR A CA  1 
ATOM   320 C  C   . TYR A 1 42 ? 10.576  3.596   6.317   1.00 21.86 ? 42  TYR A C   1 
ATOM   321 O  O   . TYR A 1 42 ? 11.771  3.691   6.045   1.00 22.50 ? 42  TYR A O   1 
ATOM   322 C  CB  . TYR A 1 42 ? 10.503  6.072   6.667   1.00 17.69 ? 42  TYR A CB  1 
ATOM   323 C  CG  . TYR A 1 42 ? 9.912   7.380   6.190   1.00 16.91 ? 42  TYR A CG  1 
ATOM   324 C  CD1 . TYR A 1 42 ? 9.588   8.395   7.093   1.00 15.71 ? 42  TYR A CD1 1 
ATOM   325 C  CD2 . TYR A 1 42 ? 9.733   7.631   4.828   1.00 17.92 ? 42  TYR A CD2 1 
ATOM   326 C  CE1 . TYR A 1 42 ? 9.108   9.630   6.651   1.00 17.43 ? 42  TYR A CE1 1 
ATOM   327 C  CE2 . TYR A 1 42 ? 9.256   8.863   4.377   1.00 17.14 ? 42  TYR A CE2 1 
ATOM   328 C  CZ  . TYR A 1 42 ? 8.947   9.855   5.291   1.00 17.65 ? 42  TYR A CZ  1 
ATOM   329 O  OH  . TYR A 1 42 ? 8.482   11.075  4.851   1.00 20.30 ? 42  TYR A OH  1 
ATOM   330 N  N   . LYS A 1 43 ? 9.980   2.444   6.604   1.00 23.90 ? 43  LYS A N   1 
ATOM   331 C  CA  . LYS A 1 43 ? 10.681  1.168   6.640   1.00 26.36 ? 43  LYS A CA  1 
ATOM   332 C  C   . LYS A 1 43 ? 9.692   0.093   6.199   1.00 26.73 ? 43  LYS A C   1 
ATOM   333 O  O   . LYS A 1 43 ? 8.626   -0.057  6.796   1.00 28.14 ? 43  LYS A O   1 
ATOM   334 C  CB  . LYS A 1 43 ? 11.161  0.884   8.068   1.00 27.07 ? 43  LYS A CB  1 
ATOM   335 C  CG  . LYS A 1 43 ? 11.825  -0.470  8.261   1.00 28.40 ? 43  LYS A CG  1 
ATOM   336 C  CD  . LYS A 1 43 ? 13.197  -0.551  7.613   0.00 25.68 ? 43  LYS A CD  1 
ATOM   337 C  CE  . LYS A 1 43 ? 13.825  -1.914  7.872   0.00 25.34 ? 43  LYS A CE  1 
ATOM   338 N  NZ  . LYS A 1 43 ? 15.233  -1.993  7.394   0.00 25.25 ? 43  LYS A NZ  1 
ATOM   339 N  N   . ALA A 1 44 ? 10.040  -0.648  5.154   1.00 25.68 ? 44  ALA A N   1 
ATOM   340 C  CA  . ALA A 1 44 ? 9.159   -1.691  4.641   1.00 26.47 ? 44  ALA A CA  1 
ATOM   341 C  C   . ALA A 1 44 ? 9.038   -2.865  5.608   1.00 27.98 ? 44  ALA A C   1 
ATOM   342 O  O   . ALA A 1 44 ? 10.017  -3.266  6.235   1.00 27.60 ? 44  ALA A O   1 
ATOM   343 C  CB  . ALA A 1 44 ? 9.669   -2.178  3.291   1.00 25.48 ? 44  ALA A CB  1 
ATOM   344 N  N   . GLY A 1 45 ? 7.827   -3.406  5.722   1.00 28.48 ? 45  GLY A N   1 
ATOM   345 C  CA  . GLY A 1 45 ? 7.587   -4.543  6.593   1.00 29.01 ? 45  GLY A CA  1 
ATOM   346 C  C   . GLY A 1 45 ? 7.678   -4.301  8.088   1.00 29.54 ? 45  GLY A C   1 
ATOM   347 O  O   . GLY A 1 45 ? 7.682   -5.256  8.866   1.00 28.67 ? 45  GLY A O   1 
ATOM   348 N  N   . ALA A 1 46 ? 7.743   -3.040  8.504   1.00 28.61 ? 46  ALA A N   1 
ATOM   349 C  CA  . ALA A 1 46 ? 7.840   -2.716  9.926   1.00 28.71 ? 46  ALA A CA  1 
ATOM   350 C  C   . ALA A 1 46 ? 6.551   -3.057  10.673  1.00 29.23 ? 46  ALA A C   1 
ATOM   351 O  O   . ALA A 1 46 ? 6.582   -3.550  11.803  1.00 28.08 ? 46  ALA A O   1 
ATOM   352 C  CB  . ALA A 1 46 ? 8.169   -1.238  10.102  1.00 28.77 ? 46  ALA A CB  1 
ATOM   353 N  N   . LYS A 1 47 ? 5.419   -2.786  10.035  1.00 27.99 ? 47  LYS A N   1 
ATOM   354 C  CA  . LYS A 1 47 ? 4.107   -3.052  10.614  1.00 29.18 ? 47  LYS A CA  1 
ATOM   355 C  C   . LYS A 1 47 ? 3.265   -3.703  9.520   1.00 29.17 ? 47  LYS A C   1 
ATOM   356 O  O   . LYS A 1 47 ? 3.059   -3.120  8.458   1.00 30.37 ? 47  LYS A O   1 
ATOM   357 C  CB  . LYS A 1 47 ? 3.473   -1.734  11.075  1.00 29.86 ? 47  LYS A CB  1 
ATOM   358 C  CG  . LYS A 1 47 ? 2.049   -1.833  11.601  1.00 31.95 ? 47  LYS A CG  1 
ATOM   359 C  CD  . LYS A 1 47 ? 1.955   -2.552  12.934  1.00 32.08 ? 47  LYS A CD  1 
ATOM   360 C  CE  . LYS A 1 47 ? 0.521   -2.525  13.442  1.00 31.35 ? 47  LYS A CE  1 
ATOM   361 N  NZ  . LYS A 1 47 ? 0.313   -3.353  14.656  1.00 31.50 ? 47  LYS A NZ  1 
ATOM   362 N  N   . ARG A 1 48 ? 2.790   -4.916  9.778   1.00 28.09 ? 48  ARG A N   1 
ATOM   363 C  CA  . ARG A 1 48 ? 1.993   -5.645  8.797   1.00 27.85 ? 48  ARG A CA  1 
ATOM   364 C  C   . ARG A 1 48 ? 0.495   -5.500  9.023   1.00 25.35 ? 48  ARG A C   1 
ATOM   365 O  O   . ARG A 1 48 ? 0.015   -5.665  10.142  1.00 25.02 ? 48  ARG A O   1 
ATOM   366 C  CB  . ARG A 1 48 ? 2.365   -7.127  8.838   1.00 31.09 ? 48  ARG A CB  1 
ATOM   367 C  CG  . ARG A 1 48 ? 3.819   -7.401  8.516   1.00 34.00 ? 48  ARG A CG  1 
ATOM   368 C  CD  . ARG A 1 48 ? 4.063   -7.261  7.034   1.00 36.67 ? 48  ARG A CD  1 
ATOM   369 N  NE  . ARG A 1 48 ? 4.565   -8.506  6.470   1.00 41.81 ? 48  ARG A NE  1 
ATOM   370 C  CZ  . ARG A 1 48 ? 4.510   -8.817  5.180   1.00 42.43 ? 48  ARG A CZ  1 
ATOM   371 N  NH1 . ARG A 1 48 ? 3.968   -7.974  4.314   1.00 43.48 ? 48  ARG A NH1 1 
ATOM   372 N  NH2 . ARG A 1 48 ? 5.016   -9.967  4.754   1.00 43.88 ? 48  ARG A NH2 1 
ATOM   373 N  N   . PHE A 1 49 ? -0.240  -5.188  7.958   1.00 23.19 ? 49  PHE A N   1 
ATOM   374 C  CA  . PHE A 1 49 ? -1.690  -5.062  8.051   1.00 21.98 ? 49  PHE A CA  1 
ATOM   375 C  C   . PHE A 1 49 ? -2.352  -6.108  7.165   1.00 19.81 ? 49  PHE A C   1 
ATOM   376 O  O   . PHE A 1 49 ? -1.745  -6.603  6.216   1.00 20.92 ? 49  PHE A O   1 
ATOM   377 C  CB  . PHE A 1 49 ? -2.154  -3.662  7.631   1.00 22.46 ? 49  PHE A CB  1 
ATOM   378 C  CG  . PHE A 1 49 ? -1.767  -2.583  8.598   1.00 23.14 ? 49  PHE A CG  1 
ATOM   379 C  CD1 . PHE A 1 49 ? -0.612  -1.837  8.405   1.00 24.47 ? 49  PHE A CD1 1 
ATOM   380 C  CD2 . PHE A 1 49 ? -2.548  -2.332  9.721   1.00 24.89 ? 49  PHE A CD2 1 
ATOM   381 C  CE1 . PHE A 1 49 ? -0.239  -0.852  9.317   1.00 26.59 ? 49  PHE A CE1 1 
ATOM   382 C  CE2 . PHE A 1 49 ? -2.182  -1.349  10.641  1.00 26.40 ? 49  PHE A CE2 1 
ATOM   383 C  CZ  . PHE A 1 49 ? -1.025  -0.610  10.438  1.00 24.27 ? 49  PHE A CZ  1 
ATOM   384 N  N   . THR A 1 50 ? -3.600  -6.437  7.481   1.00 20.08 ? 50  THR A N   1 
ATOM   385 C  CA  . THR A 1 50 ? -4.350  -7.439  6.727   1.00 19.85 ? 50  THR A CA  1 
ATOM   386 C  C   . THR A 1 50 ? -5.385  -6.787  5.817   1.00 19.34 ? 50  THR A C   1 
ATOM   387 O  O   . THR A 1 50 ? -5.600  -5.574  5.876   1.00 18.84 ? 50  THR A O   1 
ATOM   388 C  CB  . THR A 1 50 ? -5.098  -8.390  7.676   1.00 21.50 ? 50  THR A CB  1 
ATOM   389 O  OG1 . THR A 1 50 ? -6.074  -7.647  8.418   1.00 19.75 ? 50  THR A OG1 1 
ATOM   390 C  CG2 . THR A 1 50 ? -4.127  -9.051  8.653   1.00 21.45 ? 50  THR A CG2 1 
ATOM   391 N  N   . MET A 1 51 ? -6.028  -7.596  4.976   1.00 18.71 ? 51  MET A N   1 
ATOM   392 C  CA  . MET A 1 51 ? -7.059  -7.073  4.088   1.00 17.88 ? 51  MET A CA  1 
ATOM   393 C  C   . MET A 1 51 ? -8.215  -6.568  4.945   1.00 19.15 ? 51  MET A C   1 
ATOM   394 O  O   . MET A 1 51 ? -8.882  -5.596  4.594   1.00 17.93 ? 51  MET A O   1 
ATOM   395 C  CB  . MET A 1 51 ? -7.556  -8.156  3.125   1.00 19.06 ? 51  MET A CB  1 
ATOM   396 C  CG  . MET A 1 51 ? -6.517  -8.613  2.107   1.00 16.64 ? 51  MET A CG  1 
ATOM   397 S  SD  . MET A 1 51 ? -5.674  -7.248  1.256   1.00 18.25 ? 51  MET A SD  1 
ATOM   398 C  CE  . MET A 1 51 ? -7.082  -6.253  0.749   1.00 20.26 ? 51  MET A CE  1 
ATOM   399 N  N   . ALA A 1 52 ? -8.441  -7.237  6.075   1.00 19.20 ? 52  ALA A N   1 
ATOM   400 C  CA  . ALA A 1 52 ? -9.506  -6.849  6.992   1.00 19.89 ? 52  ALA A CA  1 
ATOM   401 C  C   . ALA A 1 52 ? -9.201  -5.465  7.558   1.00 18.94 ? 52  ALA A C   1 
ATOM   402 O  O   . ALA A 1 52 ? -10.104 -4.644  7.728   1.00 17.35 ? 52  ALA A O   1 
ATOM   403 C  CB  . ALA A 1 52 ? -9.626  -7.868  8.122   1.00 18.60 ? 52  ALA A CB  1 
ATOM   404 N  N   . ASP A 1 53 ? -7.928  -5.211  7.854   1.00 18.70 ? 53  ASP A N   1 
ATOM   405 C  CA  . ASP A 1 53 ? -7.525  -3.909  8.383   1.00 19.14 ? 53  ASP A CA  1 
ATOM   406 C  C   . ASP A 1 53 ? -7.805  -2.836  7.338   1.00 18.09 ? 53  ASP A C   1 
ATOM   407 O  O   . ASP A 1 53 ? -8.245  -1.729  7.661   1.00 16.75 ? 53  ASP A O   1 
ATOM   408 C  CB  . ASP A 1 53 ? -6.033  -3.887  8.724   1.00 18.69 ? 53  ASP A CB  1 
ATOM   409 C  CG  . ASP A 1 53 ? -5.687  -4.756  9.922   1.00 20.57 ? 53  ASP A CG  1 
ATOM   410 O  OD1 . ASP A 1 53 ? -6.512  -4.855  10.853  1.00 21.62 ? 53  ASP A OD1 1 
ATOM   411 O  OD2 . ASP A 1 53 ? -4.576  -5.323  9.934   1.00 20.61 ? 53  ASP A OD2 1 
ATOM   412 N  N   . MET A 1 54 ? -7.535  -3.166  6.080   1.00 16.16 ? 54  MET A N   1 
ATOM   413 C  CA  . MET A 1 54 ? -7.772  -2.225  4.994   1.00 16.97 ? 54  MET A CA  1 
ATOM   414 C  C   . MET A 1 54 ? -9.254  -1.899  4.882   1.00 17.83 ? 54  MET A C   1 
ATOM   415 O  O   . MET A 1 54 ? -9.625  -0.767  4.567   1.00 17.31 ? 54  MET A O   1 
ATOM   416 C  CB  . MET A 1 54 ? -7.246  -2.796  3.680   1.00 18.65 ? 54  MET A CB  1 
ATOM   417 C  CG  . MET A 1 54 ? -5.730  -2.778  3.604   1.00 17.49 ? 54  MET A CG  1 
ATOM   418 S  SD  . MET A 1 54 ? -5.067  -3.544  2.129   1.00 18.18 ? 54  MET A SD  1 
ATOM   419 C  CE  . MET A 1 54 ? -3.539  -4.241  2.801   1.00 16.79 ? 54  MET A CE  1 
ATOM   420 N  N   . ASP A 1 55 ? -10.096 -2.895  5.145   1.00 18.89 ? 55  ASP A N   1 
ATOM   421 C  CA  . ASP A 1 55 ? -11.541 -2.703  5.097   1.00 21.71 ? 55  ASP A CA  1 
ATOM   422 C  C   . ASP A 1 55 ? -11.942 -1.678  6.149   1.00 21.67 ? 55  ASP A C   1 
ATOM   423 O  O   . ASP A 1 55 ? -12.954 -0.997  6.009   1.00 21.71 ? 55  ASP A O   1 
ATOM   424 C  CB  . ASP A 1 55 ? -12.268 -4.025  5.366   1.00 24.21 ? 55  ASP A CB  1 
ATOM   425 C  CG  . ASP A 1 55 ? -12.322 -4.921  4.144   1.00 28.03 ? 55  ASP A CG  1 
ATOM   426 O  OD1 . ASP A 1 55 ? -12.499 -6.146  4.314   1.00 32.37 ? 55  ASP A OD1 1 
ATOM   427 O  OD2 . ASP A 1 55 ? -12.207 -4.401  3.014   1.00 30.98 ? 55  ASP A OD2 1 
ATOM   428 N  N   . LYS A 1 56 ? -11.133 -1.570  7.201   1.00 21.01 ? 56  LYS A N   1 
ATOM   429 C  CA  . LYS A 1 56 ? -11.389 -0.622  8.280   1.00 22.61 ? 56  LYS A CA  1 
ATOM   430 C  C   . LYS A 1 56 ? -10.685 0.721   8.075   1.00 20.92 ? 56  LYS A C   1 
ATOM   431 O  O   . LYS A 1 56 ? -10.646 1.549   8.985   1.00 22.59 ? 56  LYS A O   1 
ATOM   432 C  CB  . LYS A 1 56 ? -10.964 -1.221  9.625   1.00 21.28 ? 56  LYS A CB  1 
ATOM   433 C  CG  . LYS A 1 56 ? -11.779 -2.429  10.049  1.00 26.27 ? 56  LYS A CG  1 
ATOM   434 C  CD  . LYS A 1 56 ? -11.298 -2.975  11.385  1.00 28.98 ? 56  LYS A CD  1 
ATOM   435 C  CE  . LYS A 1 56 ? -12.160 -4.139  11.852  0.00 30.69 ? 56  LYS A CE  1 
ATOM   436 N  NZ  . LYS A 1 56 ? -11.714 -4.664  13.173  0.00 33.22 ? 56  LYS A NZ  1 
ATOM   437 N  N   . GLY A 1 57 ? -10.122 0.932   6.888   1.00 20.02 ? 57  GLY A N   1 
ATOM   438 C  CA  . GLY A 1 57 ? -9.459  2.194   6.602   1.00 18.80 ? 57  GLY A CA  1 
ATOM   439 C  C   . GLY A 1 57 ? -7.976  2.308   6.914   1.00 18.59 ? 57  GLY A C   1 
ATOM   440 O  O   . GLY A 1 57 ? -7.408  3.404   6.870   1.00 17.86 ? 57  GLY A O   1 
ATOM   441 N  N   . LYS A 1 58 ? -7.338  1.185   7.220   1.00 17.53 ? 58  LYS A N   1 
ATOM   442 C  CA  . LYS A 1 58 ? -5.916  1.186   7.535   1.00 17.77 ? 58  LYS A CA  1 
ATOM   443 C  C   . LYS A 1 58 ? -5.114  0.784   6.305   1.00 16.47 ? 58  LYS A C   1 
ATOM   444 O  O   . LYS A 1 58 ? -5.669  0.239   5.351   1.00 15.56 ? 58  LYS A O   1 
ATOM   445 C  CB  . LYS A 1 58 ? -5.638  0.200   8.672   1.00 20.45 ? 58  LYS A CB  1 
ATOM   446 C  CG  . LYS A 1 58 ? -6.490  0.429   9.909   1.00 25.71 ? 58  LYS A CG  1 
ATOM   447 C  CD  . LYS A 1 58 ? -6.345  -0.718  10.892  1.00 31.01 ? 58  LYS A CD  1 
ATOM   448 C  CE  . LYS A 1 58 ? -7.337  -0.592  12.035  1.00 33.44 ? 58  LYS A CE  1 
ATOM   449 N  NZ  . LYS A 1 58 ? -7.264  -1.769  12.948  1.00 35.23 ? 58  LYS A NZ  1 
ATOM   450 N  N   . SER A 1 59 ? -3.811  1.052   6.332   1.00 15.65 ? 59  SER A N   1 
ATOM   451 C  CA  . SER A 1 59 ? -2.924  0.696   5.227   1.00 15.97 ? 59  SER A CA  1 
ATOM   452 C  C   . SER A 1 59 ? -3.475  1.194   3.886   1.00 15.78 ? 59  SER A C   1 
ATOM   453 O  O   . SER A 1 59 ? -3.932  2.331   3.792   1.00 12.71 ? 59  SER A O   1 
ATOM   454 C  CB  . SER A 1 59 ? -2.736  -0.827  5.196   1.00 16.73 ? 59  SER A CB  1 
ATOM   455 O  OG  . SER A 1 59 ? -1.764  -1.219  4.243   1.00 16.67 ? 59  SER A OG  1 
ATOM   456 N  N   . CYS A 1 60 ? -3.436  0.349   2.856   1.00 14.76 ? 60  CYS A N   1 
ATOM   457 C  CA  . CYS A 1 60 ? -3.934  0.747   1.536   1.00 16.25 ? 60  CYS A CA  1 
ATOM   458 C  C   . CYS A 1 60 ? -5.390  1.193   1.602   1.00 16.83 ? 60  CYS A C   1 
ATOM   459 O  O   . CYS A 1 60 ? -5.821  2.055   0.833   1.00 16.05 ? 60  CYS A O   1 
ATOM   460 C  CB  . CYS A 1 60 ? -3.831  -0.410  0.542   1.00 15.68 ? 60  CYS A CB  1 
ATOM   461 S  SG  . CYS A 1 60 ? -2.213  -1.229  0.483   1.00 16.70 ? 60  CYS A SG  1 
ATOM   462 N  N   . GLY A 1 61 ? -6.141  0.589   2.520   1.00 15.81 ? 61  GLY A N   1 
ATOM   463 C  CA  . GLY A 1 61 ? -7.549  0.913   2.673   1.00 17.33 ? 61  GLY A CA  1 
ATOM   464 C  C   . GLY A 1 61 ? -7.851  2.344   3.080   1.00 15.97 ? 61  GLY A C   1 
ATOM   465 O  O   . GLY A 1 61 ? -9.013  2.762   3.067   1.00 15.38 ? 61  GLY A O   1 
ATOM   466 N  N   . ALA A 1 62 ? -6.823  3.097   3.459   1.00 16.20 ? 62  ALA A N   1 
ATOM   467 C  CA  . ALA A 1 62 ? -7.019  4.485   3.852   1.00 17.01 ? 62  ALA A CA  1 
ATOM   468 C  C   . ALA A 1 62 ? -7.506  5.276   2.637   1.00 18.01 ? 62  ALA A C   1 
ATOM   469 O  O   . ALA A 1 62 ? -8.182  6.297   2.777   1.00 19.21 ? 62  ALA A O   1 
ATOM   470 C  CB  . ALA A 1 62 ? -5.719  5.075   4.382   1.00 18.74 ? 62  ALA A CB  1 
ATOM   471 N  N   . CYS A 1 63 ? -7.162  4.787   1.447   1.00 17.35 ? 63  CYS A N   1 
ATOM   472 C  CA  . CYS A 1 63 ? -7.569  5.431   0.196   1.00 18.22 ? 63  CYS A CA  1 
ATOM   473 C  C   . CYS A 1 63 ? -8.330  4.475   -0.718  1.00 18.67 ? 63  CYS A C   1 
ATOM   474 O  O   . CYS A 1 63 ? -9.276  4.874   -1.397  1.00 18.66 ? 63  CYS A O   1 
ATOM   475 C  CB  . CYS A 1 63 ? -6.352  5.953   -0.558  1.00 17.66 ? 63  CYS A CB  1 
ATOM   476 S  SG  . CYS A 1 63 ? -5.336  7.138   0.368   1.00 18.08 ? 63  CYS A SG  1 
ATOM   477 N  N   . HIS A 1 64 ? -7.904  3.216   -0.746  1.00 17.16 ? 64  HIS A N   1 
ATOM   478 C  CA  . HIS A 1 64 ? -8.555  2.209   -1.576  1.00 18.47 ? 64  HIS A CA  1 
ATOM   479 C  C   . HIS A 1 64 ? -9.797  1.724   -0.849  1.00 19.00 ? 64  HIS A C   1 
ATOM   480 O  O   . HIS A 1 64 ? -9.870  0.593   -0.355  1.00 18.55 ? 64  HIS A O   1 
ATOM   481 C  CB  . HIS A 1 64 ? -7.572  1.075   -1.865  1.00 18.15 ? 64  HIS A CB  1 
ATOM   482 C  CG  . HIS A 1 64 ? -6.508  1.459   -2.845  1.00 19.74 ? 64  HIS A CG  1 
ATOM   483 N  ND1 . HIS A 1 64 ? -6.691  1.473   -4.210  1.00 18.64 ? 64  HIS A ND1 1 
ATOM   484 C  CD2 . HIS A 1 64 ? -5.259  1.947   -2.638  1.00 18.62 ? 64  HIS A CD2 1 
ATOM   485 C  CE1 . HIS A 1 64 ? -5.579  1.964   -4.776  1.00 20.60 ? 64  HIS A CE1 1 
ATOM   486 N  NE2 . HIS A 1 64 ? -4.673  2.270   -3.869  1.00 18.43 ? 64  HIS A NE2 1 
ATOM   487 N  N   . ASN A 1 65 ? -10.777 2.621   -0.803  1.00 19.53 ? 65  ASN A N   1 
ATOM   488 C  CA  . ASN A 1 65 ? -12.037 2.402   -0.115  1.00 19.29 ? 65  ASN A CA  1 
ATOM   489 C  C   . ASN A 1 65 ? -13.254 2.481   -1.037  1.00 21.83 ? 65  ASN A C   1 
ATOM   490 O  O   . ASN A 1 65 ? -14.391 2.492   -0.563  1.00 21.95 ? 65  ASN A O   1 
ATOM   491 C  CB  . ASN A 1 65 ? -12.178 3.452   0.984   1.00 20.89 ? 65  ASN A CB  1 
ATOM   492 C  CG  . ASN A 1 65 ? -11.885 4.859   0.476   1.00 20.61 ? 65  ASN A CG  1 
ATOM   493 O  OD1 . ASN A 1 65 ? -12.278 5.223   -0.635  1.00 21.38 ? 65  ASN A OD1 1 
ATOM   494 N  ND2 . ASN A 1 65 ? -11.200 5.652   1.287   1.00 19.76 ? 65  ASN A ND2 1 
ATOM   495 N  N   . GLY A 1 66 ? -13.017 2.552   -2.342  1.00 22.08 ? 66  GLY A N   1 
ATOM   496 C  CA  . GLY A 1 66 ? -14.120 2.636   -3.282  1.00 24.20 ? 66  GLY A CA  1 
ATOM   497 C  C   . GLY A 1 66 ? -14.570 4.058   -3.567  1.00 25.52 ? 66  GLY A C   1 
ATOM   498 O  O   . GLY A 1 66 ? -15.438 4.280   -4.415  1.00 26.70 ? 66  GLY A O   1 
ATOM   499 N  N   . LYS A 1 67 ? -13.994 5.026   -2.863  1.00 23.72 ? 67  LYS A N   1 
ATOM   500 C  CA  . LYS A 1 67 ? -14.355 6.422   -3.082  1.00 26.13 ? 67  LYS A CA  1 
ATOM   501 C  C   . LYS A 1 67 ? -13.161 7.283   -3.473  1.00 24.92 ? 67  LYS A C   1 
ATOM   502 O  O   . LYS A 1 67 ? -13.254 8.098   -4.390  1.00 24.58 ? 67  LYS A O   1 
ATOM   503 C  CB  . LYS A 1 67 ? -15.044 6.997   -1.846  1.00 26.43 ? 67  LYS A CB  1 
ATOM   504 C  CG  . LYS A 1 67 ? -16.416 6.383   -1.597  1.00 30.74 ? 67  LYS A CG  1 
ATOM   505 C  CD  . LYS A 1 67 ? -17.310 7.322   -0.806  1.00 32.17 ? 67  LYS A CD  1 
ATOM   506 C  CE  . LYS A 1 67 ? -18.746 6.814   -0.782  1.00 33.60 ? 67  LYS A CE  1 
ATOM   507 N  NZ  . LYS A 1 67 ? -19.676 7.802   -0.162  1.00 36.53 ? 67  LYS A NZ  1 
ATOM   508 N  N   . ASP A 1 68 ? -12.040 7.101   -2.783  1.00 24.34 ? 68  ASP A N   1 
ATOM   509 C  CA  . ASP A 1 68 ? -10.830 7.860   -3.092  1.00 23.84 ? 68  ASP A CA  1 
ATOM   510 C  C   . ASP A 1 68 ? -10.057 7.138   -4.189  1.00 24.48 ? 68  ASP A C   1 
ATOM   511 O  O   . ASP A 1 68 ? -9.438  7.769   -5.048  1.00 25.28 ? 68  ASP A O   1 
ATOM   512 C  CB  . ASP A 1 68 ? -9.950  7.999   -1.844  1.00 23.42 ? 68  ASP A CB  1 
ATOM   513 C  CG  . ASP A 1 68 ? -10.548 8.932   -0.812  1.00 25.69 ? 68  ASP A CG  1 
ATOM   514 O  OD1 . ASP A 1 68 ? -10.603 10.152  -1.079  1.00 25.10 ? 68  ASP A OD1 1 
ATOM   515 O  OD2 . ASP A 1 68 ? -10.966 8.450   0.264   1.00 25.78 ? 68  ASP A OD2 1 
ATOM   516 N  N   . ALA A 1 69 ? -10.106 5.809   -4.145  1.00 21.66 ? 69  ALA A N   1 
ATOM   517 C  CA  . ALA A 1 69 ? -9.436  4.944   -5.113  1.00 21.79 ? 69  ALA A CA  1 
ATOM   518 C  C   . ALA A 1 69 ? -10.206 3.630   -5.130  1.00 22.07 ? 69  ALA A C   1 
ATOM   519 O  O   . ALA A 1 69 ? -11.059 3.406   -4.267  1.00 23.59 ? 69  ALA A O   1 
ATOM   520 C  CB  . ALA A 1 69 ? -7.987  4.700   -4.697  1.00 21.52 ? 69  ALA A CB  1 
ATOM   521 N  N   . PHE A 1 70 ? -9.908  2.757   -6.088  1.00 21.90 ? 70  PHE A N   1 
ATOM   522 C  CA  . PHE A 1 70 ? -10.622 1.492   -6.171  1.00 21.72 ? 70  PHE A CA  1 
ATOM   523 C  C   . PHE A 1 70 ? -10.532 0.711   -4.866  1.00 23.42 ? 70  PHE A C   1 
ATOM   524 O  O   . PHE A 1 70 ? -9.478  0.654   -4.228  1.00 21.94 ? 70  PHE A O   1 
ATOM   525 C  CB  . PHE A 1 70 ? -10.129 0.654   -7.362  1.00 23.26 ? 70  PHE A CB  1 
ATOM   526 C  CG  . PHE A 1 70 ? -8.711  0.173   -7.243  1.00 23.04 ? 70  PHE A CG  1 
ATOM   527 C  CD1 . PHE A 1 70 ? -8.414  -1.000  -6.557  1.00 23.30 ? 70  PHE A CD1 1 
ATOM   528 C  CD2 . PHE A 1 70 ? -7.674  0.876   -7.846  1.00 23.03 ? 70  PHE A CD2 1 
ATOM   529 C  CE1 . PHE A 1 70 ? -7.104  -1.468  -6.475  1.00 22.07 ? 70  PHE A CE1 1 
ATOM   530 C  CE2 . PHE A 1 70 ? -6.363  0.417   -7.771  1.00 22.81 ? 70  PHE A CE2 1 
ATOM   531 C  CZ  . PHE A 1 70 ? -6.078  -0.759  -7.085  1.00 22.80 ? 70  PHE A CZ  1 
ATOM   532 N  N   . SER A 1 71 ? -11.662 0.129   -4.474  1.00 21.02 ? 71  SER A N   1 
ATOM   533 C  CA  . SER A 1 71 ? -11.770 -0.634  -3.233  1.00 22.38 ? 71  SER A CA  1 
ATOM   534 C  C   . SER A 1 71 ? -10.788 -1.789  -3.092  1.00 22.16 ? 71  SER A C   1 
ATOM   535 O  O   . SER A 1 71 ? -10.504 -2.502  -4.054  1.00 22.00 ? 71  SER A O   1 
ATOM   536 C  CB  . SER A 1 71 ? -13.196 -1.173  -3.082  1.00 22.91 ? 71  SER A CB  1 
ATOM   537 O  OG  . SER A 1 71 ? -13.287 -2.042  -1.967  1.00 24.63 ? 71  SER A OG  1 
ATOM   538 N  N   . SER A 1 72 ? -10.280 -1.980  -1.877  1.00 21.13 ? 72  SER A N   1 
ATOM   539 C  CA  . SER A 1 72 ? -9.343  -3.062  -1.619  1.00 22.04 ? 72  SER A CA  1 
ATOM   540 C  C   . SER A 1 72 ? -10.115 -4.365  -1.448  1.00 23.05 ? 72  SER A C   1 
ATOM   541 O  O   . SER A 1 72 ? -9.520  -5.426  -1.258  1.00 23.70 ? 72  SER A O   1 
ATOM   542 C  CB  . SER A 1 72 ? -8.533  -2.775  -0.352  1.00 22.06 ? 72  SER A CB  1 
ATOM   543 O  OG  . SER A 1 72 ? -9.384  -2.692  0.778   1.00 23.55 ? 72  SER A OG  1 
ATOM   544 N  N   . ALA A 1 73 ? -11.441 -4.280  -1.517  1.00 22.64 ? 73  ALA A N   1 
ATOM   545 C  CA  . ALA A 1 73 ? -12.293 -5.455  -1.361  1.00 24.63 ? 73  ALA A CA  1 
ATOM   546 C  C   . ALA A 1 73 ? -12.455 -6.222  -2.671  1.00 27.49 ? 73  ALA A C   1 
ATOM   547 O  O   . ALA A 1 73 ? -13.057 -7.296  -2.701  1.00 26.38 ? 73  ALA A O   1 
ATOM   548 C  CB  . ALA A 1 73 ? -13.656 -5.039  -0.827  1.00 24.65 ? 73  ALA A CB  1 
ATOM   549 N  N   . SER A 1 74 ? -11.917 -5.662  -3.749  1.00 28.41 ? 74  SER A N   1 
ATOM   550 C  CA  . SER A 1 74 ? -11.994 -6.293  -5.062  1.00 31.01 ? 74  SER A CA  1 
ATOM   551 C  C   . SER A 1 74 ? -10.737 -5.990  -5.870  1.00 32.27 ? 74  SER A C   1 
ATOM   552 O  O   . SER A 1 74 ? -9.812  -5.355  -5.367  1.00 32.72 ? 74  SER A O   1 
ATOM   553 C  CB  . SER A 1 74 ? -13.227 -5.790  -5.816  1.00 32.30 ? 74  SER A CB  1 
ATOM   554 O  OG  . SER A 1 74 ? -14.420 -6.136  -5.133  1.00 37.62 ? 74  SER A OG  1 
ATOM   555 N  N   . ASP A 1 75 ? -10.708 -6.447  -7.119  1.00 32.08 ? 75  ASP A N   1 
ATOM   556 C  CA  . ASP A 1 75 ? -9.561  -6.218  -7.997  1.00 33.55 ? 75  ASP A CA  1 
ATOM   557 C  C   . ASP A 1 75 ? -8.255  -6.704  -7.376  1.00 32.48 ? 75  ASP A C   1 
ATOM   558 O  O   . ASP A 1 75 ? -7.241  -6.007  -7.428  1.00 33.35 ? 75  ASP A O   1 
ATOM   559 C  CB  . ASP A 1 75 ? -9.434  -4.727  -8.329  1.00 36.48 ? 75  ASP A CB  1 
ATOM   560 C  CG  . ASP A 1 75 ? -10.602 -4.205  -9.141  1.00 40.10 ? 75  ASP A CG  1 
ATOM   561 O  OD1 . ASP A 1 75 ? -10.881 -4.776  -10.216 1.00 42.16 ? 75  ASP A OD1 1 
ATOM   562 O  OD2 . ASP A 1 75 ? -11.238 -3.220  -8.707  1.00 42.56 ? 75  ASP A OD2 1 
ATOM   563 N  N   . CYS A 1 76 ? -8.284  -7.901  -6.797  1.00 30.52 ? 76  CYS A N   1 
ATOM   564 C  CA  . CYS A 1 76 ? -7.108  -8.488  -6.160  1.00 29.08 ? 76  CYS A CA  1 
ATOM   565 C  C   . CYS A 1 76 ? -5.871  -8.388  -7.044  1.00 29.88 ? 76  CYS A C   1 
ATOM   566 O  O   . CYS A 1 76 ? -4.790  -8.018  -6.583  1.00 28.25 ? 76  CYS A O   1 
ATOM   567 C  CB  . CYS A 1 76 ? -7.351  -9.965  -5.849  1.00 29.02 ? 76  CYS A CB  1 
ATOM   568 S  SG  . CYS A 1 76 ? -8.917  -10.333 -5.002  1.00 26.32 ? 76  CYS A SG  1 
ATOM   569 N  N   . GLY A 1 77 ? -6.047  -8.732  -8.316  1.00 29.01 ? 77  GLY A N   1 
ATOM   570 C  CA  . GLY A 1 77 ? -4.950  -8.710  -9.265  1.00 29.80 ? 77  GLY A CA  1 
ATOM   571 C  C   . GLY A 1 77 ? -4.224  -7.389  -9.431  1.00 29.22 ? 77  GLY A C   1 
ATOM   572 O  O   . GLY A 1 77 ? -3.047  -7.378  -9.784  1.00 29.84 ? 77  GLY A O   1 
ATOM   573 N  N   . LYS A 1 78 ? -4.908  -6.277  -9.190  1.00 29.47 ? 78  LYS A N   1 
ATOM   574 C  CA  . LYS A 1 78 ? -4.271  -4.975  -9.336  1.00 29.35 ? 78  LYS A CA  1 
ATOM   575 C  C   . LYS A 1 78 ? -3.114  -4.782  -8.362  1.00 28.45 ? 78  LYS A C   1 
ATOM   576 O  O   . LYS A 1 78 ? -2.093  -4.192  -8.714  1.00 27.02 ? 78  LYS A O   1 
ATOM   577 C  CB  . LYS A 1 78 ? -5.287  -3.846  -9.142  1.00 31.15 ? 78  LYS A CB  1 
ATOM   578 C  CG  . LYS A 1 78 ? -6.270  -3.673  -10.289 1.00 33.38 ? 78  LYS A CG  1 
ATOM   579 C  CD  . LYS A 1 78 ? -7.115  -2.424  -10.083 1.00 36.02 ? 78  LYS A CD  1 
ATOM   580 C  CE  . LYS A 1 78 ? -8.091  -2.205  -11.229 1.00 38.54 ? 78  LYS A CE  1 
ATOM   581 N  NZ  . LYS A 1 78 ? -8.887  -0.957  -11.042 1.00 39.53 ? 78  LYS A NZ  1 
ATOM   582 N  N   . CYS A 1 79 ? -3.270  -5.284  -7.142  1.00 26.66 ? 79  CYS A N   1 
ATOM   583 C  CA  . CYS A 1 79 ? -2.227  -5.143  -6.130  1.00 26.06 ? 79  CYS A CA  1 
ATOM   584 C  C   . CYS A 1 79 ? -1.426  -6.426  -5.927  1.00 26.52 ? 79  CYS A C   1 
ATOM   585 O  O   . CYS A 1 79 ? -0.316  -6.396  -5.395  1.00 25.47 ? 79  CYS A O   1 
ATOM   586 C  CB  . CYS A 1 79 ? -2.841  -4.713  -4.802  1.00 24.87 ? 79  CYS A CB  1 
ATOM   587 S  SG  . CYS A 1 79 ? -3.811  -3.171  -4.864  1.00 22.83 ? 79  CYS A SG  1 
ATOM   588 N  N   . HIS A 1 80 ? -2.002  -7.550  -6.342  1.00 25.62 ? 80  HIS A N   1 
ATOM   589 C  CA  . HIS A 1 80 ? -1.360  -8.857  -6.231  1.00 26.59 ? 80  HIS A CA  1 
ATOM   590 C  C   . HIS A 1 80 ? -1.169  -9.367  -7.662  1.00 28.65 ? 80  HIS A C   1 
ATOM   591 O  O   . HIS A 1 80 ? -1.833  -10.314 -8.083  1.00 26.60 ? 80  HIS A O   1 
ATOM   592 C  CB  . HIS A 1 80 ? -2.266  -9.832  -5.468  1.00 24.04 ? 80  HIS A CB  1 
ATOM   593 C  CG  . HIS A 1 80 ? -2.499  -9.469  -4.033  1.00 22.22 ? 80  HIS A CG  1 
ATOM   594 N  ND1 . HIS A 1 80 ? -1.690  -9.870  -2.994  1.00 18.81 ? 80  HIS A ND1 1 
ATOM   595 C  CD2 . HIS A 1 80 ? -3.504  -8.759  -3.460  1.00 21.84 ? 80  HIS A CD2 1 
ATOM   596 C  CE1 . HIS A 1 80 ? -2.221  -9.409  -1.849  1.00 20.44 ? 80  HIS A CE1 1 
ATOM   597 N  NE2 . HIS A 1 80 ? -3.325  -8.726  -2.075  1.00 19.27 ? 80  HIS A NE2 1 
ATOM   598 N  N   . PRO A 1 81 ? -0.251  -8.750  -8.425  1.00 30.76 ? 81  PRO A N   1 
ATOM   599 C  CA  . PRO A 1 81 ? -0.011  -9.168  -9.811  1.00 32.18 ? 81  PRO A CA  1 
ATOM   600 C  C   . PRO A 1 81 ? 0.579   -10.566 -9.972  1.00 33.30 ? 81  PRO A C   1 
ATOM   601 O  O   . PRO A 1 81 ? 1.193   -11.073 -9.011  1.00 34.62 ? 81  PRO A O   1 
ATOM   602 C  CB  . PRO A 1 81 ? 0.922   -8.081  -10.333 1.00 32.48 ? 81  PRO A CB  1 
ATOM   603 C  CG  . PRO A 1 81 ? 1.733   -7.747  -9.118  1.00 33.27 ? 81  PRO A CG  1 
ATOM   604 C  CD  . PRO A 1 81 ? 0.679   -7.676  -8.031  1.00 31.38 ? 81  PRO A CD  1 
HETATM 605 FE FE  . HEC B 2 .  ? 6.926   5.559   0.804   1.00 16.58 ? 90  HEC A FE  1 
HETATM 606 C  CHA . HEC B 2 .  ? 7.909   2.472   2.009   1.00 15.06 ? 90  HEC A CHA 1 
HETATM 607 C  CHB . HEC B 2 .  ? 10.090  6.788   1.362   1.00 15.51 ? 90  HEC A CHB 1 
HETATM 608 C  CHC . HEC B 2 .  ? 5.998   8.597   -0.505  1.00 15.31 ? 90  HEC A CHC 1 
HETATM 609 C  CHD . HEC B 2 .  ? 3.680   4.517   0.747   1.00 15.36 ? 90  HEC A CHD 1 
HETATM 610 N  NA  . HEC B 2 .  ? 8.633   4.785   1.482   1.00 15.47 ? 90  HEC A NA  1 
HETATM 611 C  C1A . HEC B 2 .  ? 8.871   3.489   1.937   1.00 16.20 ? 90  HEC A C1A 1 
HETATM 612 C  C2A . HEC B 2 .  ? 10.251  3.364   2.410   1.00 16.56 ? 90  HEC A C2A 1 
HETATM 613 C  C3A . HEC B 2 .  ? 10.847  4.571   2.226   1.00 16.07 ? 90  HEC A C3A 1 
HETATM 614 C  C4A . HEC B 2 .  ? 9.845   5.446   1.660   1.00 16.21 ? 90  HEC A C4A 1 
HETATM 615 C  CMA . HEC B 2 .  ? 12.288  4.945   2.594   1.00 17.48 ? 90  HEC A CMA 1 
HETATM 616 C  CAA . HEC B 2 .  ? 10.915  2.130   3.004   1.00 18.75 ? 90  HEC A CAA 1 
HETATM 617 C  CBA . HEC B 2 .  ? 11.491  1.272   1.891   1.00 22.69 ? 90  HEC A CBA 1 
HETATM 618 C  CGA . HEC B 2 .  ? 12.280  0.089   2.414   1.00 24.76 ? 90  HEC A CGA 1 
HETATM 619 O  O1A . HEC B 2 .  ? 12.788  -0.696  1.584   1.00 25.97 ? 90  HEC A O1A 1 
HETATM 620 O  O2A . HEC B 2 .  ? 12.392  -0.056  3.649   1.00 22.86 ? 90  HEC A O2A 1 
HETATM 621 N  NB  . HEC B 2 .  ? 7.855   7.285   0.455   1.00 15.68 ? 90  HEC A NB  1 
HETATM 622 C  C1B . HEC B 2 .  ? 9.157   7.638   0.793   1.00 15.16 ? 90  HEC A C1B 1 
HETATM 623 C  C2B . HEC B 2 .  ? 9.448   9.003   0.440   1.00 15.07 ? 90  HEC A C2B 1 
HETATM 624 C  C3B . HEC B 2 .  ? 8.332   9.495   -0.170  1.00 15.38 ? 90  HEC A C3B 1 
HETATM 625 C  C4B . HEC B 2 .  ? 7.336   8.431   -0.131  1.00 16.29 ? 90  HEC A C4B 1 
HETATM 626 C  CMB . HEC B 2 .  ? 10.710  9.788   0.802   1.00 14.01 ? 90  HEC A CMB 1 
HETATM 627 C  CAB . HEC B 2 .  ? 8.197   10.860  -0.840  1.00 17.68 ? 90  HEC A CAB 1 
HETATM 628 C  CBB . HEC B 2 .  ? 9.134   11.018  -2.040  1.00 17.67 ? 90  HEC A CBB 1 
HETATM 629 N  NC  . HEC B 2 .  ? 5.220   6.380   0.236   1.00 14.97 ? 90  HEC A NC  1 
HETATM 630 C  C1C . HEC B 2 .  ? 5.010   7.628   -0.317  1.00 15.06 ? 90  HEC A C1C 1 
HETATM 631 C  C2C . HEC B 2 .  ? 3.599   7.839   -0.588  1.00 14.68 ? 90  HEC A C2C 1 
HETATM 632 C  C3C . HEC B 2 .  ? 2.951   6.719   -0.184  1.00 15.08 ? 90  HEC A C3C 1 
HETATM 633 C  C4C . HEC B 2 .  ? 3.964   5.810   0.314   1.00 14.59 ? 90  HEC A C4C 1 
HETATM 634 C  CMC . HEC B 2 .  ? 2.961   9.120   -1.138  1.00 17.43 ? 90  HEC A CMC 1 
HETATM 635 C  CAC . HEC B 2 .  ? 1.432   6.524   -0.056  1.00 14.91 ? 90  HEC A CAC 1 
HETATM 636 C  CBC . HEC B 2 .  ? 0.661   6.609   -1.375  1.00 17.10 ? 90  HEC A CBC 1 
HETATM 637 N  ND  . HEC B 2 .  ? 6.020   3.847   1.210   1.00 14.75 ? 90  HEC A ND  1 
HETATM 638 C  C1D . HEC B 2 .  ? 4.655   3.584   1.099   1.00 15.58 ? 90  HEC A C1D 1 
HETATM 639 C  C2D . HEC B 2 .  ? 4.377   2.193   1.380   1.00 15.52 ? 90  HEC A C2D 1 
HETATM 640 C  C3D . HEC B 2 .  ? 5.542   1.616   1.758   1.00 16.05 ? 90  HEC A C3D 1 
HETATM 641 C  C4D . HEC B 2 .  ? 6.571   2.643   1.649   1.00 14.76 ? 90  HEC A C4D 1 
HETATM 642 C  CMD . HEC B 2 .  ? 3.047   1.475   1.195   1.00 13.62 ? 90  HEC A CMD 1 
HETATM 643 C  CAD . HEC B 2 .  ? 5.672   0.168   2.219   1.00 16.49 ? 90  HEC A CAD 1 
HETATM 644 C  CBD . HEC B 2 .  ? 5.433   -0.026  3.712   1.00 20.04 ? 90  HEC A CBD 1 
HETATM 645 C  CGD . HEC B 2 .  ? 5.500   -1.487  4.128   1.00 20.42 ? 90  HEC A CGD 1 
HETATM 646 O  O1D . HEC B 2 .  ? 6.287   -2.237  3.520   1.00 22.02 ? 90  HEC A O1D 1 
HETATM 647 O  O2D . HEC B 2 .  ? 4.780   -1.882  5.069   1.00 21.44 ? 90  HEC A O2D 1 
HETATM 648 FE FE  . HEC C 2 .  ? -2.949  3.171   -4.361  1.00 18.93 ? 91  HEC A FE  1 
HETATM 649 C  CHA . HEC C 2 .  ? -3.898  3.563   -7.644  1.00 20.23 ? 91  HEC A CHA 1 
HETATM 650 C  CHB . HEC C 2 .  ? -1.969  -0.047  -5.033  1.00 18.23 ? 91  HEC A CHB 1 
HETATM 651 C  CHC . HEC C 2 .  ? -1.945  2.821   -1.134  1.00 17.61 ? 91  HEC A CHC 1 
HETATM 652 C  CHD . HEC C 2 .  ? -4.257  6.274   -3.629  1.00 18.43 ? 91  HEC A CHD 1 
HETATM 653 N  NA  . HEC C 2 .  ? -2.893  2.030   -5.978  1.00 18.93 ? 91  HEC A NA  1 
HETATM 654 C  C1A . HEC C 2 .  ? -3.258  2.374   -7.290  1.00 21.66 ? 91  HEC A C1A 1 
HETATM 655 C  C2A . HEC C 2 .  ? -2.960  1.289   -8.209  1.00 21.32 ? 91  HEC A C2A 1 
HETATM 656 C  C3A . HEC C 2 .  ? -2.512  0.259   -7.473  1.00 20.95 ? 91  HEC A C3A 1 
HETATM 657 C  C4A . HEC C 2 .  ? -2.456  0.714   -6.089  1.00 18.57 ? 91  HEC A C4A 1 
HETATM 658 C  CMA . HEC C 2 .  ? -2.146  -1.127  -7.994  1.00 20.74 ? 91  HEC A CMA 1 
HETATM 659 C  CAA . HEC C 2 .  ? -3.080  1.285   -9.731  1.00 26.22 ? 91  HEC A CAA 1 
HETATM 660 C  CBA . HEC C 2 .  ? -1.949  2.014   -10.441 1.00 29.24 ? 91  HEC A CBA 1 
HETATM 661 C  CGA . HEC C 2 .  ? -2.106  1.998   -11.952 1.00 33.08 ? 91  HEC A CGA 1 
HETATM 662 O  O1A . HEC C 2 .  ? -3.157  2.454   -12.447 1.00 35.17 ? 91  HEC A O1A 1 
HETATM 663 O  O2A . HEC C 2 .  ? -1.177  1.528   -12.641 1.00 35.61 ? 91  HEC A O2A 1 
HETATM 664 N  NB  . HEC C 2 .  ? -2.114  1.711   -3.323  1.00 18.64 ? 91  HEC A NB  1 
HETATM 665 C  C1B . HEC C 2 .  ? -1.816  0.422   -3.734  1.00 16.84 ? 91  HEC A C1B 1 
HETATM 666 C  C2B . HEC C 2 .  ? -1.355  -0.387  -2.628  1.00 17.10 ? 91  HEC A C2B 1 
HETATM 667 C  C3B . HEC C 2 .  ? -1.357  0.409   -1.532  1.00 16.36 ? 91  HEC A C3B 1 
HETATM 668 C  C4B . HEC C 2 .  ? -1.785  1.725   -1.972  1.00 17.00 ? 91  HEC A C4B 1 
HETATM 669 C  CMB . HEC C 2 .  ? -0.888  -1.838  -2.708  1.00 17.27 ? 91  HEC A CMB 1 
HETATM 670 C  CAB . HEC C 2 .  ? -1.022  0.009   -0.092  1.00 15.38 ? 91  HEC A CAB 1 
HETATM 671 C  CBB . HEC C 2 .  ? 0.387   -0.524  0.112   1.00 17.77 ? 91  HEC A CBB 1 
HETATM 672 N  NC  . HEC C 2 .  ? -3.037  4.310   -2.773  1.00 16.82 ? 91  HEC A NC  1 
HETATM 673 C  C1C . HEC C 2 .  ? -2.518  4.028   -1.509  1.00 16.69 ? 91  HEC A C1C 1 
HETATM 674 C  C2C . HEC C 2 .  ? -2.763  5.110   -0.590  1.00 18.01 ? 91  HEC A C2C 1 
HETATM 675 C  C3C . HEC C 2 .  ? -3.420  6.074   -1.282  1.00 17.03 ? 91  HEC A C3C 1 
HETATM 676 C  C4C . HEC C 2 .  ? -3.602  5.568   -2.626  1.00 16.91 ? 91  HEC A C4C 1 
HETATM 677 C  CMC . HEC C 2 .  ? -2.429  5.129   0.898   1.00 14.26 ? 91  HEC A CMC 1 
HETATM 678 C  CAC . HEC C 2 .  ? -3.950  7.408   -0.763  1.00 17.27 ? 91  HEC A CAC 1 
HETATM 679 C  CBC . HEC C 2 .  ? -2.932  8.319   -0.090  1.00 17.37 ? 91  HEC A CBC 1 
HETATM 680 N  ND  . HEC C 2 .  ? -3.874  4.601   -5.397  1.00 18.34 ? 91  HEC A ND  1 
HETATM 681 C  C1D . HEC C 2 .  ? -4.392  5.794   -4.927  1.00 18.03 ? 91  HEC A C1D 1 
HETATM 682 C  C2D . HEC C 2 .  ? -5.077  6.531   -5.977  1.00 20.06 ? 91  HEC A C2D 1 
HETATM 683 C  C3D . HEC C 2 .  ? -4.958  5.810   -7.103  1.00 20.49 ? 91  HEC A C3D 1 
HETATM 684 C  C4D . HEC C 2 .  ? -4.198  4.604   -6.763  1.00 20.25 ? 91  HEC A C4D 1 
HETATM 685 C  CMD . HEC C 2 .  ? -5.865  7.829   -5.823  1.00 19.99 ? 91  HEC A CMD 1 
HETATM 686 C  CAD . HEC C 2 .  ? -5.559  6.281   -8.425  1.00 22.43 ? 91  HEC A CAD 1 
HETATM 687 C  CBD . HEC C 2 .  ? -7.072  6.110   -8.576  1.00 24.80 ? 91  HEC A CBD 1 
HETATM 688 C  CGD . HEC C 2 .  ? -7.473  4.662   -8.743  1.00 24.66 ? 91  HEC A CGD 1 
HETATM 689 O  O1D . HEC C 2 .  ? -6.741  3.932   -9.441  1.00 28.59 ? 91  HEC A O1D 1 
HETATM 690 O  O2D . HEC C 2 .  ? -8.520  4.254   -8.196  1.00 23.19 ? 91  HEC A O2D 1 
HETATM 691 FE FE  . HEC D 2 .  ? -4.434  -8.085  -0.529  1.00 18.82 ? 92  HEC A FE  1 
HETATM 692 C  CHA . HEC D 2 .  ? -2.258  -8.664  2.019   1.00 17.61 ? 92  HEC A CHA 1 
HETATM 693 C  CHB . HEC D 2 .  ? -5.488  -11.328 -0.398  1.00 18.00 ? 92  HEC A CHB 1 
HETATM 694 C  CHC . HEC D 2 .  ? -6.960  -7.309  -2.719  1.00 17.54 ? 92  HEC A CHC 1 
HETATM 695 C  CHD . HEC D 2 .  ? -2.963  -5.045  -1.120  1.00 18.29 ? 92  HEC A CHD 1 
HETATM 696 N  NA  . HEC D 2 .  ? -3.999  -9.638  0.593   1.00 18.09 ? 92  HEC A NA  1 
HETATM 697 C  C1A . HEC D 2 .  ? -3.159  -9.671  1.693   1.00 19.39 ? 92  HEC A C1A 1 
HETATM 698 C  C2A . HEC D 2 .  ? -3.173  -10.983 2.318   1.00 19.03 ? 92  HEC A C2A 1 
HETATM 699 C  C3A . HEC D 2 .  ? -3.952  -11.772 1.542   1.00 19.04 ? 92  HEC A C3A 1 
HETATM 700 C  C4A . HEC D 2 .  ? -4.483  -10.941 0.487   1.00 18.18 ? 92  HEC A C4A 1 
HETATM 701 C  CMA . HEC D 2 .  ? -4.217  -13.260 1.775   1.00 19.03 ? 92  HEC A CMA 1 
HETATM 702 C  CAA . HEC D 2 .  ? -2.564  -11.345 3.674   1.00 19.81 ? 92  HEC A CAA 1 
HETATM 703 C  CBA . HEC D 2 .  ? -3.328  -10.730 4.846   1.00 21.07 ? 92  HEC A CBA 1 
HETATM 704 C  CGA . HEC D 2 .  ? -4.777  -11.180 4.889   1.00 21.52 ? 92  HEC A CGA 1 
HETATM 705 O  O1A . HEC D 2 .  ? -5.018  -12.394 5.042   1.00 22.74 ? 92  HEC A O1A 1 
HETATM 706 O  O2A . HEC D 2 .  ? -5.677  -10.323 4.765   1.00 21.27 ? 92  HEC A O2A 1 
HETATM 707 N  NB  . HEC D 2 .  ? -5.931  -9.074  -1.319  1.00 18.20 ? 92  HEC A NB  1 
HETATM 708 C  C1B . HEC D 2 .  ? -6.167  -10.439 -1.244  1.00 19.54 ? 92  HEC A C1B 1 
HETATM 709 C  C2B . HEC D 2 .  ? -7.301  -10.807 -2.064  1.00 19.65 ? 92  HEC A C2B 1 
HETATM 710 C  C3B . HEC D 2 .  ? -7.795  -9.663  -2.608  1.00 20.32 ? 92  HEC A C3B 1 
HETATM 711 C  C4B . HEC D 2 .  ? -6.920  -8.588  -2.172  1.00 19.72 ? 92  HEC A C4B 1 
HETATM 712 C  CMB . HEC D 2 .  ? -7.792  -12.230 -2.318  1.00 19.15 ? 92  HEC A CMB 1 
HETATM 713 C  CAB . HEC D 2 .  ? -9.074  -9.473  -3.420  1.00 22.12 ? 92  HEC A CAB 1 
HETATM 714 C  CBB . HEC D 2 .  ? -10.355 -9.857  -2.694  1.00 21.44 ? 92  HEC A CBB 1 
HETATM 715 N  NC  . HEC D 2 .  ? -4.898  -6.508  -1.628  1.00 17.98 ? 92  HEC A NC  1 
HETATM 716 C  C1C . HEC D 2 .  ? -6.001  -6.327  -2.470  1.00 18.76 ? 92  HEC A C1C 1 
HETATM 717 C  C2C . HEC D 2 .  ? -6.003  -5.015  -3.074  1.00 19.24 ? 92  HEC A C2C 1 
HETATM 718 C  C3C . HEC D 2 .  ? -4.871  -4.385  -2.639  1.00 18.15 ? 92  HEC A C3C 1 
HETATM 719 C  C4C . HEC D 2 .  ? -4.194  -5.310  -1.738  1.00 18.25 ? 92  HEC A C4C 1 
HETATM 720 C  CMC . HEC D 2 .  ? -7.030  -4.478  -4.065  1.00 18.97 ? 92  HEC A CMC 1 
HETATM 721 C  CAC . HEC D 2 .  ? -4.309  -3.041  -3.121  1.00 18.23 ? 92  HEC A CAC 1 
HETATM 722 C  CBC . HEC D 2 .  ? -5.191  -1.817  -2.898  1.00 16.60 ? 92  HEC A CBC 1 
HETATM 723 N  ND  . HEC D 2 .  ? -2.876  -7.137  0.196   1.00 16.55 ? 92  HEC A ND  1 
HETATM 724 C  C1D . HEC D 2 .  ? -2.347  -5.923  -0.227  1.00 18.03 ? 92  HEC A C1D 1 
HETATM 725 C  C2D . HEC D 2 .  ? -1.153  -5.609  0.535   1.00 17.65 ? 92  HEC A C2D 1 
HETATM 726 C  C3D . HEC D 2 .  ? -1.004  -6.578  1.463   1.00 18.06 ? 92  HEC A C3D 1 
HETATM 727 C  C4D . HEC D 2 .  ? -2.078  -7.523  1.257   1.00 17.29 ? 92  HEC A C4D 1 
HETATM 728 C  CMD . HEC D 2 .  ? -0.212  -4.442  0.303   1.00 16.73 ? 92  HEC A CMD 1 
HETATM 729 C  CAD . HEC D 2 .  ? 0.063   -6.671  2.547   1.00 19.25 ? 92  HEC A CAD 1 
HETATM 730 C  CBD . HEC D 2 .  ? -0.051  -5.645  3.662   1.00 20.87 ? 92  HEC A CBD 1 
HETATM 731 C  CGD . HEC D 2 .  ? 1.018   -5.821  4.726   1.00 21.43 ? 92  HEC A CGD 1 
HETATM 732 O  O1D . HEC D 2 .  ? 1.236   -4.869  5.508   1.00 19.92 ? 92  HEC A O1D 1 
HETATM 733 O  O2D . HEC D 2 .  ? 1.633   -6.910  4.786   1.00 19.86 ? 92  HEC A O2D 1 
HETATM 734 O  O   . HOH E 3 .  ? -7.839  -10.207 6.408   1.00 18.37 ? 101 HOH A O   1 
HETATM 735 O  O   . HOH E 3 .  ? 0.422   -2.368  5.129   1.00 26.05 ? 102 HOH A O   1 
HETATM 736 O  O   . HOH E 3 .  ? 0.943   0.391   -6.896  1.00 22.51 ? 103 HOH A O   1 
HETATM 737 O  O   . HOH E 3 .  ? -2.137  2.471   8.083   1.00 16.87 ? 104 HOH A O   1 
HETATM 738 O  O   . HOH E 3 .  ? 7.053   -4.624  2.600   1.00 21.96 ? 105 HOH A O   1 
HETATM 739 O  O   . HOH E 3 .  ? 2.462   -1.349  6.543   1.00 17.94 ? 106 HOH A O   1 
HETATM 740 O  O   . HOH E 3 .  ? 7.068   12.588  6.450   1.00 28.13 ? 107 HOH A O   1 
HETATM 741 O  O   . HOH E 3 .  ? -9.044  2.547   -10.763 1.00 26.92 ? 108 HOH A O   1 
HETATM 742 O  O   . HOH E 3 .  ? 5.988   -0.902  7.362   1.00 24.14 ? 109 HOH A O   1 
HETATM 743 O  O   . HOH E 3 .  ? -10.791 4.768   4.118   1.00 23.01 ? 110 HOH A O   1 
HETATM 744 O  O   . HOH E 3 .  ? -10.046 -5.004  2.016   1.00 21.41 ? 111 HOH A O   1 
HETATM 745 O  O   . HOH E 3 .  ? 21.193  5.445   4.184   1.00 24.93 ? 112 HOH A O   1 
HETATM 746 O  O   . HOH E 3 .  ? 4.126   -4.563  5.497   1.00 24.67 ? 113 HOH A O   1 
HETATM 747 O  O   . HOH E 3 .  ? -13.885 -0.575  0.070   1.00 35.30 ? 114 HOH A O   1 
HETATM 748 O  O   . HOH E 3 .  ? -6.672  11.208  -1.887  1.00 27.85 ? 115 HOH A O   1 
HETATM 749 O  O   . HOH E 3 .  ? -0.355  -8.811  5.289   1.00 25.66 ? 116 HOH A O   1 
HETATM 750 O  O   . HOH E 3 .  ? -22.175 6.409   -0.753  1.00 27.38 ? 117 HOH A O   1 
HETATM 751 O  O   . HOH E 3 .  ? -11.330 0.745   2.946   1.00 32.41 ? 118 HOH A O   1 
HETATM 752 O  O   . HOH E 3 .  ? -17.948 2.817   -3.471  1.00 29.30 ? 119 HOH A O   1 
HETATM 753 O  O   . HOH E 3 .  ? -8.862  5.846   6.756   1.00 37.62 ? 120 HOH A O   1 
HETATM 754 O  O   . HOH E 3 .  ? 5.116   13.711  -5.086  1.00 38.49 ? 121 HOH A O   1 
HETATM 755 O  O   . HOH E 3 .  ? 10.370  -4.632  -1.292  1.00 32.12 ? 122 HOH A O   1 
HETATM 756 O  O   . HOH E 3 .  ? -14.321 -9.523  -3.743  1.00 44.12 ? 123 HOH A O   1 
HETATM 757 O  O   . HOH E 3 .  ? 6.710   9.458   -10.193 1.00 34.80 ? 124 HOH A O   1 
HETATM 758 O  O   . HOH E 3 .  ? 11.983  -0.920  -6.916  1.00 42.04 ? 125 HOH A O   1 
HETATM 759 O  O   . HOH E 3 .  ? -2.279  7.219   11.764  1.00 29.40 ? 126 HOH A O   1 
HETATM 760 O  O   . HOH E 3 .  ? 4.192   0.841   8.511   1.00 38.99 ? 127 HOH A O   1 
HETATM 761 O  O   . HOH E 3 .  ? 3.290   -6.345  12.067  1.00 27.98 ? 128 HOH A O   1 
HETATM 762 O  O   . HOH E 3 .  ? 2.542   -19.492 -0.836  1.00 39.98 ? 129 HOH A O   1 
HETATM 763 O  O   . HOH E 3 .  ? -7.152  -8.913  10.485  1.00 32.88 ? 130 HOH A O   1 
HETATM 764 O  O   . HOH E 3 .  ? 1.130   -14.797 4.677   1.00 47.69 ? 131 HOH A O   1 
HETATM 765 O  O   . HOH E 3 .  ? 6.647   1.133   -10.115 1.00 35.85 ? 132 HOH A O   1 
HETATM 766 O  O   . HOH E 3 .  ? -16.210 0.454   0.852   1.00 38.69 ? 133 HOH A O   1 
HETATM 767 O  O   . HOH E 3 .  ? -11.094 -8.337  3.926   1.00 29.60 ? 134 HOH A O   1 
HETATM 768 O  O   . HOH E 3 .  ? -14.027 -7.243  2.034   1.00 38.85 ? 135 HOH A O   1 
HETATM 769 O  O   . HOH E 3 .  ? -1.018  -5.191  12.902  1.00 42.04 ? 136 HOH A O   1 
HETATM 770 O  O   . HOH E 3 .  ? -11.633 -1.497  1.386   1.00 45.79 ? 137 HOH A O   1 
HETATM 771 O  O   . HOH E 3 .  ? -0.619  -20.398 -4.771  1.00 47.82 ? 138 HOH A O   1 
HETATM 772 O  O   . HOH E 3 .  ? 0.514   -3.736  -8.180  1.00 38.57 ? 139 HOH A O   1 
HETATM 773 O  O   . HOH E 3 .  ? -12.595 -5.593  8.683   1.00 40.04 ? 140 HOH A O   1 
HETATM 774 O  O   . HOH E 3 .  ? -13.265 -7.496  6.519   1.00 46.44 ? 141 HOH A O   1 
HETATM 775 O  O   . HOH E 3 .  ? 13.953  1.880   -6.906  1.00 33.11 ? 142 HOH A O   1 
HETATM 776 O  O   . HOH E 3 .  ? -11.097 11.995  1.387   1.00 41.64 ? 143 HOH A O   1 
HETATM 777 O  O   . HOH E 3 .  ? 6.054   -6.367  4.253   1.00 27.20 ? 144 HOH A O   1 
HETATM 778 O  O   . HOH E 3 .  ? -8.992  11.203  -3.512  1.00 25.32 ? 145 HOH A O   1 
HETATM 779 O  O   . HOH E 3 .  ? -10.392 -7.776  0.880   1.00 32.59 ? 146 HOH A O   1 
HETATM 780 O  O   . HOH E 3 .  ? 17.245  9.622   -3.036  1.00 36.21 ? 147 HOH A O   1 
HETATM 781 O  O   . HOH E 3 .  ? -3.989  -13.998 6.571   1.00 22.21 ? 148 HOH A O   1 
HETATM 782 O  O   . HOH E 3 .  ? 6.248   15.437  2.150   1.00 27.57 ? 149 HOH A O   1 
HETATM 783 O  O   . HOH E 3 .  ? 1.103   4.417   11.034  1.00 29.49 ? 150 HOH A O   1 
HETATM 784 O  O   . HOH E 3 .  ? 7.029   15.094  -1.388  1.00 32.65 ? 151 HOH A O   1 
HETATM 785 O  O   . HOH E 3 .  ? -3.404  10.981  3.299   1.00 46.70 ? 152 HOH A O   1 
HETATM 786 O  O   . HOH E 3 .  ? 21.069  6.128   1.195   1.00 31.68 ? 153 HOH A O   1 
HETATM 787 O  O   . HOH E 3 .  ? 7.127   -8.752  3.017   1.00 35.51 ? 154 HOH A O   1 
HETATM 788 O  O   . HOH E 3 .  ? 0.046   -11.180 6.631   1.00 33.01 ? 155 HOH A O   1 
HETATM 789 O  O   . HOH E 3 .  ? 2.941   -10.563 -7.233  1.00 41.41 ? 156 HOH A O   1 
HETATM 790 O  O   . HOH E 3 .  ? -13.042 2.281   4.294   1.00 45.11 ? 157 HOH A O   1 
HETATM 791 O  O   . HOH E 3 .  ? 13.771  -2.939  2.549   1.00 43.68 ? 158 HOH A O   1 
HETATM 792 O  O   . HOH E 3 .  ? 6.095   12.012  10.619  1.00 43.24 ? 159 HOH A O   1 
HETATM 793 O  O   . HOH E 3 .  ? -3.453  12.815  1.449   1.00 44.64 ? 160 HOH A O   1 
HETATM 794 O  O   . HOH E 3 .  ? 11.157  -1.894  -0.423  1.00 40.65 ? 161 HOH A O   1 
HETATM 795 O  O   . HOH E 3 .  ? 9.587   15.750  -0.576  1.00 46.52 ? 162 HOH A O   1 
HETATM 796 O  O   . HOH E 3 .  ? -13.007 -10.228 -5.865  1.00 47.35 ? 163 HOH A O   1 
HETATM 797 O  O   . HOH E 3 .  ? 6.906   -7.330  10.750  1.00 45.50 ? 164 HOH A O   1 
HETATM 798 O  O   . HOH E 3 .  ? -14.174 -2.648  2.187   1.00 39.56 ? 165 HOH A O   1 
HETATM 799 O  O   . HOH E 3 .  ? -5.766  -8.457  12.691  1.00 45.01 ? 166 HOH A O   1 
HETATM 800 O  O   . HOH E 3 .  ? -15.210 -1.291  4.473   1.00 45.85 ? 167 HOH A O   1 
HETATM 801 O  O   . HOH E 3 .  ? -12.438 -8.268  -8.947  1.00 46.74 ? 168 HOH A O   1 
HETATM 802 O  O   . HOH E 3 .  ? -9.471  -8.521  11.899  1.00 47.29 ? 169 HOH A O   1 
HETATM 803 O  O   . HOH E 3 .  ? 14.427  3.313   5.628   1.00 42.15 ? 170 HOH A O   1 
HETATM 804 O  O   . HOH E 3 .  ? -8.342  -10.135 -9.797  1.00 45.96 ? 171 HOH A O   1 
HETATM 805 O  O   . HOH E 3 .  ? 5.010   13.323  8.306   1.00 52.20 ? 172 HOH A O   1 
HETATM 806 O  O   . HOH E 3 .  ? 4.842   -8.788  -7.924  1.00 47.25 ? 173 HOH A O   1 
HETATM 807 O  O   . HOH E 3 .  ? 5.453   -8.222  -5.396  1.00 46.12 ? 174 HOH A O   1 
HETATM 808 O  O   . HOH E 3 .  ? 3.474   9.062   -11.615 1.00 48.67 ? 175 HOH A O   1 
HETATM 809 O  O   . HOH E 3 .  ? 0.373   9.306   -11.392 1.00 49.66 ? 176 HOH A O   1 
HETATM 810 O  O   . HOH E 3 .  ? -0.591  -10.392 9.457   1.00 44.28 ? 177 HOH A O   1 
HETATM 811 O  O   . HOH E 3 .  ? -12.150 -2.658  -6.250  1.00 32.51 ? 178 HOH A O   1 
HETATM 812 O  O   . HOH E 3 .  ? -2.965  -15.830 7.917   1.00 36.77 ? 179 HOH A O   1 
HETATM 813 O  O   . HOH E 3 .  ? -1.573  -13.419 6.810   1.00 42.58 ? 180 HOH A O   1 
HETATM 814 O  O   . HOH E 3 .  ? 3.733   3.417   11.302  1.00 48.40 ? 181 HOH A O   1 
HETATM 815 O  O   . HOH E 3 .  ? 15.093  2.919   0.739   1.00 37.98 ? 182 HOH A O   1 
HETATM 816 O  O   . HOH E 3 .  ? 18.732  1.374   3.559   1.00 47.47 ? 183 HOH A O   1 
HETATM 817 O  O   . HOH E 3 .  ? -5.607  5.106   -11.527 1.00 36.83 ? 184 HOH A O   1 
HETATM 818 O  O   . HOH E 3 .  ? -13.511 2.083   6.859   1.00 45.92 ? 185 HOH A O   1 
HETATM 819 O  O   . HOH E 3 .  ? -5.522  9.192   4.500   1.00 45.40 ? 186 HOH A O   1 
HETATM 820 O  O   . HOH E 3 .  ? 9.273   8.391   -9.096  1.00 46.06 ? 187 HOH A O   1 
HETATM 821 O  O   . HOH E 3 .  ? -6.387  -11.072 -11.625 1.00 50.55 ? 188 HOH A O   1 
HETATM 822 O  O   . HOH E 3 .  ? 8.034   -10.620 4.759   1.00 39.25 ? 189 HOH A O   1 
HETATM 823 O  O   . HOH E 3 .  ? 1.762   2.042   10.651  1.00 44.48 ? 190 HOH A O   1 
HETATM 824 O  O   . HOH E 3 .  ? 9.037   -8.242  1.225   1.00 47.39 ? 191 HOH A O   1 
HETATM 825 O  O   . HOH E 3 .  ? -15.780 -2.516  0.141   0.50 40.08 ? 192 HOH A O   1 
HETATM 826 O  O   . HOH E 3 .  ? -14.888 -7.728  -8.075  1.00 48.64 ? 193 HOH A O   1 
HETATM 827 O  O   . HOH E 3 .  ? 17.303  3.521   -4.010  1.00 45.99 ? 194 HOH A O   1 
HETATM 828 O  O   . HOH E 3 .  ? -8.312  -6.882  -10.906 1.00 48.17 ? 195 HOH A O   1 
HETATM 829 O  O   . HOH E 3 .  ? -0.135  16.852  -2.681  1.00 47.75 ? 196 HOH A O   1 
HETATM 830 O  O   . HOH E 3 .  ? -9.426  -11.803 -8.040  1.00 45.01 ? 197 HOH A O   1 
HETATM 831 O  O   . HOH E 3 .  ? -9.351  13.844  1.920   1.00 46.12 ? 198 HOH A O   1 
HETATM 832 O  O   . HOH E 3 .  ? 1.532   -0.998  -9.212  1.00 45.46 ? 199 HOH A O   1 
HETATM 833 O  O   . HOH E 3 .  ? 15.001  0.263   -0.065  1.00 48.87 ? 200 HOH A O   1 
HETATM 834 O  O   . HOH E 3 .  ? 15.801  1.370   -3.641  1.00 42.99 ? 201 HOH A O   1 
HETATM 835 O  O   . HOH E 3 .  ? 15.384  1.861   3.237   1.00 41.56 ? 202 HOH A O   1 
HETATM 836 O  O   . HOH E 3 .  ? 5.380   -15.586 -2.829  1.00 41.67 ? 203 HOH A O   1 
HETATM 837 O  O   . HOH E 3 .  ? -3.172  -6.752  11.699  1.00 41.95 ? 204 HOH A O   1 
HETATM 838 O  O   . HOH E 3 .  ? 3.009   11.854  9.469   1.00 41.39 ? 205 HOH A O   1 
HETATM 839 O  O   . HOH E 3 .  ? -13.637 9.941   1.043   1.00 38.52 ? 206 HOH A O   1 
# 
